data_9HVK
#
_entry.id   9HVK
#
_cell.length_a   1.00
_cell.length_b   1.00
_cell.length_c   1.00
_cell.angle_alpha   90.00
_cell.angle_beta   90.00
_cell.angle_gamma   90.00
#
_symmetry.space_group_name_H-M   'P 1'
#
loop_
_entity.id
_entity.type
_entity.pdbx_description
1 polymer 'Glutamate carboxypeptidase 2'
2 polymer 'Nanobody 7'
3 polymer 'Nanobody 8'
4 branched 2-acetamido-2-deoxy-beta-D-glucopyranose-(1-4)-2-acetamido-2-deoxy-beta-D-glucopyranose
5 branched beta-D-mannopyranose-(1-4)-2-acetamido-2-deoxy-beta-D-glucopyranose-(1-4)-2-acetamido-2-deoxy-beta-D-glucopyranose
6 branched alpha-D-mannopyranose-(1-3)-[alpha-D-mannopyranose-(1-6)]beta-D-mannopyranose-(1-4)-2-acetamido-2-deoxy-beta-D-glucopyranose-(1-4)-2-acetamido-2-deoxy-beta-D-glucopyranose
7 non-polymer 2-acetamido-2-deoxy-beta-D-glucopyranose
8 non-polymer 'ZINC ION'
9 non-polymer 'CALCIUM ION'
10 non-polymer 'CHLORIDE ION'
#
loop_
_entity_poly.entity_id
_entity_poly.type
_entity_poly.pdbx_seq_one_letter_code
_entity_poly.pdbx_strand_id
1 'polypeptide(L)'
;HNMKAFLDELKAENIKKFLYNFTQIPHLAGTEQNFQLAKQIQSQWKEFGLDSVELAHYDVLLSYPNKTHPNYISIINEDG
NEIFNTSLFEPPPPGYENVSDIVPPFSAFSPQGMPEGDLVYVNYARTEDFFKLERDMKINCSGKIVIARYGKVFRGNKVK
NAQLAGAKGVILYSDPADYFAPGVKSYPDGWNLPGGGVQRGNILNLNGAGDPLTPGYPANEYAYRRGIAEAVGLPSIPVH
PIGYYDAQKLLEKMGGSAPPDSSWRGSLKVPYNVGPGFTGNFSTQKVKMHIHSTNEVTRIYNVIGTLRGAVEPDRYVILG
GHRDSWVFGGIDPQSGAAVVHEIVRSFGTLKKEGWRPRRTILFASWDAEEFGLLGSTEWAEENSRLLQERGVAYINADSS
IEGNYTLRVDCTPLMYSLVHNLTKELKSPDEGFEGKSLYESWTKKSPSPEFSGMPRISKLGSGNDFEVFFQRLGIASGRA
RYTKNWETNKFSGYPLYHSVYETYELVEKFYDPMFKYHLTVAQVRGGMVFELANSIVLPFDCRDYAVVLRKYADKIYSIS
MKHPQEMKTYSVSFDSLFSAVKNFTEIASKFSERLQDFDKSNPIVLRMMNDQLMFLERAFIDPLGLPDRPFYRHVIYAPS
SHNKYAGESFPGIYDALFDIESKVDPSKAWGEVKRQIYVAAFTVQAAAETLSEVA
;
A,E
2 'polypeptide(L)'
;QVQLQESGGGSVQAGGSLRLSCTAPGYTDSNYYMSWFRQAPGKEREWVAGVNTGRGSTSYADSVKGRFTISQDNAKNTMF
LQMNSLKPEDTAQYYCAVAACHFCDSLPKTQDEYILWGQGTQVTVS
;
H,Q
3 'polypeptide(L)'
;VQLQESGGGSVQAGGSLRLSCARSGWPYSTYSMNWFRQAPGKEREAVAGISSTMSGIIFAESKAGQFTISQDNAKNTVYL
QMNNLKPEDTAIYYCAARRDYSLSSSSDDFDYWGQGTQVTVS
;
P,M
#
# COMPACT_ATOMS: atom_id res chain seq x y z
N HIS A 1 40.98 8.97 -11.51
CA HIS A 1 41.82 8.43 -12.57
C HIS A 1 41.27 7.10 -13.08
N ASN A 2 41.24 6.10 -12.20
CA ASN A 2 40.72 4.80 -12.58
C ASN A 2 40.40 3.98 -11.33
N MET A 3 40.20 2.68 -11.55
CA MET A 3 39.93 1.75 -10.47
C MET A 3 41.13 1.62 -9.53
N LYS A 4 42.31 1.39 -10.10
CA LYS A 4 43.49 1.07 -9.31
C LYS A 4 43.93 2.26 -8.46
N ALA A 5 43.81 3.48 -9.00
CA ALA A 5 44.22 4.65 -8.25
C ALA A 5 43.42 4.79 -6.97
N PHE A 6 42.10 4.58 -7.04
CA PHE A 6 41.29 4.60 -5.83
C PHE A 6 41.62 3.43 -4.91
N LEU A 7 41.86 2.25 -5.49
CA LEU A 7 42.10 1.08 -4.65
C LEU A 7 43.39 1.21 -3.84
N ASP A 8 44.47 1.69 -4.47
CA ASP A 8 45.75 1.77 -3.77
C ASP A 8 45.77 2.93 -2.79
N GLU A 9 44.98 3.98 -3.06
CA GLU A 9 45.01 5.20 -2.25
C GLU A 9 44.58 4.87 -0.82
N LEU A 10 43.72 3.87 -0.67
CA LEU A 10 43.28 3.44 0.66
C LEU A 10 44.49 3.05 1.51
N LYS A 11 44.54 3.57 2.73
CA LYS A 11 45.68 3.38 3.61
C LYS A 11 45.21 2.78 4.92
N ALA A 12 45.90 1.73 5.37
CA ALA A 12 45.54 1.11 6.65
C ALA A 12 45.86 2.01 7.83
N GLU A 13 46.90 2.84 7.71
CA GLU A 13 47.26 3.74 8.81
C GLU A 13 46.17 4.77 9.06
N ASN A 14 45.55 5.30 8.00
CA ASN A 14 44.47 6.25 8.16
C ASN A 14 43.25 5.62 8.82
N ILE A 15 42.93 4.38 8.44
CA ILE A 15 41.84 3.66 9.10
C ILE A 15 42.17 3.44 10.57
N LYS A 16 43.43 3.10 10.86
CA LYS A 16 43.88 2.95 12.24
C LYS A 16 43.65 4.24 13.03
N LYS A 17 44.07 5.36 12.47
CA LYS A 17 43.92 6.65 13.15
C LYS A 17 42.46 7.01 13.36
N PHE A 18 41.62 6.79 12.34
CA PHE A 18 40.21 7.12 12.47
C PHE A 18 39.51 6.24 13.51
N LEU A 19 39.85 4.95 13.54
CA LEU A 19 39.30 4.08 14.56
C LEU A 19 39.75 4.47 15.95
N TYR A 20 41.01 4.91 16.09
CA TYR A 20 41.47 5.49 17.35
C TYR A 20 40.62 6.71 17.71
N ASN A 21 40.36 7.57 16.72
CA ASN A 21 39.68 8.83 16.97
C ASN A 21 38.25 8.62 17.44
N PHE A 22 37.50 7.75 16.75
CA PHE A 22 36.07 7.65 17.01
C PHE A 22 35.74 6.82 18.25
N THR A 23 36.74 6.23 18.89
CA THR A 23 36.48 5.27 19.96
C THR A 23 36.99 5.71 21.33
N GLN A 24 37.34 6.99 21.51
CA GLN A 24 37.83 7.43 22.81
C GLN A 24 36.67 7.79 23.74
N ILE A 25 35.55 8.21 23.17
CA ILE A 25 34.37 8.58 23.97
C ILE A 25 33.15 7.88 23.39
N PRO A 26 32.13 7.64 24.21
CA PRO A 26 30.88 7.10 23.67
C PRO A 26 30.22 8.09 22.71
N HIS A 27 29.50 7.53 21.74
CA HIS A 27 28.82 8.31 20.71
C HIS A 27 27.39 7.81 20.56
N LEU A 28 26.71 7.63 21.69
CA LEU A 28 25.32 7.16 21.66
C LEU A 28 24.43 8.16 20.93
N ALA A 29 23.48 7.62 20.18
CA ALA A 29 22.62 8.45 19.33
C ALA A 29 21.79 9.40 20.16
N GLY A 30 21.60 10.61 19.63
CA GLY A 30 20.79 11.61 20.30
C GLY A 30 21.45 12.27 21.50
N THR A 31 22.77 12.22 21.58
CA THR A 31 23.52 12.84 22.66
C THR A 31 24.43 13.92 22.11
N GLU A 32 24.89 14.79 23.01
CA GLU A 32 25.77 15.89 22.60
C GLU A 32 27.07 15.38 22.00
N GLN A 33 27.60 14.28 22.51
CA GLN A 33 28.82 13.70 21.94
C GLN A 33 28.59 13.23 20.51
N ASN A 34 27.46 12.58 20.25
CA ASN A 34 27.15 12.15 18.89
C ASN A 34 26.92 13.34 17.97
N PHE A 35 26.29 14.40 18.50
CA PHE A 35 26.12 15.62 17.70
C PHE A 35 27.47 16.23 17.34
N GLN A 36 28.39 16.28 18.29
CA GLN A 36 29.73 16.79 18.01
C GLN A 36 30.45 15.93 16.99
N LEU A 37 30.32 14.60 17.11
CA LEU A 37 30.91 13.72 16.12
C LEU A 37 30.30 13.94 14.74
N ALA A 38 28.99 14.15 14.68
CA ALA A 38 28.35 14.41 13.39
C ALA A 38 28.86 15.70 12.78
N LYS A 39 29.02 16.75 13.59
CA LYS A 39 29.58 17.99 13.08
C LYS A 39 31.01 17.80 12.59
N GLN A 40 31.81 17.03 13.34
CA GLN A 40 33.18 16.77 12.93
C GLN A 40 33.22 16.01 11.60
N ILE A 41 32.35 15.00 11.46
CA ILE A 41 32.30 14.23 10.22
C ILE A 41 31.87 15.12 9.06
N GLN A 42 30.89 15.98 9.30
CA GLN A 42 30.43 16.90 8.25
C GLN A 42 31.57 17.82 7.81
N SER A 43 32.31 18.38 8.76
CA SER A 43 33.39 19.29 8.42
C SER A 43 34.52 18.56 7.70
N GLN A 44 34.85 17.34 8.16
CA GLN A 44 35.89 16.57 7.49
C GLN A 44 35.50 16.22 6.07
N TRP A 45 34.24 15.82 5.86
CA TRP A 45 33.78 15.52 4.52
C TRP A 45 33.77 16.76 3.64
N LYS A 46 33.42 17.91 4.21
CA LYS A 46 33.47 19.16 3.43
C LYS A 46 34.90 19.51 3.02
N GLU A 47 35.86 19.38 3.93
CA GLU A 47 37.22 19.76 3.57
C GLU A 47 37.93 18.70 2.74
N PHE A 48 37.43 17.46 2.73
CA PHE A 48 37.97 16.46 1.81
C PHE A 48 37.68 16.84 0.36
N GLY A 49 36.51 17.41 0.11
CA GLY A 49 36.17 17.84 -1.24
C GLY A 49 34.73 17.58 -1.63
N LEU A 50 33.99 16.90 -0.78
CA LEU A 50 32.62 16.48 -1.08
C LEU A 50 31.79 17.65 -1.60
N ASP A 51 30.96 17.35 -2.61
CA ASP A 51 30.24 18.41 -3.31
C ASP A 51 29.29 19.15 -2.37
N SER A 52 28.46 18.42 -1.63
CA SER A 52 27.55 19.07 -0.69
C SER A 52 27.27 18.15 0.48
N VAL A 53 27.55 18.62 1.69
CA VAL A 53 27.33 17.84 2.91
C VAL A 53 26.26 18.52 3.73
N GLU A 54 25.19 17.79 4.04
CA GLU A 54 24.11 18.28 4.87
C GLU A 54 24.00 17.45 6.14
N LEU A 55 23.27 18.01 7.11
CA LEU A 55 23.16 17.47 8.45
C LEU A 55 21.70 17.12 8.75
N ALA A 56 21.09 16.35 7.86
CA ALA A 56 19.65 16.14 7.88
C ALA A 56 19.18 15.68 9.25
N HIS A 57 18.35 16.50 9.89
CA HIS A 57 17.91 16.28 11.26
C HIS A 57 16.48 15.76 11.29
N TYR A 58 16.20 14.89 12.26
CA TYR A 58 14.87 14.33 12.43
C TYR A 58 14.59 14.14 13.91
N ASP A 59 13.43 14.60 14.37
CA ASP A 59 13.02 14.42 15.76
C ASP A 59 12.35 13.06 15.87
N VAL A 60 13.12 12.05 16.30
CA VAL A 60 12.66 10.68 16.33
C VAL A 60 12.62 10.20 17.77
N LEU A 61 11.74 9.24 18.04
CA LEU A 61 11.67 8.65 19.37
C LEU A 61 12.91 7.82 19.67
N LEU A 62 13.43 7.94 20.89
CA LEU A 62 14.57 7.17 21.35
C LEU A 62 14.37 6.85 22.82
N SER A 63 15.25 6.01 23.35
CA SER A 63 15.16 5.58 24.74
C SER A 63 16.51 5.71 25.42
N TYR A 64 16.50 6.12 26.68
CA TYR A 64 17.71 6.20 27.47
C TYR A 64 17.41 5.77 28.91
N PRO A 65 18.39 5.18 29.59
CA PRO A 65 18.22 4.92 31.03
C PRO A 65 18.54 6.18 31.82
N ASN A 66 17.64 6.53 32.74
CA ASN A 66 17.80 7.75 33.52
C ASN A 66 19.01 7.62 34.45
N LYS A 67 19.73 8.73 34.62
CA LYS A 67 20.97 8.69 35.38
C LYS A 67 20.71 8.56 36.88
N THR A 68 19.69 9.26 37.39
CA THR A 68 19.43 9.24 38.83
C THR A 68 19.03 7.86 39.31
N HIS A 69 18.14 7.19 38.57
CA HIS A 69 17.67 5.87 38.96
C HIS A 69 18.25 4.82 38.02
N PRO A 70 19.22 4.01 38.47
CA PRO A 70 19.80 3.00 37.59
C PRO A 70 18.90 1.78 37.45
N ASN A 71 19.12 1.04 36.37
CA ASN A 71 18.36 -0.16 36.06
C ASN A 71 19.19 -1.40 36.39
N TYR A 72 18.57 -2.35 37.06
CA TYR A 72 19.26 -3.55 37.52
C TYR A 72 18.25 -4.66 37.74
N ILE A 73 18.74 -5.83 38.14
CA ILE A 73 17.92 -6.99 38.44
C ILE A 73 18.32 -7.50 39.82
N SER A 74 17.33 -7.99 40.58
CA SER A 74 17.56 -8.38 41.96
C SER A 74 16.82 -9.67 42.27
N ILE A 75 17.24 -10.33 43.34
CA ILE A 75 16.55 -11.49 43.87
C ILE A 75 15.95 -11.10 45.21
N ILE A 76 14.62 -11.24 45.34
CA ILE A 76 13.87 -10.77 46.49
C ILE A 76 13.34 -11.97 47.26
N ASN A 77 13.48 -11.93 48.58
CA ASN A 77 12.96 -12.96 49.44
C ASN A 77 11.48 -12.72 49.72
N GLU A 78 10.90 -13.58 50.55
CA GLU A 78 9.49 -13.43 50.93
C GLU A 78 9.28 -12.15 51.73
N ASP A 79 10.21 -11.83 52.63
CA ASP A 79 10.06 -10.65 53.48
C ASP A 79 10.19 -9.35 52.71
N GLY A 80 10.67 -9.40 51.45
CA GLY A 80 10.81 -8.23 50.62
C GLY A 80 12.21 -7.69 50.52
N ASN A 81 13.11 -8.12 51.40
CA ASN A 81 14.50 -7.68 51.33
C ASN A 81 15.18 -8.25 50.10
N GLU A 82 16.07 -7.45 49.51
CA GLU A 82 16.80 -7.85 48.31
C GLU A 82 18.04 -8.65 48.70
N ILE A 83 18.25 -9.77 48.01
CA ILE A 83 19.35 -10.67 48.33
C ILE A 83 20.54 -10.45 47.40
N PHE A 84 20.35 -10.67 46.11
CA PHE A 84 21.40 -10.50 45.12
C PHE A 84 21.03 -9.35 44.19
N ASN A 85 22.05 -8.58 43.79
CA ASN A 85 21.88 -7.45 42.89
C ASN A 85 22.73 -7.65 41.65
N THR A 86 22.17 -7.33 40.50
CA THR A 86 22.88 -7.39 39.24
C THR A 86 23.76 -6.16 39.07
N SER A 87 24.90 -6.34 38.40
CA SER A 87 25.86 -5.27 38.14
C SER A 87 25.18 -4.03 37.57
N LEU A 88 25.23 -2.92 38.32
CA LEU A 88 24.66 -1.67 37.84
C LEU A 88 25.42 -1.12 36.65
N PHE A 89 26.66 -1.57 36.45
CA PHE A 89 27.48 -1.12 35.33
C PHE A 89 28.61 -2.12 35.15
N GLU A 90 28.83 -2.54 33.90
CA GLU A 90 29.91 -3.46 33.62
C GLU A 90 31.26 -2.81 33.91
N PRO A 91 32.27 -3.58 34.29
CA PRO A 91 33.57 -2.99 34.63
C PRO A 91 34.13 -2.18 33.48
N PRO A 92 34.69 -1.00 33.76
CA PRO A 92 35.28 -0.21 32.69
C PRO A 92 36.49 -0.90 32.10
N PRO A 93 36.69 -0.83 30.79
CA PRO A 93 37.87 -1.44 30.18
C PRO A 93 39.13 -0.70 30.61
N PRO A 94 40.27 -1.40 30.70
CA PRO A 94 41.52 -0.72 31.03
C PRO A 94 41.84 0.36 30.00
N GLY A 95 42.31 1.50 30.50
CA GLY A 95 42.59 2.64 29.66
C GLY A 95 41.41 3.58 29.45
N TYR A 96 40.21 3.17 29.83
CA TYR A 96 39.01 3.99 29.71
C TYR A 96 38.28 3.99 31.06
N GLU A 97 38.68 4.91 31.94
CA GLU A 97 38.08 5.04 33.25
C GLU A 97 37.59 6.44 33.56
N ASN A 98 38.28 7.46 33.05
CA ASN A 98 37.89 8.84 33.33
C ASN A 98 36.62 9.23 32.56
N VAL A 99 36.37 8.56 31.43
CA VAL A 99 35.19 8.88 30.64
C VAL A 99 33.94 8.42 31.38
N SER A 100 32.97 9.32 31.50
CA SER A 100 31.75 9.06 32.27
C SER A 100 30.51 9.06 31.39
N ASP A 101 30.67 8.96 30.08
CA ASP A 101 29.54 8.92 29.15
C ASP A 101 29.10 7.49 28.84
N ILE A 102 29.70 6.50 29.48
CA ILE A 102 29.36 5.10 29.24
C ILE A 102 28.03 4.82 29.91
N VAL A 103 27.03 4.44 29.11
CA VAL A 103 25.70 4.17 29.66
C VAL A 103 25.68 2.78 30.27
N PRO A 104 24.86 2.53 31.29
CA PRO A 104 24.77 1.18 31.88
C PRO A 104 24.16 0.21 30.88
N PRO A 105 24.30 -1.09 31.12
CA PRO A 105 23.68 -2.07 30.21
C PRO A 105 22.16 -1.97 30.23
N PHE A 106 21.57 -1.90 29.04
CA PHE A 106 20.14 -1.77 28.90
C PHE A 106 19.73 -2.16 27.49
N SER A 107 18.44 -2.44 27.32
CA SER A 107 17.85 -2.74 26.03
C SER A 107 16.93 -1.59 25.64
N ALA A 108 17.11 -1.08 24.42
CA ALA A 108 16.40 0.11 24.00
C ALA A 108 14.90 -0.14 23.88
N PHE A 109 14.13 0.93 24.11
CA PHE A 109 12.66 0.91 23.99
C PHE A 109 12.01 -0.05 24.97
N SER A 110 12.71 -0.40 26.05
CA SER A 110 12.14 -1.23 27.08
C SER A 110 11.20 -0.37 27.93
N PRO A 111 9.92 -0.71 28.04
CA PRO A 111 9.01 0.09 28.86
C PRO A 111 9.35 -0.03 30.34
N GLN A 112 8.96 1.00 31.09
CA GLN A 112 9.21 1.03 32.52
C GLN A 112 8.40 -0.04 33.23
N GLY A 113 8.69 -0.27 34.50
CA GLY A 113 7.98 -1.25 35.30
C GLY A 113 8.92 -1.96 36.26
N MET A 114 8.32 -2.59 37.27
CA MET A 114 9.06 -3.34 38.28
C MET A 114 8.43 -4.72 38.45
N PRO A 115 8.51 -5.57 37.43
CA PRO A 115 7.87 -6.88 37.52
C PRO A 115 8.51 -7.76 38.59
N GLU A 116 7.69 -8.59 39.22
CA GLU A 116 8.15 -9.54 40.22
C GLU A 116 7.48 -10.89 39.99
N GLY A 117 8.25 -11.95 40.16
CA GLY A 117 7.73 -13.29 39.94
C GLY A 117 8.86 -14.27 39.68
N ASP A 118 8.45 -15.50 39.35
CA ASP A 118 9.38 -16.60 39.17
C ASP A 118 10.10 -16.48 37.83
N LEU A 119 11.02 -17.41 37.58
CA LEU A 119 11.86 -17.39 36.39
C LEU A 119 11.82 -18.74 35.69
N VAL A 120 11.79 -18.72 34.36
CA VAL A 120 11.74 -19.93 33.55
C VAL A 120 12.79 -19.82 32.45
N TYR A 121 13.65 -20.82 32.33
CA TYR A 121 14.66 -20.83 31.28
C TYR A 121 14.08 -21.38 29.99
N VAL A 122 14.29 -20.66 28.89
CA VAL A 122 13.66 -21.01 27.61
C VAL A 122 14.69 -21.16 26.51
N ASN A 123 15.92 -21.54 26.88
CA ASN A 123 17.01 -21.82 25.92
C ASN A 123 17.20 -20.56 25.06
N TYR A 124 17.36 -20.68 23.75
CA TYR A 124 17.56 -19.54 22.87
C TYR A 124 16.28 -18.74 22.63
N ALA A 125 15.19 -19.07 23.32
CA ALA A 125 13.92 -18.34 23.25
C ALA A 125 13.37 -18.31 21.82
N ARG A 126 13.68 -19.35 21.04
CA ARG A 126 13.11 -19.46 19.71
C ARG A 126 11.67 -19.92 19.81
N THR A 127 10.96 -19.88 18.67
CA THR A 127 9.61 -20.42 18.63
C THR A 127 9.62 -21.91 18.96
N GLU A 128 10.65 -22.63 18.51
CA GLU A 128 10.75 -24.06 18.78
C GLU A 128 10.87 -24.35 20.28
N ASP A 129 11.68 -23.57 21.00
CA ASP A 129 11.84 -23.82 22.42
C ASP A 129 10.56 -23.52 23.20
N PHE A 130 9.84 -22.47 22.82
CA PHE A 130 8.52 -22.25 23.41
C PHE A 130 7.58 -23.42 23.08
N PHE A 131 7.68 -23.92 21.85
CA PHE A 131 6.87 -25.06 21.42
C PHE A 131 7.13 -26.26 22.33
N LYS A 132 8.40 -26.49 22.65
CA LYS A 132 8.75 -27.48 23.67
C LYS A 132 8.13 -27.13 25.01
N LEU A 133 8.17 -25.85 25.38
CA LEU A 133 7.69 -25.42 26.69
C LEU A 133 6.24 -25.81 26.92
N GLU A 134 5.37 -25.61 25.94
CA GLU A 134 3.99 -26.00 26.22
C GLU A 134 3.63 -27.42 25.76
N ARG A 135 4.04 -27.85 24.55
CA ARG A 135 3.52 -29.13 24.05
C ARG A 135 4.02 -30.30 24.87
N ASP A 136 5.31 -30.32 25.22
CA ASP A 136 5.90 -31.49 25.86
C ASP A 136 6.37 -31.18 27.27
N MET A 137 6.90 -29.99 27.52
CA MET A 137 7.36 -29.68 28.88
C MET A 137 6.21 -29.29 29.80
N LYS A 138 5.04 -28.93 29.25
CA LYS A 138 3.85 -28.63 30.04
C LYS A 138 4.13 -27.54 31.08
N ILE A 139 4.70 -26.42 30.63
CA ILE A 139 5.03 -25.30 31.50
C ILE A 139 4.28 -24.06 31.01
N ASN A 140 3.57 -23.42 31.94
CA ASN A 140 2.81 -22.21 31.63
C ASN A 140 3.72 -21.01 31.82
N CYS A 141 4.20 -20.46 30.71
CA CYS A 141 5.13 -19.34 30.79
C CYS A 141 4.40 -18.05 31.18
N SER A 142 3.12 -17.96 30.88
CA SER A 142 2.33 -16.74 31.13
C SER A 142 2.36 -16.35 32.60
N GLY A 143 2.68 -15.07 32.87
CA GLY A 143 2.71 -14.56 34.22
C GLY A 143 4.02 -14.70 34.95
N LYS A 144 5.09 -15.11 34.27
CA LYS A 144 6.38 -15.33 34.91
C LYS A 144 7.48 -14.62 34.12
N ILE A 145 8.43 -14.02 34.85
CA ILE A 145 9.60 -13.46 34.22
C ILE A 145 10.40 -14.58 33.57
N VAL A 146 10.98 -14.29 32.40
CA VAL A 146 11.65 -15.30 31.60
C VAL A 146 13.11 -14.91 31.41
N ILE A 147 13.98 -15.93 31.35
CA ILE A 147 15.41 -15.74 31.11
C ILE A 147 15.76 -16.42 29.79
N ALA A 148 16.50 -15.71 28.94
CA ALA A 148 16.85 -16.22 27.62
C ALA A 148 18.32 -15.98 27.36
N ARG A 149 18.90 -16.85 26.54
CA ARG A 149 20.28 -16.71 26.07
C ARG A 149 20.26 -16.16 24.65
N TYR A 150 21.31 -15.43 24.29
CA TYR A 150 21.36 -14.85 22.97
C TYR A 150 21.70 -15.90 21.92
N GLY A 151 21.51 -15.54 20.67
CA GLY A 151 21.96 -16.38 19.58
C GLY A 151 20.81 -16.93 18.77
N LYS A 152 21.07 -17.10 17.46
CA LYS A 152 20.22 -17.81 16.51
C LYS A 152 18.95 -17.05 16.17
N VAL A 153 18.66 -15.97 16.89
CA VAL A 153 17.41 -15.22 16.74
C VAL A 153 17.66 -13.76 17.11
N PHE A 154 17.09 -12.85 16.34
CA PHE A 154 17.13 -11.43 16.69
C PHE A 154 16.35 -11.20 17.97
N ARG A 155 16.81 -10.22 18.77
CA ARG A 155 16.19 -9.95 20.06
C ARG A 155 14.71 -9.63 19.93
N GLY A 156 14.33 -8.96 18.83
CA GLY A 156 12.95 -8.60 18.60
C GLY A 156 12.02 -9.80 18.55
N ASN A 157 12.42 -10.84 17.80
CA ASN A 157 11.62 -12.07 17.78
C ASN A 157 11.60 -12.74 19.15
N LYS A 158 12.72 -12.68 19.88
CA LYS A 158 12.75 -13.24 21.23
C LYS A 158 11.68 -12.61 22.11
N VAL A 159 11.65 -11.28 22.17
CA VAL A 159 10.69 -10.62 23.04
C VAL A 159 9.27 -10.76 22.49
N LYS A 160 9.12 -10.84 21.16
CA LYS A 160 7.80 -11.06 20.60
C LYS A 160 7.23 -12.40 21.04
N ASN A 161 8.02 -13.47 20.91
CA ASN A 161 7.57 -14.79 21.36
C ASN A 161 7.36 -14.82 22.87
N ALA A 162 8.17 -14.08 23.63
CA ALA A 162 7.96 -14.00 25.07
C ALA A 162 6.62 -13.35 25.39
N GLN A 163 6.28 -12.28 24.68
CA GLN A 163 4.97 -11.64 24.86
C GLN A 163 3.85 -12.59 24.49
N LEU A 164 4.01 -13.33 23.39
CA LEU A 164 2.97 -14.27 22.98
C LEU A 164 2.73 -15.34 24.04
N ALA A 165 3.81 -15.87 24.62
CA ALA A 165 3.66 -16.85 25.68
C ALA A 165 3.05 -16.24 26.93
N GLY A 166 3.19 -14.93 27.12
CA GLY A 166 2.59 -14.25 28.25
C GLY A 166 3.56 -13.90 29.35
N ALA A 167 4.83 -13.74 28.99
CA ALA A 167 5.86 -13.43 29.98
C ALA A 167 5.63 -12.05 30.59
N LYS A 168 5.97 -11.93 31.88
CA LYS A 168 5.90 -10.65 32.58
C LYS A 168 7.19 -9.86 32.48
N GLY A 169 8.32 -10.54 32.36
CA GLY A 169 9.60 -9.87 32.23
C GLY A 169 10.58 -10.75 31.48
N VAL A 170 11.47 -10.12 30.74
CA VAL A 170 12.41 -10.82 29.87
C VAL A 170 13.82 -10.43 30.27
N ILE A 171 14.66 -11.43 30.51
CA ILE A 171 16.06 -11.22 30.91
C ILE A 171 16.95 -11.83 29.84
N LEU A 172 17.92 -11.06 29.38
CA LEU A 172 18.82 -11.48 28.31
C LEU A 172 20.24 -11.61 28.82
N TYR A 173 20.88 -12.73 28.51
CA TYR A 173 22.25 -12.97 28.94
C TYR A 173 22.96 -13.78 27.86
N SER A 174 24.29 -13.66 27.85
CA SER A 174 25.12 -14.37 26.87
C SER A 174 25.73 -15.60 27.53
N ASP A 175 25.44 -16.76 26.96
CA ASP A 175 25.95 -18.03 27.46
C ASP A 175 27.35 -18.27 26.88
N PRO A 176 28.36 -18.52 27.73
CA PRO A 176 29.72 -18.73 27.20
C PRO A 176 29.83 -19.87 26.20
N ALA A 177 29.00 -20.90 26.31
CA ALA A 177 28.99 -21.96 25.31
C ALA A 177 28.82 -21.38 23.91
N ASP A 178 27.99 -20.36 23.79
CA ASP A 178 27.79 -19.64 22.53
C ASP A 178 28.50 -18.30 22.51
N TYR A 179 29.22 -17.94 23.57
CA TYR A 179 29.91 -16.65 23.62
C TYR A 179 31.26 -16.72 24.32
N PHE A 180 31.95 -17.85 24.23
CA PHE A 180 33.30 -17.98 24.80
C PHE A 180 34.07 -18.98 23.94
N ALA A 181 34.96 -18.47 23.11
CA ALA A 181 35.78 -19.33 22.25
C ALA A 181 36.76 -20.13 23.10
N PRO A 182 36.78 -21.46 22.99
CA PRO A 182 37.75 -22.24 23.76
C PRO A 182 39.17 -21.91 23.36
N GLY A 183 40.07 -21.94 24.35
CA GLY A 183 41.47 -21.68 24.11
C GLY A 183 41.85 -20.21 24.04
N VAL A 184 40.93 -19.30 24.30
CA VAL A 184 41.19 -17.87 24.21
C VAL A 184 40.76 -17.22 25.53
N LYS A 185 41.64 -16.36 26.06
CA LYS A 185 41.37 -15.66 27.31
C LYS A 185 40.28 -14.61 27.11
N SER A 186 39.90 -13.98 28.22
CA SER A 186 38.91 -12.92 28.22
C SER A 186 39.60 -11.56 28.25
N TYR A 187 38.81 -10.51 28.04
CA TYR A 187 39.35 -9.16 28.06
C TYR A 187 39.81 -8.80 29.48
N PRO A 188 40.89 -8.03 29.64
CA PRO A 188 41.73 -7.41 28.61
C PRO A 188 42.86 -8.30 28.14
N ASP A 189 42.90 -9.57 28.57
CA ASP A 189 43.93 -10.51 28.14
C ASP A 189 43.47 -11.46 27.04
N GLY A 190 42.28 -11.24 26.48
CA GLY A 190 41.79 -12.03 25.37
C GLY A 190 40.60 -11.34 24.74
N TRP A 191 40.05 -11.99 23.69
CA TRP A 191 38.90 -11.45 23.00
C TRP A 191 37.61 -12.22 23.32
N ASN A 192 37.58 -12.93 24.44
CA ASN A 192 36.37 -13.61 24.88
C ASN A 192 35.57 -12.67 25.77
N LEU A 193 34.41 -13.15 26.20
CA LEU A 193 33.50 -12.33 27.00
C LEU A 193 33.86 -12.45 28.47
N PRO A 194 34.26 -11.37 29.14
CA PRO A 194 34.39 -11.39 30.59
C PRO A 194 33.01 -11.48 31.23
N GLY A 195 33.01 -11.97 32.48
CA GLY A 195 31.75 -12.17 33.18
C GLY A 195 30.95 -10.90 33.36
N GLY A 196 31.63 -9.75 33.37
CA GLY A 196 30.91 -8.48 33.42
C GLY A 196 30.41 -7.99 32.10
N GLY A 197 30.92 -8.54 31.00
CA GLY A 197 30.49 -8.14 29.68
C GLY A 197 29.02 -8.40 29.43
N VAL A 198 28.30 -7.38 28.95
CA VAL A 198 26.87 -7.47 28.70
C VAL A 198 26.61 -7.00 27.27
N GLN A 199 25.88 -7.81 26.51
CA GLN A 199 25.53 -7.43 25.15
C GLN A 199 24.29 -6.54 25.16
N ARG A 200 24.22 -5.62 24.20
CA ARG A 200 23.16 -4.63 24.16
C ARG A 200 22.51 -4.60 22.78
N GLY A 201 21.20 -4.33 22.77
CA GLY A 201 20.46 -4.26 21.53
C GLY A 201 19.07 -3.70 21.77
N ASN A 202 18.37 -3.45 20.68
CA ASN A 202 17.03 -2.86 20.73
C ASN A 202 15.97 -3.93 20.50
N ILE A 203 14.94 -3.93 21.34
CA ILE A 203 13.81 -4.84 21.19
C ILE A 203 12.72 -4.14 20.39
N LEU A 204 12.79 -4.23 19.06
CA LEU A 204 11.85 -3.56 18.18
C LEU A 204 11.47 -4.46 17.03
N ASN A 205 10.17 -4.74 16.90
CA ASN A 205 9.63 -5.40 15.71
C ASN A 205 9.08 -4.37 14.74
N LEU A 206 9.99 -3.54 14.23
CA LEU A 206 9.60 -2.43 13.37
C LEU A 206 9.01 -2.92 12.06
N ASN A 207 9.51 -4.05 11.55
CA ASN A 207 9.12 -4.58 10.24
C ASN A 207 9.34 -3.54 9.15
N GLY A 208 10.44 -2.80 9.27
CA GLY A 208 10.79 -1.78 8.30
C GLY A 208 10.02 -0.49 8.42
N ALA A 209 9.21 -0.32 9.46
CA ALA A 209 8.43 0.91 9.62
C ALA A 209 9.34 2.12 9.84
N GLY A 210 10.36 1.96 10.68
CA GLY A 210 11.26 3.06 10.98
C GLY A 210 10.94 3.72 12.31
N ASP A 211 10.68 5.02 12.28
CA ASP A 211 10.25 5.72 13.48
C ASP A 211 8.92 5.15 13.96
N PRO A 212 8.84 4.65 15.20
CA PRO A 212 7.58 4.03 15.66
C PRO A 212 6.43 5.02 15.80
N LEU A 213 6.64 6.31 15.57
CA LEU A 213 5.58 7.30 15.68
C LEU A 213 5.15 7.89 14.35
N THR A 214 5.97 7.80 13.31
CA THR A 214 5.64 8.32 11.98
C THR A 214 5.92 7.26 10.93
N PRO A 215 5.13 6.18 10.90
CA PRO A 215 5.37 5.13 9.90
C PRO A 215 4.97 5.59 8.51
N GLY A 216 5.91 5.51 7.57
CA GLY A 216 5.65 5.84 6.18
C GLY A 216 5.99 7.26 5.78
N TYR A 217 6.18 8.17 6.74
CA TYR A 217 6.51 9.56 6.45
C TYR A 217 7.64 10.02 7.35
N PRO A 218 8.49 10.93 6.86
CA PRO A 218 9.60 11.42 7.70
C PRO A 218 9.09 12.22 8.88
N ALA A 219 9.85 12.18 9.97
CA ALA A 219 9.52 12.93 11.19
C ALA A 219 10.06 14.35 11.06
N ASN A 220 9.42 15.12 10.19
CA ASN A 220 9.81 16.51 9.96
C ASN A 220 9.42 17.37 11.15
N GLU A 221 9.77 18.66 11.06
CA GLU A 221 9.44 19.59 12.14
C GLU A 221 7.94 19.78 12.30
N TYR A 222 7.20 19.80 11.19
CA TYR A 222 5.76 19.98 11.21
C TYR A 222 5.00 18.66 11.31
N ALA A 223 5.70 17.55 11.50
CA ALA A 223 5.08 16.24 11.48
C ALA A 223 4.10 16.07 12.65
N TYR A 224 3.22 15.09 12.52
CA TYR A 224 2.21 14.78 13.53
C TYR A 224 2.54 13.41 14.11
N ARG A 225 3.20 13.42 15.27
CA ARG A 225 3.58 12.18 15.92
C ARG A 225 2.35 11.44 16.46
N ARG A 226 2.26 10.16 16.14
CA ARG A 226 1.18 9.35 16.66
C ARG A 226 1.37 9.12 18.16
N GLY A 227 0.27 8.74 18.82
CA GLY A 227 0.33 8.48 20.25
C GLY A 227 1.14 7.23 20.57
N ILE A 228 1.59 7.16 21.83
CA ILE A 228 2.41 6.04 22.26
C ILE A 228 1.60 4.75 22.23
N ALA A 229 0.28 4.84 22.35
CA ALA A 229 -0.55 3.64 22.27
C ALA A 229 -0.56 3.07 20.85
N GLU A 230 -0.60 3.93 19.84
CA GLU A 230 -0.65 3.51 18.45
C GLU A 230 0.74 3.40 17.82
N ALA A 231 1.79 3.29 18.63
CA ALA A 231 3.12 3.09 18.09
C ALA A 231 3.25 1.68 17.51
N VAL A 232 4.19 1.53 16.57
CA VAL A 232 4.39 0.27 15.86
C VAL A 232 5.70 -0.36 16.34
N GLY A 233 5.62 -1.62 16.75
CA GLY A 233 6.79 -2.38 17.15
C GLY A 233 7.22 -2.21 18.58
N LEU A 234 6.58 -1.35 19.35
CA LEU A 234 6.96 -1.14 20.74
C LEU A 234 6.60 -2.36 21.59
N PRO A 235 7.57 -2.98 22.27
CA PRO A 235 7.22 -4.07 23.18
C PRO A 235 6.49 -3.55 24.41
N SER A 236 5.68 -4.42 25.00
CA SER A 236 4.91 -4.11 26.19
C SER A 236 5.44 -4.87 27.41
N ILE A 237 6.75 -5.04 27.50
CA ILE A 237 7.34 -5.84 28.57
C ILE A 237 8.77 -5.34 28.84
N PRO A 238 9.16 -5.15 30.09
CA PRO A 238 10.50 -4.65 30.38
C PRO A 238 11.57 -5.70 30.13
N VAL A 239 12.65 -5.28 29.47
CA VAL A 239 13.75 -6.17 29.11
C VAL A 239 15.06 -5.47 29.43
N HIS A 240 15.99 -6.20 30.05
CA HIS A 240 17.29 -5.62 30.36
C HIS A 240 18.36 -6.70 30.37
N PRO A 241 19.43 -6.54 29.58
CA PRO A 241 20.45 -7.58 29.49
C PRO A 241 21.38 -7.59 30.70
N ILE A 242 22.03 -8.75 30.89
CA ILE A 242 23.01 -8.97 31.95
C ILE A 242 24.18 -9.76 31.35
N GLY A 243 25.19 -9.99 32.19
CA GLY A 243 26.31 -10.84 31.83
C GLY A 243 26.06 -12.29 32.18
N TYR A 244 27.13 -13.08 32.16
CA TYR A 244 27.02 -14.48 32.56
C TYR A 244 27.53 -14.76 33.96
N TYR A 245 28.40 -13.90 34.51
CA TYR A 245 28.74 -14.02 35.93
C TYR A 245 27.50 -13.92 36.80
N ASP A 246 26.80 -12.79 36.73
CA ASP A 246 25.58 -12.61 37.52
C ASP A 246 24.50 -13.60 37.13
N ALA A 247 24.42 -13.95 35.84
CA ALA A 247 23.45 -14.95 35.41
C ALA A 247 23.70 -16.29 36.10
N GLN A 248 24.97 -16.67 36.22
CA GLN A 248 25.29 -17.93 36.89
C GLN A 248 24.84 -17.91 38.35
N LYS A 249 25.03 -16.79 39.04
CA LYS A 249 24.58 -16.68 40.42
C LYS A 249 23.07 -16.82 40.52
N LEU A 250 22.34 -16.54 39.44
CA LEU A 250 20.89 -16.67 39.43
C LEU A 250 20.46 -18.00 38.83
N LEU A 251 21.13 -18.44 37.76
CA LEU A 251 20.75 -19.68 37.09
C LEU A 251 20.92 -20.89 38.00
N GLU A 252 21.96 -20.87 38.84
CA GLU A 252 22.26 -22.05 39.67
C GLU A 252 21.12 -22.36 40.64
N LYS A 253 20.52 -21.31 41.22
CA LYS A 253 19.54 -21.53 42.28
C LYS A 253 18.21 -22.08 41.73
N MET A 254 17.92 -21.83 40.45
CA MET A 254 16.67 -22.30 39.89
C MET A 254 16.65 -23.82 39.78
N GLY A 255 15.48 -24.39 40.05
CA GLY A 255 15.33 -25.84 40.03
C GLY A 255 13.96 -26.24 39.53
N GLY A 256 13.91 -27.43 38.92
CA GLY A 256 12.66 -27.94 38.40
C GLY A 256 12.90 -29.02 37.37
N SER A 257 12.16 -28.93 36.27
CA SER A 257 12.29 -29.86 35.17
C SER A 257 13.70 -29.81 34.57
N ALA A 258 14.28 -30.97 34.34
CA ALA A 258 15.60 -31.05 33.73
C ALA A 258 15.52 -30.65 32.26
N PRO A 259 16.63 -30.15 31.71
CA PRO A 259 16.65 -29.80 30.27
C PRO A 259 16.29 -30.99 29.41
N PRO A 260 15.34 -30.84 28.48
CA PRO A 260 14.93 -31.98 27.67
C PRO A 260 15.97 -32.42 26.65
N ASP A 261 16.88 -31.54 26.26
CA ASP A 261 17.80 -31.81 25.16
C ASP A 261 19.20 -31.38 25.54
N SER A 262 20.19 -31.96 24.86
CA SER A 262 21.57 -31.53 25.05
C SER A 262 21.77 -30.08 24.59
N SER A 263 21.04 -29.65 23.56
CA SER A 263 21.09 -28.26 23.15
C SER A 263 20.56 -27.33 24.23
N TRP A 264 19.77 -27.86 25.17
CA TRP A 264 19.25 -27.10 26.28
C TRP A 264 20.28 -27.02 27.40
N ARG A 265 21.51 -26.62 27.09
CA ARG A 265 22.59 -26.60 28.07
C ARG A 265 23.70 -25.70 27.55
N GLY A 266 24.65 -25.40 28.44
CA GLY A 266 25.75 -24.54 28.10
C GLY A 266 26.96 -24.80 28.97
N SER A 267 27.99 -23.96 28.77
CA SER A 267 29.26 -24.15 29.47
C SER A 267 29.19 -23.70 30.92
N LEU A 268 28.23 -22.86 31.28
CA LEU A 268 28.12 -22.41 32.66
C LEU A 268 27.81 -23.58 33.58
N LYS A 269 28.36 -23.53 34.80
CA LYS A 269 28.18 -24.60 35.77
C LYS A 269 26.77 -24.45 36.34
N VAL A 270 25.79 -24.86 35.53
CA VAL A 270 24.39 -24.82 35.93
C VAL A 270 23.73 -26.14 35.54
N PRO A 271 22.76 -26.57 36.33
CA PRO A 271 21.88 -27.66 35.87
C PRO A 271 21.10 -27.30 34.62
N TYR A 272 20.94 -26.00 34.33
CA TYR A 272 20.21 -25.52 33.15
C TYR A 272 18.78 -26.01 33.14
N ASN A 273 18.20 -26.20 34.32
CA ASN A 273 16.83 -26.70 34.41
C ASN A 273 15.84 -25.68 33.89
N VAL A 274 14.70 -26.18 33.44
CA VAL A 274 13.68 -25.33 32.83
C VAL A 274 12.58 -24.94 33.81
N GLY A 275 12.36 -25.72 34.87
CA GLY A 275 11.26 -25.52 35.77
C GLY A 275 11.27 -24.17 36.48
N PRO A 276 10.09 -23.62 36.74
CA PRO A 276 10.00 -22.32 37.40
C PRO A 276 10.42 -22.38 38.85
N GLY A 277 10.88 -21.23 39.35
CA GLY A 277 11.23 -21.09 40.74
C GLY A 277 12.63 -21.59 41.06
N PHE A 278 13.01 -21.43 42.33
CA PHE A 278 14.31 -21.85 42.83
C PHE A 278 14.05 -22.96 43.86
N THR A 279 14.47 -24.18 43.54
CA THR A 279 14.14 -25.31 44.40
C THR A 279 14.86 -25.21 45.74
N GLY A 280 14.28 -25.86 46.75
CA GLY A 280 14.91 -25.93 48.05
C GLY A 280 14.43 -24.91 49.05
N ASN A 281 15.33 -24.51 49.96
CA ASN A 281 14.97 -23.57 51.01
C ASN A 281 14.68 -22.17 50.49
N PHE A 282 15.19 -21.82 49.31
CA PHE A 282 15.02 -20.48 48.75
C PHE A 282 13.92 -20.45 47.69
N SER A 283 12.84 -21.22 47.90
CA SER A 283 11.72 -21.21 46.97
C SER A 283 10.99 -19.87 47.01
N THR A 284 10.98 -19.20 48.16
CA THR A 284 10.25 -17.94 48.27
C THR A 284 10.88 -16.83 47.42
N GLN A 285 12.19 -16.87 47.22
CA GLN A 285 12.86 -15.82 46.46
C GLN A 285 12.41 -15.84 45.00
N LYS A 286 12.42 -14.66 44.39
CA LYS A 286 12.01 -14.52 43.00
C LYS A 286 12.74 -13.33 42.38
N VAL A 287 12.77 -13.31 41.06
CA VAL A 287 13.46 -12.27 40.32
C VAL A 287 12.61 -11.01 40.27
N LYS A 288 13.25 -9.85 40.37
CA LYS A 288 12.59 -8.56 40.28
C LYS A 288 13.43 -7.62 39.43
N MET A 289 12.80 -7.01 38.43
CA MET A 289 13.51 -6.17 37.47
C MET A 289 13.26 -4.70 37.77
N HIS A 290 14.19 -3.84 37.36
CA HIS A 290 14.22 -2.47 37.83
C HIS A 290 14.47 -1.49 36.68
N ILE A 291 13.77 -1.66 35.56
CA ILE A 291 13.95 -0.73 34.45
C ILE A 291 13.22 0.57 34.78
N HIS A 292 13.95 1.68 34.67
CA HIS A 292 13.36 3.01 34.82
C HIS A 292 13.74 3.90 33.64
N SER A 293 13.96 3.28 32.48
CA SER A 293 14.33 4.01 31.27
C SER A 293 13.16 4.84 30.76
N THR A 294 13.48 5.84 29.95
CA THR A 294 12.50 6.77 29.41
C THR A 294 12.60 6.82 27.90
N ASN A 295 11.44 6.93 27.24
CA ASN A 295 11.35 7.12 25.81
C ASN A 295 10.95 8.56 25.54
N GLU A 296 11.81 9.29 24.84
CA GLU A 296 11.59 10.70 24.55
C GLU A 296 11.93 10.99 23.10
N VAL A 297 11.33 12.05 22.56
CA VAL A 297 11.62 12.47 21.20
C VAL A 297 12.89 13.30 21.21
N THR A 298 13.92 12.80 20.53
CA THR A 298 15.23 13.45 20.48
C THR A 298 15.62 13.65 19.02
N ARG A 299 16.35 14.73 18.76
CA ARG A 299 16.74 15.09 17.40
C ARG A 299 18.02 14.34 17.02
N ILE A 300 17.92 13.49 16.01
CA ILE A 300 19.06 12.78 15.48
C ILE A 300 19.50 13.46 14.18
N TYR A 301 20.76 13.23 13.82
CA TYR A 301 21.37 13.89 12.67
C TYR A 301 22.05 12.86 11.78
N ASN A 302 21.70 12.86 10.50
CA ASN A 302 22.35 12.03 9.49
C ASN A 302 23.20 12.94 8.62
N VAL A 303 24.50 12.65 8.57
CA VAL A 303 25.44 13.43 7.77
C VAL A 303 25.44 12.84 6.37
N ILE A 304 24.80 13.52 5.43
CA ILE A 304 24.70 13.05 4.06
C ILE A 304 25.63 13.87 3.19
N GLY A 305 26.61 13.21 2.59
CA GLY A 305 27.49 13.86 1.64
C GLY A 305 27.22 13.39 0.23
N THR A 306 26.79 14.31 -0.62
CA THR A 306 26.51 14.02 -2.02
C THR A 306 27.66 14.53 -2.87
N LEU A 307 28.20 13.64 -3.70
CA LEU A 307 29.20 13.96 -4.71
C LEU A 307 28.51 13.84 -6.07
N ARG A 308 28.34 14.97 -6.74
CA ARG A 308 27.51 15.03 -7.94
C ARG A 308 28.12 14.22 -9.07
N GLY A 309 27.26 13.52 -9.80
CA GLY A 309 27.70 12.79 -10.97
C GLY A 309 28.05 13.71 -12.12
N ALA A 310 28.81 13.16 -13.07
CA ALA A 310 29.28 13.91 -14.23
C ALA A 310 28.47 13.63 -15.48
N VAL A 311 27.99 12.41 -15.66
CA VAL A 311 27.24 12.02 -16.85
C VAL A 311 25.76 11.85 -16.54
N GLU A 312 25.44 11.15 -15.46
CA GLU A 312 24.07 10.88 -15.06
C GLU A 312 23.89 11.30 -13.61
N PRO A 313 23.79 12.61 -13.35
CA PRO A 313 23.68 13.08 -11.96
C PRO A 313 22.46 12.55 -11.22
N ASP A 314 21.40 12.19 -11.94
CA ASP A 314 20.19 11.71 -11.28
C ASP A 314 20.45 10.38 -10.58
N ARG A 315 21.31 9.54 -11.15
CA ARG A 315 21.50 8.19 -10.66
C ARG A 315 22.37 8.22 -9.41
N TYR A 316 21.79 7.84 -8.27
CA TYR A 316 22.47 7.90 -6.98
C TYR A 316 22.93 6.50 -6.58
N VAL A 317 24.23 6.37 -6.28
CA VAL A 317 24.79 5.18 -5.70
C VAL A 317 25.06 5.50 -4.23
N ILE A 318 24.36 4.82 -3.34
CA ILE A 318 24.40 5.15 -1.92
C ILE A 318 25.33 4.19 -1.19
N LEU A 319 26.20 4.76 -0.35
CA LEU A 319 27.10 3.99 0.50
C LEU A 319 27.04 4.61 1.89
N GLY A 320 26.48 3.86 2.85
CA GLY A 320 26.30 4.43 4.17
C GLY A 320 26.21 3.37 5.24
N GLY A 321 26.65 3.75 6.43
CA GLY A 321 26.56 2.89 7.59
C GLY A 321 26.39 3.75 8.82
N HIS A 322 25.89 3.13 9.88
CA HIS A 322 25.56 3.90 11.07
C HIS A 322 26.82 4.29 11.84
N ARG A 323 26.64 5.25 12.75
CA ARG A 323 27.72 5.77 13.57
C ARG A 323 27.43 5.73 15.06
N ASP A 324 26.16 5.59 15.45
CA ASP A 324 25.83 5.47 16.86
C ASP A 324 26.39 4.18 17.44
N SER A 325 26.65 4.20 18.73
CA SER A 325 27.14 3.01 19.42
C SER A 325 26.81 3.12 20.90
N TRP A 326 26.54 1.98 21.52
CA TRP A 326 26.19 1.97 22.94
C TRP A 326 27.36 2.47 23.78
N VAL A 327 28.58 2.05 23.44
CA VAL A 327 29.81 2.41 24.12
C VAL A 327 30.75 2.76 22.98
N PHE A 328 32.05 2.97 23.26
CA PHE A 328 33.01 3.33 22.22
C PHE A 328 32.81 2.55 20.92
N GLY A 329 32.52 1.25 21.03
CA GLY A 329 32.16 0.46 19.86
C GLY A 329 33.24 0.36 18.80
N GLY A 330 34.45 0.00 19.20
CA GLY A 330 35.56 -0.03 18.25
C GLY A 330 35.35 -1.00 17.11
N ILE A 331 34.41 -1.92 17.25
CA ILE A 331 34.14 -2.91 16.21
C ILE A 331 32.76 -2.73 15.58
N ASP A 332 31.79 -2.15 16.28
CA ASP A 332 30.47 -1.90 15.73
C ASP A 332 29.95 -0.55 16.18
N PRO A 333 29.83 0.45 15.30
CA PRO A 333 30.21 0.45 13.88
C PRO A 333 31.48 1.22 13.61
N GLN A 334 32.22 1.62 14.63
CA GLN A 334 33.39 2.47 14.42
C GLN A 334 34.43 1.78 13.56
N SER A 335 34.48 0.44 13.60
CA SER A 335 35.34 -0.29 12.67
C SER A 335 34.88 -0.05 11.23
N GLY A 336 33.57 -0.06 10.99
CA GLY A 336 33.03 0.26 9.69
C GLY A 336 32.95 1.75 9.44
N ALA A 337 32.77 2.53 10.50
CA ALA A 337 32.73 3.98 10.36
C ALA A 337 34.06 4.53 9.88
N ALA A 338 35.16 4.02 10.43
CA ALA A 338 36.49 4.43 9.96
C ALA A 338 36.71 4.02 8.51
N VAL A 339 36.23 2.83 8.14
CA VAL A 339 36.32 2.39 6.76
C VAL A 339 35.59 3.35 5.84
N VAL A 340 34.35 3.71 6.21
CA VAL A 340 33.54 4.63 5.40
C VAL A 340 34.24 5.97 5.29
N HIS A 341 34.79 6.47 6.40
CA HIS A 341 35.49 7.74 6.37
C HIS A 341 36.71 7.70 5.47
N GLU A 342 37.40 6.55 5.45
CA GLU A 342 38.57 6.44 4.58
C GLU A 342 38.17 6.40 3.11
N ILE A 343 37.08 5.71 2.78
CA ILE A 343 36.57 5.76 1.40
C ILE A 343 36.19 7.19 1.03
N VAL A 344 35.56 7.91 1.96
CA VAL A 344 35.19 9.30 1.70
C VAL A 344 36.43 10.14 1.45
N ARG A 345 37.47 9.94 2.26
CA ARG A 345 38.70 10.72 2.08
C ARG A 345 39.37 10.42 0.75
N SER A 346 39.42 9.15 0.36
CA SER A 346 40.01 8.78 -0.92
C SER A 346 39.21 9.38 -2.09
N PHE A 347 37.89 9.33 -2.00
CA PHE A 347 37.05 9.92 -3.04
C PHE A 347 37.23 11.42 -3.10
N GLY A 348 37.38 12.07 -1.94
CA GLY A 348 37.63 13.49 -1.93
C GLY A 348 38.97 13.85 -2.55
N THR A 349 40.00 13.04 -2.28
CA THR A 349 41.29 13.26 -2.93
C THR A 349 41.18 13.09 -4.43
N LEU A 350 40.45 12.06 -4.87
CA LEU A 350 40.26 11.85 -6.30
C LEU A 350 39.55 13.04 -6.94
N LYS A 351 38.53 13.57 -6.26
CA LYS A 351 37.84 14.75 -6.77
C LYS A 351 38.75 15.96 -6.81
N LYS A 352 39.60 16.12 -5.78
CA LYS A 352 40.60 17.17 -5.79
C LYS A 352 41.52 17.06 -7.01
N GLU A 353 41.85 15.83 -7.40
CA GLU A 353 42.62 15.64 -8.62
C GLU A 353 41.87 16.14 -9.84
N GLY A 354 40.56 15.88 -9.89
CA GLY A 354 39.74 16.34 -11.00
C GLY A 354 38.81 15.29 -11.53
N TRP A 355 38.96 14.05 -11.06
CA TRP A 355 38.10 12.96 -11.50
C TRP A 355 36.67 13.18 -11.04
N ARG A 356 35.72 12.72 -11.87
CA ARG A 356 34.30 12.90 -11.60
C ARG A 356 33.59 11.57 -11.84
N PRO A 357 32.80 11.09 -10.89
CA PRO A 357 32.08 9.82 -11.11
C PRO A 357 31.02 9.96 -12.18
N ARG A 358 30.74 8.83 -12.84
CA ARG A 358 29.70 8.81 -13.87
C ARG A 358 28.30 8.84 -13.26
N ARG A 359 28.17 8.54 -11.97
CA ARG A 359 26.91 8.62 -11.26
C ARG A 359 27.13 9.29 -9.92
N THR A 360 26.13 10.04 -9.46
CA THR A 360 26.22 10.74 -8.19
C THR A 360 26.32 9.73 -7.04
N ILE A 361 27.25 9.98 -6.13
CA ILE A 361 27.52 9.07 -5.01
C ILE A 361 27.03 9.73 -3.73
N LEU A 362 26.25 8.98 -2.94
CA LEU A 362 25.67 9.48 -1.70
C LEU A 362 26.26 8.71 -0.53
N PHE A 363 27.21 9.32 0.16
CA PHE A 363 27.71 8.79 1.42
C PHE A 363 26.79 9.29 2.52
N ALA A 364 26.61 8.49 3.57
CA ALA A 364 25.68 8.85 4.63
C ALA A 364 26.11 8.22 5.94
N SER A 365 26.62 9.05 6.85
CA SER A 365 26.79 8.65 8.24
C SER A 365 25.42 8.74 8.88
N TRP A 366 24.77 7.59 9.02
CA TRP A 366 23.42 7.53 9.58
C TRP A 366 23.47 7.72 11.09
N ASP A 367 22.30 7.56 11.72
CA ASP A 367 22.18 7.76 13.16
C ASP A 367 21.00 6.96 13.68
N ALA A 368 21.00 6.75 15.00
CA ALA A 368 19.93 6.09 15.75
C ALA A 368 19.67 4.66 15.28
N GLU A 369 20.59 4.04 14.55
CA GLU A 369 20.36 2.70 14.02
C GLU A 369 20.30 1.66 15.12
N GLU A 370 21.09 1.84 16.19
CA GLU A 370 21.07 0.90 17.29
C GLU A 370 19.72 0.90 17.99
N PHE A 371 18.90 1.92 17.73
CA PHE A 371 17.55 2.05 18.25
C PHE A 371 16.51 1.64 17.22
N GLY A 372 16.79 0.62 16.42
CA GLY A 372 16.06 0.40 15.20
C GLY A 372 16.58 1.29 14.08
N LEU A 373 16.16 0.97 12.85
CA LEU A 373 16.77 1.63 11.71
C LEU A 373 16.44 3.11 11.62
N LEU A 374 15.55 3.61 12.49
CA LEU A 374 15.17 5.01 12.66
C LEU A 374 15.67 5.96 11.58
N GLY A 375 16.90 6.47 11.74
CA GLY A 375 17.41 7.51 10.88
C GLY A 375 17.47 7.18 9.40
N SER A 376 18.00 6.01 9.05
CA SER A 376 18.08 5.62 7.65
C SER A 376 16.69 5.50 7.03
N THR A 377 15.76 4.88 7.76
CA THR A 377 14.39 4.75 7.27
C THR A 377 13.74 6.10 7.09
N GLU A 378 13.95 7.02 8.03
CA GLU A 378 13.34 8.33 7.94
C GLU A 378 13.90 9.11 6.76
N TRP A 379 15.21 9.05 6.54
CA TRP A 379 15.79 9.75 5.40
C TRP A 379 15.34 9.12 4.08
N ALA A 380 15.14 7.80 4.07
CA ALA A 380 14.61 7.15 2.87
C ALA A 380 13.18 7.57 2.61
N GLU A 381 12.36 7.64 3.66
CA GLU A 381 10.96 8.04 3.56
C GLU A 381 10.86 9.47 3.05
N GLU A 382 11.75 10.35 3.55
CA GLU A 382 11.77 11.73 3.12
C GLU A 382 12.07 11.84 1.62
N ASN A 383 13.02 11.05 1.13
CA ASN A 383 13.43 11.12 -0.26
C ASN A 383 13.03 9.86 -1.02
N SER A 384 11.89 9.26 -0.67
CA SER A 384 11.45 8.06 -1.36
C SER A 384 11.14 8.35 -2.82
N ARG A 385 10.52 9.49 -3.11
CA ARG A 385 10.19 9.83 -4.49
C ARG A 385 11.45 9.97 -5.35
N LEU A 386 12.51 10.57 -4.78
CA LEU A 386 13.75 10.71 -5.54
C LEU A 386 14.47 9.38 -5.69
N LEU A 387 14.57 8.60 -4.61
CA LEU A 387 15.37 7.38 -4.64
C LEU A 387 14.71 6.30 -5.50
N GLN A 388 13.40 6.08 -5.31
CA GLN A 388 12.73 4.99 -6.00
C GLN A 388 12.57 5.23 -7.48
N GLU A 389 12.87 6.44 -7.97
CA GLU A 389 12.94 6.71 -9.40
C GLU A 389 14.33 7.05 -9.87
N ARG A 390 15.30 7.18 -8.98
CA ARG A 390 16.66 7.58 -9.36
C ARG A 390 17.77 6.74 -8.73
N GLY A 391 17.53 6.05 -7.62
CA GLY A 391 18.59 5.29 -7.00
C GLY A 391 18.99 4.08 -7.82
N VAL A 392 20.26 3.68 -7.66
CA VAL A 392 20.81 2.53 -8.38
C VAL A 392 21.07 1.36 -7.43
N ALA A 393 21.91 1.56 -6.43
CA ALA A 393 22.20 0.52 -5.45
C ALA A 393 22.65 1.15 -4.15
N TYR A 394 22.52 0.39 -3.07
CA TYR A 394 22.90 0.83 -1.73
C TYR A 394 23.93 -0.15 -1.17
N ILE A 395 25.16 0.31 -0.97
CA ILE A 395 26.23 -0.54 -0.45
C ILE A 395 26.35 -0.25 1.04
N ASN A 396 25.86 -1.16 1.86
CA ASN A 396 25.92 -1.01 3.30
C ASN A 396 27.33 -1.24 3.80
N ALA A 397 27.63 -0.71 4.99
CA ALA A 397 28.98 -0.79 5.55
C ALA A 397 28.86 -0.76 7.07
N ASP A 398 29.21 -1.87 7.71
CA ASP A 398 29.13 -1.97 9.17
C ASP A 398 29.89 -3.20 9.63
N SER A 399 30.66 -3.04 10.71
CA SER A 399 31.34 -4.15 11.38
C SER A 399 32.23 -4.92 10.40
N SER A 400 33.24 -4.21 9.91
CA SER A 400 34.10 -4.75 8.86
C SER A 400 34.82 -6.02 9.29
N ILE A 401 35.02 -6.22 10.59
CA ILE A 401 35.79 -7.34 11.10
C ILE A 401 34.97 -8.08 12.15
N GLU A 402 34.92 -9.41 12.02
CA GLU A 402 34.39 -10.24 13.10
C GLU A 402 35.25 -11.50 13.32
N GLY A 403 36.44 -11.56 12.77
CA GLY A 403 37.28 -12.73 12.81
C GLY A 403 38.04 -12.84 11.50
N ASN A 404 39.28 -13.31 11.59
CA ASN A 404 40.19 -13.34 10.44
C ASN A 404 40.22 -14.73 9.82
N TYR A 405 39.17 -15.07 9.08
CA TYR A 405 39.29 -16.24 8.22
C TYR A 405 39.19 -15.82 6.75
N THR A 406 38.07 -15.21 6.37
CA THR A 406 37.76 -15.01 4.96
C THR A 406 36.92 -13.76 4.80
N LEU A 407 36.37 -13.58 3.60
CA LEU A 407 35.56 -12.41 3.26
C LEU A 407 34.13 -12.88 3.01
N ARG A 408 33.24 -12.61 3.97
CA ARG A 408 31.83 -12.91 3.80
C ARG A 408 31.14 -11.75 3.09
N VAL A 409 30.45 -12.06 1.99
CA VAL A 409 29.76 -11.06 1.17
C VAL A 409 28.31 -11.51 1.00
N ASP A 410 27.38 -10.62 1.32
CA ASP A 410 25.96 -10.84 1.09
C ASP A 410 25.45 -9.76 0.15
N CYS A 411 25.00 -10.14 -1.04
CA CYS A 411 24.58 -9.17 -2.03
C CYS A 411 23.48 -9.76 -2.89
N THR A 412 22.78 -8.85 -3.59
CA THR A 412 21.72 -9.28 -4.50
C THR A 412 22.32 -10.01 -5.69
N PRO A 413 21.58 -10.92 -6.31
CA PRO A 413 22.15 -11.68 -7.44
C PRO A 413 22.63 -10.82 -8.59
N LEU A 414 22.05 -9.62 -8.77
CA LEU A 414 22.39 -8.79 -9.91
C LEU A 414 23.88 -8.53 -10.01
N MET A 415 24.54 -8.23 -8.89
CA MET A 415 25.97 -7.98 -8.88
C MET A 415 26.77 -9.17 -8.37
N TYR A 416 26.16 -10.37 -8.31
CA TYR A 416 26.93 -11.57 -7.99
C TYR A 416 28.24 -11.63 -8.75
N SER A 417 28.16 -11.56 -10.08
CA SER A 417 29.36 -11.58 -10.91
C SER A 417 30.35 -10.51 -10.46
N LEU A 418 29.85 -9.29 -10.22
CA LEU A 418 30.71 -8.22 -9.75
C LEU A 418 31.48 -8.63 -8.51
N VAL A 419 30.78 -9.22 -7.53
CA VAL A 419 31.42 -9.67 -6.31
C VAL A 419 32.54 -10.64 -6.63
N HIS A 420 32.29 -11.55 -7.59
CA HIS A 420 33.35 -12.41 -8.06
C HIS A 420 34.44 -11.59 -8.76
N ASN A 421 34.03 -10.76 -9.73
CA ASN A 421 35.00 -10.11 -10.61
C ASN A 421 35.90 -9.16 -9.84
N LEU A 422 35.34 -8.46 -8.86
CA LEU A 422 36.15 -7.58 -8.01
C LEU A 422 37.12 -8.40 -7.16
N THR A 423 36.67 -9.54 -6.64
CA THR A 423 37.47 -10.27 -5.66
C THR A 423 38.72 -10.88 -6.28
N LYS A 424 38.68 -11.16 -7.58
CA LYS A 424 39.85 -11.76 -8.24
C LYS A 424 40.99 -10.75 -8.36
N GLU A 425 40.64 -9.47 -8.51
CA GLU A 425 41.68 -8.45 -8.69
C GLU A 425 42.41 -8.13 -7.39
N LEU A 426 41.78 -8.40 -6.24
CA LEU A 426 42.35 -8.03 -4.96
C LEU A 426 43.36 -9.08 -4.49
N LYS A 427 43.92 -8.84 -3.30
CA LYS A 427 44.95 -9.68 -2.72
C LYS A 427 44.49 -10.21 -1.37
N SER A 428 44.90 -11.44 -1.06
CA SER A 428 44.45 -12.09 0.16
C SER A 428 45.17 -11.51 1.38
N PRO A 429 44.43 -11.13 2.42
CA PRO A 429 45.07 -10.63 3.64
C PRO A 429 45.27 -11.70 4.70
N ASP A 430 44.71 -12.88 4.46
CA ASP A 430 44.66 -13.92 5.49
C ASP A 430 45.99 -14.65 5.65
N GLU A 431 46.04 -15.54 6.65
CA GLU A 431 47.21 -16.38 6.85
C GLU A 431 47.43 -17.28 5.65
N GLY A 432 48.67 -17.35 5.18
CA GLY A 432 48.94 -18.03 3.94
C GLY A 432 48.46 -17.21 2.76
N PHE A 433 48.51 -17.82 1.58
CA PHE A 433 47.98 -17.25 0.35
C PHE A 433 48.62 -15.90 0.00
N GLU A 434 49.88 -15.69 0.37
CA GLU A 434 50.55 -14.44 0.00
C GLU A 434 50.70 -14.36 -1.52
N GLY A 435 50.22 -13.27 -2.08
CA GLY A 435 50.32 -13.06 -3.52
C GLY A 435 49.28 -13.77 -4.35
N LYS A 436 48.31 -14.43 -3.72
CA LYS A 436 47.20 -15.05 -4.42
C LYS A 436 45.96 -14.19 -4.22
N SER A 437 45.04 -14.26 -5.18
CA SER A 437 43.84 -13.42 -5.16
C SER A 437 42.97 -13.75 -3.96
N LEU A 438 42.28 -12.73 -3.45
CA LEU A 438 41.29 -12.95 -2.39
C LEU A 438 40.22 -13.92 -2.84
N TYR A 439 39.92 -13.95 -4.14
CA TYR A 439 38.94 -14.88 -4.69
C TYR A 439 39.34 -16.33 -4.42
N GLU A 440 40.61 -16.66 -4.63
CA GLU A 440 41.05 -18.04 -4.47
C GLU A 440 40.94 -18.47 -3.02
N SER A 441 41.36 -17.62 -2.08
CA SER A 441 41.23 -17.96 -0.66
C SER A 441 39.77 -18.08 -0.26
N TRP A 442 38.93 -17.16 -0.74
CA TRP A 442 37.51 -17.19 -0.43
C TRP A 442 36.87 -18.49 -0.92
N THR A 443 37.23 -18.93 -2.12
CA THR A 443 36.72 -20.19 -2.63
C THR A 443 37.26 -21.38 -1.84
N LYS A 444 38.56 -21.37 -1.52
CA LYS A 444 39.17 -22.49 -0.84
C LYS A 444 38.54 -22.71 0.54
N LYS A 445 38.30 -21.62 1.27
CA LYS A 445 37.83 -21.73 2.64
C LYS A 445 36.32 -21.63 2.76
N SER A 446 35.66 -20.96 1.81
CA SER A 446 34.21 -20.84 1.77
C SER A 446 33.73 -21.16 0.36
N PRO A 447 33.70 -22.44 -0.01
CA PRO A 447 33.27 -22.82 -1.35
C PRO A 447 31.76 -22.90 -1.49
N SER A 448 31.28 -22.53 -2.67
CA SER A 448 29.86 -22.64 -2.96
C SER A 448 29.45 -24.11 -2.99
N PRO A 449 28.30 -24.46 -2.41
CA PRO A 449 27.88 -25.87 -2.41
C PRO A 449 27.71 -26.45 -3.81
N GLU A 450 27.25 -25.64 -4.77
CA GLU A 450 27.04 -26.15 -6.12
C GLU A 450 28.36 -26.34 -6.86
N PHE A 451 29.11 -25.26 -7.04
CA PHE A 451 30.36 -25.28 -7.79
C PHE A 451 31.53 -25.20 -6.81
N SER A 452 32.49 -26.12 -6.97
CA SER A 452 33.66 -26.12 -6.10
C SER A 452 34.51 -24.86 -6.31
N GLY A 453 34.65 -24.43 -7.56
CA GLY A 453 35.44 -23.25 -7.86
C GLY A 453 34.77 -21.93 -7.57
N MET A 454 33.47 -21.94 -7.26
CA MET A 454 32.79 -20.70 -6.97
C MET A 454 32.75 -20.45 -5.47
N PRO A 455 32.83 -19.20 -5.01
CA PRO A 455 32.66 -18.92 -3.58
C PRO A 455 31.18 -18.87 -3.23
N ARG A 456 30.92 -18.87 -1.92
CA ARG A 456 29.56 -18.86 -1.40
C ARG A 456 29.16 -17.44 -1.07
N ILE A 457 28.05 -16.99 -1.66
CA ILE A 457 27.51 -15.65 -1.43
C ILE A 457 26.12 -15.83 -0.85
N SER A 458 25.92 -15.40 0.39
CA SER A 458 24.62 -15.53 1.04
C SER A 458 23.71 -14.39 0.63
N LYS A 459 22.45 -14.48 1.05
CA LYS A 459 21.47 -13.46 0.72
C LYS A 459 21.52 -12.32 1.74
N LEU A 460 20.82 -11.24 1.41
CA LEU A 460 20.83 -10.04 2.25
C LEU A 460 20.18 -10.32 3.60
N GLY A 461 18.99 -10.92 3.59
CA GLY A 461 18.25 -11.08 4.83
C GLY A 461 17.75 -9.74 5.33
N SER A 462 17.72 -9.58 6.64
CA SER A 462 17.23 -8.35 7.26
C SER A 462 18.33 -7.77 8.16
N GLY A 463 17.97 -6.73 8.90
CA GLY A 463 18.89 -6.04 9.78
C GLY A 463 19.68 -4.97 9.04
N ASN A 464 20.31 -4.09 9.83
CA ASN A 464 21.18 -3.04 9.32
C ASN A 464 20.46 -2.10 8.36
N ASP A 465 21.20 -1.17 7.75
CA ASP A 465 20.58 -0.06 7.05
C ASP A 465 20.14 -0.42 5.64
N PHE A 466 20.51 -1.61 5.15
CA PHE A 466 20.09 -2.00 3.81
C PHE A 466 18.62 -2.41 3.76
N GLU A 467 17.97 -2.53 4.93
CA GLU A 467 16.60 -3.03 4.99
C GLU A 467 15.64 -2.12 4.22
N VAL A 468 15.67 -0.83 4.52
CA VAL A 468 14.71 0.10 3.92
C VAL A 468 15.02 0.31 2.44
N PHE A 469 16.29 0.23 2.06
CA PHE A 469 16.66 0.46 0.67
C PHE A 469 16.40 -0.75 -0.20
N PHE A 470 16.46 -1.95 0.36
CA PHE A 470 16.28 -3.17 -0.43
C PHE A 470 14.86 -3.70 -0.31
N GLN A 471 14.38 -3.90 0.93
CA GLN A 471 13.11 -4.56 1.13
C GLN A 471 11.90 -3.66 0.89
N ARG A 472 12.07 -2.35 0.80
CA ARG A 472 10.97 -1.43 0.58
C ARG A 472 11.06 -0.73 -0.77
N LEU A 473 12.16 -0.04 -1.04
CA LEU A 473 12.30 0.70 -2.29
C LEU A 473 12.80 -0.16 -3.44
N GLY A 474 13.23 -1.39 -3.17
CA GLY A 474 13.73 -2.25 -4.23
C GLY A 474 14.99 -1.74 -4.89
N ILE A 475 15.99 -1.40 -4.09
CA ILE A 475 17.29 -0.95 -4.58
C ILE A 475 18.34 -1.97 -4.17
N ALA A 476 19.23 -2.32 -5.10
CA ALA A 476 20.22 -3.37 -4.86
C ALA A 476 21.07 -3.04 -3.64
N SER A 477 21.30 -4.05 -2.80
CA SER A 477 22.03 -3.88 -1.56
C SER A 477 23.14 -4.90 -1.46
N GLY A 478 24.29 -4.46 -0.96
CA GLY A 478 25.45 -5.33 -0.82
C GLY A 478 26.20 -5.05 0.47
N ARG A 479 26.83 -6.10 0.98
CA ARG A 479 27.57 -6.05 2.24
C ARG A 479 28.78 -6.96 2.13
N ALA A 480 29.89 -6.53 2.73
CA ALA A 480 31.11 -7.33 2.73
C ALA A 480 31.90 -7.04 4.00
N ARG A 481 32.32 -8.11 4.68
CA ARG A 481 33.13 -7.95 5.89
C ARG A 481 33.93 -9.23 6.10
N TYR A 482 35.02 -9.11 6.85
CA TYR A 482 35.82 -10.29 7.15
C TYR A 482 35.15 -11.12 8.24
N THR A 483 35.19 -12.44 8.05
CA THR A 483 34.43 -13.38 8.85
C THR A 483 35.31 -14.51 9.35
N LYS A 484 34.82 -15.17 10.39
CA LYS A 484 35.50 -16.24 11.12
C LYS A 484 35.22 -17.60 10.50
N ASN A 485 35.52 -18.66 11.26
CA ASN A 485 35.29 -20.04 10.84
C ASN A 485 33.96 -20.54 11.40
N TRP A 486 32.88 -20.10 10.75
CA TRP A 486 31.54 -20.55 11.16
C TRP A 486 31.41 -22.05 11.04
N GLU A 487 32.27 -22.67 10.22
CA GLU A 487 32.28 -24.13 10.12
C GLU A 487 32.75 -24.78 11.42
N THR A 488 33.75 -24.20 12.09
CA THR A 488 34.34 -24.83 13.27
C THR A 488 34.18 -24.02 14.54
N ASN A 489 33.59 -22.83 14.48
CA ASN A 489 33.19 -22.13 15.69
C ASN A 489 31.67 -22.07 15.79
N LYS A 490 31.19 -21.97 17.03
CA LYS A 490 29.77 -21.98 17.34
C LYS A 490 29.25 -20.58 17.64
N PHE A 491 30.06 -19.73 18.28
CA PHE A 491 29.61 -18.41 18.71
C PHE A 491 29.15 -17.56 17.53
N SER A 492 27.86 -17.26 17.46
CA SER A 492 27.33 -16.41 16.41
C SER A 492 27.76 -14.98 16.65
N GLY A 493 28.69 -14.48 15.83
CA GLY A 493 29.26 -13.18 16.05
C GLY A 493 30.40 -13.23 17.06
N TYR A 494 31.24 -12.20 17.05
CA TYR A 494 32.35 -12.15 18.00
C TYR A 494 31.83 -12.01 19.42
N PRO A 495 32.48 -12.66 20.40
CA PRO A 495 31.94 -12.67 21.78
C PRO A 495 31.80 -11.29 22.40
N LEU A 496 32.74 -10.39 22.13
CA LEU A 496 32.70 -9.03 22.67
C LEU A 496 31.91 -8.15 21.72
N TYR A 497 30.59 -8.33 21.72
CA TYR A 497 29.70 -7.63 20.81
C TYR A 497 28.75 -6.77 21.64
N HIS A 498 28.69 -5.48 21.31
CA HIS A 498 27.81 -4.52 21.98
C HIS A 498 28.05 -4.50 23.48
N SER A 499 29.31 -4.24 23.86
CA SER A 499 29.70 -4.13 25.26
C SER A 499 30.77 -3.06 25.39
N VAL A 500 31.08 -2.71 26.64
CA VAL A 500 32.08 -1.68 26.91
C VAL A 500 33.44 -2.11 26.38
N TYR A 501 33.74 -3.40 26.41
CA TYR A 501 35.06 -3.88 26.00
C TYR A 501 35.26 -3.80 24.49
N GLU A 502 34.34 -3.21 23.75
CA GLU A 502 34.51 -3.00 22.32
C GLU A 502 35.38 -1.77 22.07
N THR A 503 36.56 -1.73 22.68
CA THR A 503 37.42 -0.57 22.59
C THR A 503 38.32 -0.66 21.37
N TYR A 504 39.19 0.34 21.22
CA TYR A 504 40.17 0.32 20.14
C TYR A 504 41.25 -0.73 20.39
N GLU A 505 41.64 -0.90 21.67
CA GLU A 505 42.67 -1.89 22.00
C GLU A 505 42.23 -3.29 21.65
N LEU A 506 40.95 -3.61 21.87
CA LEU A 506 40.44 -4.93 21.49
C LEU A 506 40.66 -5.19 20.01
N VAL A 507 40.22 -4.26 19.16
CA VAL A 507 40.33 -4.44 17.71
C VAL A 507 41.79 -4.50 17.30
N GLU A 508 42.65 -3.75 17.99
CA GLU A 508 44.06 -3.75 17.62
C GLU A 508 44.73 -5.07 17.98
N LYS A 509 44.75 -5.43 19.26
CA LYS A 509 45.55 -6.58 19.67
C LYS A 509 44.84 -7.90 19.40
N PHE A 510 43.58 -8.02 19.81
CA PHE A 510 42.89 -9.30 19.71
C PHE A 510 42.16 -9.48 18.40
N TYR A 511 42.27 -8.51 17.49
CA TYR A 511 41.74 -8.58 16.14
C TYR A 511 42.81 -7.99 15.23
N ASP A 512 42.45 -7.61 14.00
CA ASP A 512 43.40 -7.19 12.98
C ASP A 512 44.44 -6.23 13.56
N PRO A 513 45.69 -6.68 13.77
CA PRO A 513 46.71 -5.81 14.36
C PRO A 513 47.19 -4.71 13.41
N MET A 514 47.56 -5.10 12.19
CA MET A 514 48.05 -4.13 11.22
C MET A 514 46.94 -3.40 10.52
N PHE A 515 45.69 -3.74 10.85
CA PHE A 515 44.52 -3.18 10.18
C PHE A 515 44.60 -3.44 8.68
N LYS A 516 45.06 -4.63 8.30
CA LYS A 516 45.11 -5.04 6.91
C LYS A 516 43.82 -5.70 6.45
N TYR A 517 43.17 -6.47 7.32
CA TYR A 517 41.87 -7.02 6.98
C TYR A 517 40.84 -5.89 6.87
N HIS A 518 40.94 -4.88 7.75
CA HIS A 518 40.16 -3.66 7.57
C HIS A 518 40.46 -3.04 6.21
N LEU A 519 41.74 -3.00 5.82
CA LEU A 519 42.11 -2.42 4.54
C LEU A 519 41.45 -3.16 3.39
N THR A 520 41.42 -4.49 3.45
CA THR A 520 40.84 -5.25 2.35
C THR A 520 39.32 -5.17 2.33
N VAL A 521 38.67 -5.12 3.50
CA VAL A 521 37.22 -4.91 3.51
C VAL A 521 36.88 -3.55 2.93
N ALA A 522 37.64 -2.51 3.31
CA ALA A 522 37.46 -1.20 2.71
C ALA A 522 37.69 -1.24 1.21
N GLN A 523 38.71 -1.98 0.78
CA GLN A 523 38.98 -2.16 -0.65
C GLN A 523 37.76 -2.74 -1.34
N VAL A 524 37.17 -3.79 -0.76
CA VAL A 524 36.05 -4.47 -1.39
C VAL A 524 34.85 -3.54 -1.50
N ARG A 525 34.48 -2.88 -0.39
CA ARG A 525 33.28 -2.05 -0.40
C ARG A 525 33.48 -0.83 -1.31
N GLY A 526 34.63 -0.16 -1.20
CA GLY A 526 34.90 0.97 -2.06
C GLY A 526 34.97 0.58 -3.52
N GLY A 527 35.48 -0.62 -3.81
CA GLY A 527 35.52 -1.09 -5.18
C GLY A 527 34.15 -1.36 -5.75
N MET A 528 33.28 -1.96 -4.92
CA MET A 528 31.89 -2.18 -5.35
C MET A 528 31.21 -0.85 -5.63
N VAL A 529 31.40 0.13 -4.75
CA VAL A 529 30.82 1.46 -4.96
C VAL A 529 31.37 2.10 -6.23
N PHE A 530 32.69 2.01 -6.43
CA PHE A 530 33.32 2.63 -7.59
C PHE A 530 32.86 1.98 -8.88
N GLU A 531 32.69 0.67 -8.88
CA GLU A 531 32.18 -0.02 -10.07
C GLU A 531 30.73 0.37 -10.34
N LEU A 532 29.92 0.47 -9.28
CA LEU A 532 28.54 0.89 -9.46
C LEU A 532 28.42 2.33 -9.92
N ALA A 533 29.40 3.18 -9.62
CA ALA A 533 29.32 4.59 -9.97
C ALA A 533 30.04 4.97 -11.25
N ASN A 534 30.99 4.15 -11.71
CA ASN A 534 31.82 4.51 -12.86
C ASN A 534 31.85 3.39 -13.90
N SER A 535 30.69 2.79 -14.15
CA SER A 535 30.53 1.79 -15.19
C SER A 535 29.63 2.34 -16.29
N ILE A 536 30.10 2.26 -17.53
CA ILE A 536 29.34 2.82 -18.64
C ILE A 536 27.98 2.12 -18.76
N VAL A 537 27.95 0.82 -18.51
CA VAL A 537 26.71 0.05 -18.42
C VAL A 537 26.62 -0.53 -17.02
N LEU A 538 25.42 -0.55 -16.45
CA LEU A 538 25.25 -1.02 -15.09
C LEU A 538 25.77 -2.44 -14.96
N PRO A 539 26.67 -2.71 -14.01
CA PRO A 539 27.34 -4.03 -13.93
C PRO A 539 26.48 -5.07 -13.23
N PHE A 540 25.30 -5.32 -13.78
CA PHE A 540 24.39 -6.33 -13.26
C PHE A 540 24.25 -7.47 -14.28
N ASP A 541 23.83 -8.62 -13.77
CA ASP A 541 23.63 -9.81 -14.60
C ASP A 541 22.28 -10.41 -14.25
N CYS A 542 21.33 -10.34 -15.19
CA CYS A 542 20.02 -10.91 -14.96
C CYS A 542 20.09 -12.43 -14.91
N ARG A 543 20.91 -13.04 -15.76
CA ARG A 543 20.94 -14.49 -15.90
C ARG A 543 21.11 -15.19 -14.56
N ASP A 544 22.11 -14.76 -13.80
CA ASP A 544 22.37 -15.36 -12.49
C ASP A 544 21.11 -15.33 -11.64
N TYR A 545 20.45 -14.16 -11.57
CA TYR A 545 19.16 -14.06 -10.91
C TYR A 545 18.25 -15.19 -11.36
N ALA A 546 17.95 -15.24 -12.66
CA ALA A 546 17.15 -16.31 -13.22
C ALA A 546 17.62 -17.65 -12.69
N VAL A 547 18.92 -17.92 -12.83
CA VAL A 547 19.49 -19.17 -12.35
C VAL A 547 19.09 -19.39 -10.89
N VAL A 548 19.52 -18.48 -10.01
CA VAL A 548 19.28 -18.70 -8.59
C VAL A 548 17.79 -18.77 -8.34
N LEU A 549 17.01 -18.03 -9.12
CA LEU A 549 15.56 -18.04 -8.94
C LEU A 549 15.03 -19.47 -8.95
N ARG A 550 15.41 -20.24 -9.98
CA ARG A 550 14.93 -21.60 -10.09
C ARG A 550 15.19 -22.36 -8.79
N LYS A 551 16.40 -22.21 -8.24
CA LYS A 551 16.75 -22.81 -6.97
C LYS A 551 15.66 -22.60 -5.93
N TYR A 552 15.37 -21.34 -5.58
CA TYR A 552 14.42 -21.12 -4.49
C TYR A 552 13.06 -21.67 -4.87
N ALA A 553 12.71 -21.62 -6.16
CA ALA A 553 11.47 -22.24 -6.61
C ALA A 553 11.41 -23.68 -6.12
N ASP A 554 12.42 -24.48 -6.49
CA ASP A 554 12.50 -25.84 -6.00
C ASP A 554 12.38 -25.86 -4.49
N LYS A 555 13.13 -24.98 -3.81
CA LYS A 555 13.04 -24.91 -2.36
C LYS A 555 11.61 -24.68 -1.90
N ILE A 556 10.97 -23.63 -2.44
CA ILE A 556 9.61 -23.34 -2.00
C ILE A 556 8.66 -24.43 -2.51
N TYR A 557 9.07 -25.15 -3.55
CA TYR A 557 8.29 -26.32 -3.96
C TYR A 557 8.45 -27.44 -2.94
N SER A 558 9.70 -27.70 -2.51
CA SER A 558 9.97 -28.87 -1.69
C SER A 558 9.20 -28.83 -0.38
N ILE A 559 9.19 -27.66 0.28
CA ILE A 559 8.43 -27.54 1.52
C ILE A 559 6.98 -27.90 1.31
N SER A 560 6.39 -27.43 0.20
CA SER A 560 5.01 -27.79 -0.10
C SER A 560 4.88 -29.29 -0.32
N MET A 561 5.88 -29.90 -0.94
CA MET A 561 5.87 -31.35 -1.14
C MET A 561 6.03 -32.11 0.16
N LYS A 562 6.28 -31.42 1.29
CA LYS A 562 6.16 -32.08 2.58
C LYS A 562 4.73 -32.52 2.85
N HIS A 563 3.76 -31.96 2.12
CA HIS A 563 2.37 -32.41 2.14
C HIS A 563 1.93 -32.66 0.71
N PRO A 564 2.28 -33.83 0.14
CA PRO A 564 1.84 -34.14 -1.23
C PRO A 564 0.33 -34.33 -1.31
N GLN A 565 -0.24 -35.11 -0.38
CA GLN A 565 -1.66 -35.42 -0.41
C GLN A 565 -2.50 -34.15 -0.42
N GLU A 566 -2.20 -33.22 0.49
CA GLU A 566 -2.91 -31.95 0.51
C GLU A 566 -2.78 -31.25 -0.83
N MET A 567 -1.57 -31.24 -1.39
CA MET A 567 -1.34 -30.56 -2.67
C MET A 567 -2.17 -31.16 -3.79
N LYS A 568 -2.67 -32.38 -3.61
CA LYS A 568 -3.56 -32.98 -4.58
C LYS A 568 -5.03 -32.72 -4.28
N THR A 569 -5.40 -32.62 -3.00
CA THR A 569 -6.81 -32.47 -2.66
C THR A 569 -7.33 -31.07 -2.95
N TYR A 570 -6.48 -30.05 -2.80
CA TYR A 570 -6.87 -28.68 -3.05
C TYR A 570 -6.35 -28.15 -4.38
N SER A 571 -5.82 -29.03 -5.24
CA SER A 571 -5.35 -28.66 -6.57
C SER A 571 -4.29 -27.56 -6.51
N VAL A 572 -3.46 -27.59 -5.47
CA VAL A 572 -2.39 -26.62 -5.33
C VAL A 572 -1.30 -26.97 -6.34
N SER A 573 -0.99 -26.03 -7.22
CA SER A 573 -0.04 -26.26 -8.30
C SER A 573 0.95 -25.11 -8.37
N PHE A 574 2.23 -25.44 -8.46
CA PHE A 574 3.29 -24.48 -8.69
C PHE A 574 3.65 -24.36 -10.16
N ASP A 575 2.88 -25.00 -11.04
CA ASP A 575 3.18 -24.95 -12.46
C ASP A 575 3.12 -23.54 -13.01
N SER A 576 2.24 -22.70 -12.47
CA SER A 576 2.26 -21.28 -12.83
C SER A 576 3.58 -20.64 -12.41
N LEU A 577 4.03 -20.94 -11.18
CA LEU A 577 5.30 -20.38 -10.71
C LEU A 577 6.47 -20.93 -11.51
N PHE A 578 6.46 -22.24 -11.79
CA PHE A 578 7.53 -22.83 -12.59
C PHE A 578 7.59 -22.25 -13.99
N SER A 579 6.42 -22.06 -14.62
CA SER A 579 6.38 -21.43 -15.93
C SER A 579 6.88 -19.99 -15.85
N ALA A 580 6.56 -19.29 -14.76
CA ALA A 580 7.08 -17.93 -14.58
C ALA A 580 8.60 -17.92 -14.51
N VAL A 581 9.19 -18.86 -13.77
CA VAL A 581 10.65 -18.91 -13.68
C VAL A 581 11.26 -19.29 -15.02
N LYS A 582 10.65 -20.24 -15.74
CA LYS A 582 11.17 -20.60 -17.05
C LYS A 582 11.08 -19.42 -18.02
N ASN A 583 9.97 -18.69 -18.00
CA ASN A 583 9.86 -17.45 -18.74
C ASN A 583 11.02 -16.52 -18.41
N PHE A 584 11.12 -16.13 -17.13
CA PHE A 584 12.21 -15.30 -16.65
C PHE A 584 13.55 -15.76 -17.20
N THR A 585 13.81 -17.06 -17.19
CA THR A 585 15.09 -17.57 -17.67
C THR A 585 15.27 -17.27 -19.16
N GLU A 586 14.27 -17.62 -19.98
CA GLU A 586 14.43 -17.40 -21.42
C GLU A 586 14.50 -15.92 -21.76
N ILE A 587 13.67 -15.10 -21.12
CA ILE A 587 13.64 -13.67 -21.41
C ILE A 587 14.93 -13.01 -20.93
N ALA A 588 15.47 -13.45 -19.80
CA ALA A 588 16.74 -12.91 -19.33
C ALA A 588 17.88 -13.33 -20.26
N SER A 589 17.84 -14.55 -20.78
CA SER A 589 18.85 -14.97 -21.76
C SER A 589 18.78 -14.10 -23.01
N LYS A 590 17.57 -13.85 -23.51
CA LYS A 590 17.42 -12.99 -24.68
C LYS A 590 17.88 -11.56 -24.39
N PHE A 591 17.55 -11.05 -23.21
CA PHE A 591 17.97 -9.71 -22.82
C PHE A 591 19.48 -9.60 -22.73
N SER A 592 20.13 -10.61 -22.17
CA SER A 592 21.58 -10.61 -22.09
C SER A 592 22.22 -10.71 -23.47
N GLU A 593 21.60 -11.49 -24.36
CA GLU A 593 22.09 -11.56 -25.73
C GLU A 593 21.99 -10.20 -26.42
N ARG A 594 20.88 -9.49 -26.20
CA ARG A 594 20.74 -8.14 -26.73
C ARG A 594 21.78 -7.20 -26.11
N LEU A 595 22.00 -7.34 -24.79
CA LEU A 595 22.93 -6.46 -24.08
C LEU A 595 24.36 -6.68 -24.54
N GLN A 596 24.70 -7.90 -24.97
CA GLN A 596 26.06 -8.19 -25.39
C GLN A 596 26.44 -7.43 -26.65
N ASP A 597 25.47 -7.10 -27.50
CA ASP A 597 25.77 -6.51 -28.81
C ASP A 597 25.02 -5.22 -29.10
N PHE A 598 24.20 -4.72 -28.17
CA PHE A 598 23.50 -3.47 -28.41
C PHE A 598 24.49 -2.31 -28.42
N ASP A 599 24.22 -1.32 -29.26
CA ASP A 599 25.15 -0.21 -29.43
C ASP A 599 25.26 0.61 -28.16
N LYS A 600 26.49 0.88 -27.74
CA LYS A 600 26.76 1.67 -26.55
C LYS A 600 27.04 3.14 -26.85
N SER A 601 27.35 3.47 -28.11
CA SER A 601 27.68 4.85 -28.46
C SER A 601 26.46 5.77 -28.39
N ASN A 602 25.25 5.23 -28.41
CA ASN A 602 24.04 6.05 -28.35
C ASN A 602 23.65 6.24 -26.88
N PRO A 603 23.72 7.45 -26.34
CA PRO A 603 23.33 7.65 -24.94
C PRO A 603 21.88 7.32 -24.64
N ILE A 604 20.98 7.49 -25.61
CA ILE A 604 19.56 7.23 -25.35
C ILE A 604 19.32 5.74 -25.14
N VAL A 605 19.87 4.90 -26.03
CA VAL A 605 19.68 3.45 -25.88
C VAL A 605 20.43 2.94 -24.66
N LEU A 606 21.61 3.50 -24.39
CA LEU A 606 22.34 3.12 -23.19
C LEU A 606 21.55 3.44 -21.93
N ARG A 607 20.93 4.64 -21.88
CA ARG A 607 20.08 4.99 -20.75
C ARG A 607 18.88 4.07 -20.68
N MET A 608 18.31 3.70 -21.83
CA MET A 608 17.18 2.77 -21.85
C MET A 608 17.55 1.44 -21.19
N MET A 609 18.68 0.86 -21.60
CA MET A 609 19.06 -0.44 -21.08
C MET A 609 19.51 -0.37 -19.63
N ASN A 610 20.18 0.73 -19.26
CA ASN A 610 20.53 0.93 -17.85
C ASN A 610 19.28 1.06 -16.98
N ASP A 611 18.26 1.75 -17.49
CA ASP A 611 16.98 1.81 -16.78
C ASP A 611 16.36 0.43 -16.67
N GLN A 612 16.42 -0.36 -17.74
CA GLN A 612 15.91 -1.73 -17.68
C GLN A 612 16.58 -2.51 -16.56
N LEU A 613 17.92 -2.49 -16.53
CA LEU A 613 18.66 -3.22 -15.49
C LEU A 613 18.33 -2.68 -14.10
N MET A 614 18.28 -1.35 -13.95
CA MET A 614 18.06 -0.76 -12.64
C MET A 614 16.66 -1.06 -12.12
N PHE A 615 15.64 -0.96 -12.98
CA PHE A 615 14.27 -1.21 -12.57
C PHE A 615 13.92 -2.70 -12.55
N LEU A 616 14.81 -3.57 -13.02
CA LEU A 616 14.58 -5.00 -12.91
C LEU A 616 14.38 -5.40 -11.46
N GLU A 617 15.24 -4.90 -10.56
CA GLU A 617 15.03 -5.10 -9.13
C GLU A 617 13.73 -4.42 -8.70
N ARG A 618 13.50 -3.19 -9.14
CA ARG A 618 12.28 -2.47 -8.80
C ARG A 618 11.04 -3.08 -9.42
N ALA A 619 11.19 -4.00 -10.37
CA ALA A 619 10.04 -4.74 -10.88
C ALA A 619 9.58 -5.83 -9.93
N PHE A 620 10.33 -6.09 -8.86
CA PHE A 620 10.03 -7.20 -7.96
C PHE A 620 9.15 -6.78 -6.79
N ILE A 621 9.21 -5.52 -6.36
CA ILE A 621 8.41 -5.09 -5.22
C ILE A 621 6.96 -4.89 -5.68
N ASP A 622 6.02 -5.19 -4.79
CA ASP A 622 4.62 -4.95 -5.09
C ASP A 622 4.09 -3.82 -4.22
N PRO A 623 3.43 -2.83 -4.81
CA PRO A 623 2.94 -1.69 -4.01
C PRO A 623 1.99 -2.11 -2.89
N LEU A 624 1.24 -3.18 -3.08
CA LEU A 624 0.42 -3.70 -1.98
C LEU A 624 1.29 -4.18 -0.83
N GLY A 625 2.41 -4.82 -1.13
CA GLY A 625 3.33 -5.28 -0.11
C GLY A 625 2.91 -6.61 0.49
N LEU A 626 3.79 -7.13 1.35
CA LEU A 626 3.51 -8.37 2.04
C LEU A 626 2.37 -8.16 3.05
N PRO A 627 1.60 -9.21 3.35
CA PRO A 627 0.46 -9.06 4.25
C PRO A 627 0.91 -8.58 5.64
N ASP A 628 0.16 -7.61 6.18
CA ASP A 628 0.38 -7.07 7.52
C ASP A 628 1.73 -6.38 7.65
N ARG A 629 2.51 -6.34 6.57
CA ARG A 629 3.83 -5.72 6.56
C ARG A 629 3.97 -4.86 5.30
N PRO A 630 3.28 -3.72 5.27
CA PRO A 630 3.31 -2.89 4.04
C PRO A 630 4.69 -2.41 3.65
N PHE A 631 5.60 -2.26 4.61
CA PHE A 631 6.92 -1.73 4.29
C PHE A 631 7.88 -2.82 3.82
N TYR A 632 7.52 -4.09 4.00
CA TYR A 632 8.24 -5.19 3.38
C TYR A 632 7.57 -5.52 2.06
N ARG A 633 8.17 -5.11 0.95
CA ARG A 633 7.54 -5.22 -0.35
C ARG A 633 8.17 -6.28 -1.24
N HIS A 634 9.46 -6.58 -1.07
CA HIS A 634 10.11 -7.61 -1.86
C HIS A 634 9.41 -8.95 -1.67
N VAL A 635 9.20 -9.66 -2.78
CA VAL A 635 8.57 -10.97 -2.76
C VAL A 635 9.58 -12.09 -2.91
N ILE A 636 10.87 -11.76 -2.94
CA ILE A 636 11.93 -12.75 -3.16
C ILE A 636 12.87 -12.85 -1.98
N TYR A 637 13.25 -11.72 -1.37
CA TYR A 637 14.24 -11.72 -0.32
C TYR A 637 13.78 -11.05 0.98
N ALA A 638 12.56 -10.55 1.05
CA ALA A 638 12.09 -9.91 2.27
C ALA A 638 12.04 -10.93 3.41
N PRO A 639 12.37 -10.52 4.63
CA PRO A 639 12.31 -11.44 5.76
C PRO A 639 10.90 -11.96 6.00
N SER A 640 10.82 -13.22 6.38
CA SER A 640 9.52 -13.84 6.67
C SER A 640 9.01 -13.41 8.04
N SER A 641 7.71 -13.60 8.24
CA SER A 641 7.13 -13.31 9.55
C SER A 641 7.58 -14.30 10.60
N HIS A 642 7.72 -15.57 10.22
CA HIS A 642 8.28 -16.60 11.08
C HIS A 642 9.63 -17.04 10.54
N ASN A 643 10.53 -17.39 11.47
CA ASN A 643 11.92 -17.75 11.13
C ASN A 643 12.59 -16.65 10.30
N LYS A 644 12.49 -15.41 10.78
CA LYS A 644 13.09 -14.28 10.09
C LYS A 644 14.60 -14.43 10.01
N TYR A 645 15.20 -15.07 11.01
CA TYR A 645 16.65 -15.27 11.01
C TYR A 645 17.10 -16.16 9.86
N ALA A 646 16.34 -17.23 9.59
CA ALA A 646 16.72 -18.20 8.57
C ALA A 646 16.76 -17.56 7.18
N GLY A 647 15.76 -16.75 6.85
CA GLY A 647 15.74 -16.07 5.58
C GLY A 647 15.46 -16.97 4.41
N GLU A 648 14.28 -17.58 4.37
CA GLU A 648 13.85 -18.37 3.23
C GLU A 648 13.16 -17.48 2.20
N SER A 649 13.47 -17.69 0.94
CA SER A 649 12.97 -16.82 -0.12
C SER A 649 11.50 -17.10 -0.39
N PHE A 650 10.91 -16.24 -1.22
CA PHE A 650 9.47 -16.19 -1.46
C PHE A 650 8.76 -16.10 -0.11
N PRO A 651 8.94 -14.99 0.62
CA PRO A 651 8.42 -14.94 1.99
C PRO A 651 6.92 -15.14 2.10
N GLY A 652 6.14 -14.63 1.14
CA GLY A 652 4.71 -14.80 1.21
C GLY A 652 4.27 -16.25 1.20
N ILE A 653 4.83 -17.03 0.27
CA ILE A 653 4.50 -18.46 0.22
C ILE A 653 5.00 -19.18 1.47
N TYR A 654 6.19 -18.84 1.93
CA TYR A 654 6.76 -19.53 3.09
C TYR A 654 5.93 -19.28 4.34
N ASP A 655 5.54 -18.03 4.58
CA ASP A 655 4.66 -17.73 5.71
C ASP A 655 3.31 -18.40 5.53
N ALA A 656 2.81 -18.43 4.29
CA ALA A 656 1.60 -19.22 4.01
C ALA A 656 1.84 -20.69 4.28
N LEU A 657 3.01 -21.20 3.87
CA LEU A 657 3.32 -22.62 4.06
C LEU A 657 3.78 -22.94 5.48
N PHE A 658 4.29 -21.95 6.22
CA PHE A 658 4.80 -22.21 7.55
C PHE A 658 3.68 -22.69 8.48
N ASP A 659 3.94 -23.81 9.17
CA ASP A 659 2.98 -24.39 10.11
C ASP A 659 1.63 -24.65 9.45
N ILE A 660 1.67 -25.05 8.18
CA ILE A 660 0.44 -25.27 7.42
C ILE A 660 -0.34 -26.47 7.96
N GLU A 661 0.33 -27.40 8.65
CA GLU A 661 -0.36 -28.59 9.15
C GLU A 661 -1.38 -28.24 10.21
N SER A 662 -1.04 -27.31 11.11
CA SER A 662 -1.92 -26.95 12.23
C SER A 662 -2.72 -25.71 11.84
N LYS A 663 -3.74 -25.93 11.02
CA LYS A 663 -4.67 -24.87 10.63
C LYS A 663 -6.09 -25.34 10.85
N VAL A 664 -6.94 -24.45 11.36
CA VAL A 664 -8.32 -24.80 11.65
C VAL A 664 -9.06 -25.15 10.36
N ASP A 665 -8.88 -24.33 9.32
CA ASP A 665 -9.49 -24.59 8.02
C ASP A 665 -8.40 -24.87 7.00
N PRO A 666 -8.11 -26.14 6.69
CA PRO A 666 -7.08 -26.43 5.68
C PRO A 666 -7.43 -25.87 4.31
N SER A 667 -8.71 -25.83 3.94
CA SER A 667 -9.10 -25.32 2.64
C SER A 667 -8.75 -23.84 2.51
N LYS A 668 -9.07 -23.05 3.53
CA LYS A 668 -8.77 -21.61 3.48
C LYS A 668 -7.27 -21.36 3.46
N ALA A 669 -6.51 -22.10 4.29
CA ALA A 669 -5.06 -21.92 4.31
C ALA A 669 -4.44 -22.30 2.98
N TRP A 670 -4.87 -23.40 2.38
CA TRP A 670 -4.32 -23.79 1.09
C TRP A 670 -4.77 -22.85 -0.02
N GLY A 671 -5.96 -22.26 0.09
CA GLY A 671 -6.35 -21.22 -0.84
C GLY A 671 -5.46 -20.00 -0.72
N GLU A 672 -5.09 -19.63 0.51
CA GLU A 672 -4.13 -18.55 0.70
C GLU A 672 -2.78 -18.91 0.08
N VAL A 673 -2.38 -20.18 0.20
CA VAL A 673 -1.15 -20.65 -0.43
C VAL A 673 -1.22 -20.48 -1.94
N LYS A 674 -2.36 -20.86 -2.54
CA LYS A 674 -2.54 -20.68 -3.98
C LYS A 674 -2.48 -19.20 -4.36
N ARG A 675 -3.08 -18.35 -3.53
CA ARG A 675 -3.03 -16.91 -3.79
C ARG A 675 -1.59 -16.41 -3.77
N GLN A 676 -0.79 -16.87 -2.80
CA GLN A 676 0.60 -16.46 -2.74
C GLN A 676 1.38 -16.96 -3.94
N ILE A 677 1.10 -18.20 -4.39
CA ILE A 677 1.76 -18.72 -5.58
C ILE A 677 1.40 -17.88 -6.79
N TYR A 678 0.13 -17.51 -6.92
CA TYR A 678 -0.31 -16.67 -8.03
C TYR A 678 0.38 -15.32 -8.00
N VAL A 679 0.48 -14.72 -6.80
CA VAL A 679 1.13 -13.41 -6.68
C VAL A 679 2.59 -13.50 -7.06
N ALA A 680 3.29 -14.54 -6.56
CA ALA A 680 4.70 -14.68 -6.87
C ALA A 680 4.93 -14.94 -8.36
N ALA A 681 4.12 -15.80 -8.96
CA ALA A 681 4.26 -16.07 -10.38
C ALA A 681 3.99 -14.81 -11.20
N PHE A 682 2.96 -14.05 -10.84
CA PHE A 682 2.66 -12.81 -11.55
C PHE A 682 3.82 -11.83 -11.42
N THR A 683 4.40 -11.71 -10.22
CA THR A 683 5.51 -10.78 -10.03
C THR A 683 6.73 -11.19 -10.85
N VAL A 684 7.04 -12.49 -10.88
CA VAL A 684 8.18 -12.95 -11.67
C VAL A 684 7.94 -12.70 -13.14
N GLN A 685 6.73 -12.99 -13.62
CA GLN A 685 6.40 -12.74 -15.03
C GLN A 685 6.44 -11.25 -15.34
N ALA A 686 6.00 -10.41 -14.40
CA ALA A 686 6.04 -8.97 -14.61
C ALA A 686 7.48 -8.47 -14.71
N ALA A 687 8.36 -8.99 -13.86
CA ALA A 687 9.78 -8.64 -13.97
C ALA A 687 10.35 -9.10 -15.31
N ALA A 688 9.97 -10.30 -15.75
CA ALA A 688 10.45 -10.79 -17.04
C ALA A 688 9.99 -9.89 -18.18
N GLU A 689 8.72 -9.47 -18.16
CA GLU A 689 8.21 -8.55 -19.16
C GLU A 689 8.90 -7.19 -19.07
N THR A 690 9.21 -6.74 -17.85
CA THR A 690 10.02 -5.54 -17.69
C THR A 690 11.37 -5.70 -18.37
N LEU A 691 11.91 -6.92 -18.39
CA LEU A 691 13.13 -7.21 -19.13
C LEU A 691 12.87 -7.61 -20.57
N SER A 692 11.61 -7.70 -20.99
CA SER A 692 11.28 -8.07 -22.36
C SER A 692 11.50 -6.88 -23.29
N GLU A 693 11.38 -7.15 -24.59
CA GLU A 693 11.58 -6.12 -25.60
C GLU A 693 10.53 -5.02 -25.46
N VAL A 694 10.95 -3.78 -25.65
CA VAL A 694 10.09 -2.63 -25.50
C VAL A 694 9.56 -2.21 -26.87
N ALA A 695 8.24 -2.10 -26.98
CA ALA A 695 7.57 -1.67 -28.20
C ALA A 695 7.92 -2.55 -29.41
N HIS B 1 5.07 13.37 -40.63
CA HIS B 1 5.26 14.63 -41.35
C HIS B 1 5.34 15.80 -40.38
N ASN B 2 4.18 16.28 -39.95
CA ASN B 2 4.11 17.43 -39.05
C ASN B 2 2.71 17.49 -38.44
N MET B 3 2.43 18.59 -37.75
CA MET B 3 1.12 18.79 -37.12
C MET B 3 0.01 18.84 -38.18
N LYS B 4 0.10 19.83 -39.07
CA LYS B 4 -0.99 20.08 -40.02
C LYS B 4 -1.27 18.86 -40.89
N ALA B 5 -0.22 18.14 -41.29
CA ALA B 5 -0.42 16.94 -42.09
C ALA B 5 -1.24 15.89 -41.34
N PHE B 6 -1.23 15.93 -40.00
CA PHE B 6 -2.06 15.02 -39.24
C PHE B 6 -3.47 15.58 -39.06
N LEU B 7 -3.59 16.86 -38.70
CA LEU B 7 -4.92 17.41 -38.46
C LEU B 7 -5.78 17.41 -39.72
N ASP B 8 -5.20 17.76 -40.88
CA ASP B 8 -6.00 17.81 -42.09
C ASP B 8 -6.35 16.42 -42.62
N GLU B 9 -5.62 15.40 -42.20
CA GLU B 9 -5.88 14.03 -42.68
C GLU B 9 -7.22 13.51 -42.17
N LEU B 10 -7.68 14.00 -41.03
CA LEU B 10 -8.94 13.52 -40.47
C LEU B 10 -10.11 13.92 -41.37
N LYS B 11 -10.96 12.94 -41.69
CA LYS B 11 -12.12 13.16 -42.54
C LYS B 11 -13.38 12.93 -41.72
N ALA B 12 -14.34 13.87 -41.85
CA ALA B 12 -15.61 13.71 -41.16
C ALA B 12 -16.43 12.56 -41.75
N GLU B 13 -16.32 12.34 -43.06
CA GLU B 13 -17.07 11.26 -43.70
C GLU B 13 -16.60 9.89 -43.20
N ASN B 14 -15.29 9.73 -42.97
CA ASN B 14 -14.80 8.48 -42.43
C ASN B 14 -15.33 8.22 -41.02
N ILE B 15 -15.37 9.26 -40.18
CA ILE B 15 -15.96 9.13 -38.86
C ILE B 15 -17.44 8.77 -38.98
N LYS B 16 -18.13 9.39 -39.94
CA LYS B 16 -19.54 9.06 -40.19
C LYS B 16 -19.70 7.58 -40.51
N LYS B 17 -18.88 7.07 -41.42
CA LYS B 17 -18.99 5.67 -41.83
C LYS B 17 -18.67 4.73 -40.68
N PHE B 18 -17.61 5.03 -39.92
CA PHE B 18 -17.24 4.19 -38.79
C PHE B 18 -18.33 4.17 -37.72
N LEU B 19 -18.91 5.33 -37.43
CA LEU B 19 -20.01 5.39 -36.46
C LEU B 19 -21.22 4.61 -36.96
N TYR B 20 -21.51 4.71 -38.26
CA TYR B 20 -22.59 3.91 -38.83
C TYR B 20 -22.31 2.42 -38.66
N ASN B 21 -21.08 2.00 -38.92
CA ASN B 21 -20.72 0.59 -38.85
C ASN B 21 -20.82 0.06 -37.43
N PHE B 22 -20.29 0.81 -36.46
CA PHE B 22 -20.22 0.30 -35.09
C PHE B 22 -21.58 0.29 -34.39
N THR B 23 -22.62 0.83 -35.01
CA THR B 23 -23.91 1.00 -34.34
C THR B 23 -25.05 0.22 -34.97
N GLN B 24 -24.78 -0.66 -35.94
CA GLN B 24 -25.85 -1.44 -36.55
C GLN B 24 -26.28 -2.59 -35.66
N ILE B 25 -25.38 -3.11 -34.84
CA ILE B 25 -25.68 -4.24 -33.97
C ILE B 25 -25.17 -3.91 -32.58
N PRO B 26 -25.75 -4.52 -31.54
CA PRO B 26 -25.22 -4.33 -30.20
C PRO B 26 -23.82 -4.91 -30.05
N HIS B 27 -23.05 -4.31 -29.14
CA HIS B 27 -21.69 -4.76 -28.88
C HIS B 27 -21.44 -4.84 -27.38
N LEU B 28 -22.39 -5.44 -26.65
CA LEU B 28 -22.25 -5.56 -25.21
C LEU B 28 -21.04 -6.41 -24.85
N ALA B 29 -20.39 -6.03 -23.74
CA ALA B 29 -19.12 -6.66 -23.36
C ALA B 29 -19.31 -8.14 -23.03
N GLY B 30 -18.29 -8.92 -23.35
CA GLY B 30 -18.33 -10.36 -23.10
C GLY B 30 -19.34 -11.10 -23.92
N THR B 31 -19.51 -10.73 -25.19
CA THR B 31 -20.46 -11.38 -26.07
C THR B 31 -19.77 -11.67 -27.40
N GLU B 32 -20.41 -12.54 -28.19
CA GLU B 32 -19.83 -12.94 -29.47
C GLU B 32 -19.72 -11.75 -30.42
N GLN B 33 -20.72 -10.87 -30.43
CA GLN B 33 -20.66 -9.70 -31.30
C GLN B 33 -19.53 -8.78 -30.91
N ASN B 34 -19.31 -8.57 -29.60
CA ASN B 34 -18.21 -7.74 -29.15
C ASN B 34 -16.87 -8.38 -29.51
N PHE B 35 -16.78 -9.71 -29.41
CA PHE B 35 -15.55 -10.40 -29.80
C PHE B 35 -15.28 -10.22 -31.29
N GLN B 36 -16.33 -10.32 -32.10
CA GLN B 36 -16.18 -10.11 -33.54
C GLN B 36 -15.73 -8.68 -33.83
N LEU B 37 -16.32 -7.70 -33.13
CA LEU B 37 -15.91 -6.32 -33.30
C LEU B 37 -14.46 -6.12 -32.90
N ALA B 38 -14.03 -6.75 -31.81
CA ALA B 38 -12.64 -6.66 -31.40
C ALA B 38 -11.70 -7.24 -32.45
N LYS B 39 -12.07 -8.38 -33.01
CA LYS B 39 -11.26 -8.99 -34.07
C LYS B 39 -11.18 -8.07 -35.28
N GLN B 40 -12.32 -7.45 -35.65
CA GLN B 40 -12.33 -6.51 -36.77
C GLN B 40 -11.45 -5.31 -36.49
N ILE B 41 -11.52 -4.78 -35.26
CA ILE B 41 -10.69 -3.63 -34.89
C ILE B 41 -9.22 -3.99 -34.98
N GLN B 42 -8.85 -5.17 -34.48
CA GLN B 42 -7.47 -5.63 -34.60
C GLN B 42 -7.05 -5.71 -36.06
N SER B 43 -7.90 -6.30 -36.90
CA SER B 43 -7.55 -6.46 -38.31
C SER B 43 -7.34 -5.11 -38.99
N GLN B 44 -8.29 -4.19 -38.79
CA GLN B 44 -8.21 -2.87 -39.42
C GLN B 44 -6.99 -2.11 -38.93
N TRP B 45 -6.74 -2.12 -37.62
CA TRP B 45 -5.54 -1.48 -37.11
C TRP B 45 -4.28 -2.11 -37.69
N LYS B 46 -4.37 -3.40 -38.04
CA LYS B 46 -3.21 -4.06 -38.63
C LYS B 46 -2.93 -3.57 -40.05
N GLU B 47 -3.94 -3.51 -40.93
CA GLU B 47 -3.49 -3.10 -42.26
C GLU B 47 -3.45 -1.58 -42.39
N PHE B 48 -3.90 -0.84 -41.37
CA PHE B 48 -3.60 0.60 -41.35
C PHE B 48 -2.10 0.86 -41.28
N GLY B 49 -1.32 -0.10 -40.78
CA GLY B 49 0.11 0.06 -40.64
C GLY B 49 0.63 0.08 -39.22
N LEU B 50 -0.20 -0.22 -38.23
CA LEU B 50 0.22 -0.16 -36.84
C LEU B 50 1.36 -1.15 -36.58
N ASP B 51 2.28 -0.76 -35.71
CA ASP B 51 3.50 -1.54 -35.50
C ASP B 51 3.18 -2.93 -34.98
N SER B 52 2.37 -3.03 -33.94
CA SER B 52 1.98 -4.33 -33.43
C SER B 52 0.64 -4.21 -32.73
N VAL B 53 -0.34 -5.00 -33.14
CA VAL B 53 -1.64 -5.03 -32.49
C VAL B 53 -1.81 -6.38 -31.82
N GLU B 54 -1.98 -6.37 -30.51
CA GLU B 54 -2.27 -7.58 -29.74
C GLU B 54 -3.68 -7.52 -29.21
N LEU B 55 -4.18 -8.70 -28.83
CA LEU B 55 -5.53 -8.87 -28.30
C LEU B 55 -5.40 -9.43 -26.88
N ALA B 56 -5.27 -8.53 -25.91
CA ALA B 56 -5.21 -8.97 -24.52
C ALA B 56 -6.55 -9.53 -24.09
N HIS B 57 -6.51 -10.56 -23.26
CA HIS B 57 -7.72 -11.27 -22.83
C HIS B 57 -7.68 -11.45 -21.32
N TYR B 58 -8.84 -11.24 -20.69
CA TYR B 58 -8.93 -11.37 -19.24
C TYR B 58 -10.26 -11.98 -18.84
N ASP B 59 -10.22 -13.02 -18.02
CA ASP B 59 -11.44 -13.66 -17.53
C ASP B 59 -11.93 -12.86 -16.33
N VAL B 60 -12.83 -11.92 -16.59
CA VAL B 60 -13.30 -10.98 -15.56
C VAL B 60 -14.77 -11.26 -15.28
N LEU B 61 -15.18 -10.95 -14.05
CA LEU B 61 -16.59 -11.10 -13.68
C LEU B 61 -17.44 -10.08 -14.42
N LEU B 62 -18.61 -10.51 -14.87
CA LEU B 62 -19.58 -9.65 -15.54
C LEU B 62 -20.98 -10.12 -15.16
N SER B 63 -21.98 -9.34 -15.55
CA SER B 63 -23.36 -9.64 -15.24
C SER B 63 -24.21 -9.51 -16.49
N TYR B 64 -25.17 -10.42 -16.63
CA TYR B 64 -26.13 -10.35 -17.72
C TYR B 64 -27.50 -10.77 -17.22
N PRO B 65 -28.56 -10.14 -17.71
CA PRO B 65 -29.91 -10.65 -17.43
C PRO B 65 -30.17 -11.90 -18.25
N ASN B 66 -30.68 -12.93 -17.59
CA ASN B 66 -30.90 -14.21 -18.26
C ASN B 66 -32.00 -14.07 -19.30
N LYS B 67 -31.90 -14.84 -20.39
CA LYS B 67 -32.81 -14.65 -21.50
C LYS B 67 -34.18 -15.25 -21.23
N THR B 68 -34.23 -16.37 -20.51
CA THR B 68 -35.51 -17.04 -20.30
C THR B 68 -36.41 -16.25 -19.36
N HIS B 69 -35.87 -15.75 -18.25
CA HIS B 69 -36.66 -15.05 -17.24
C HIS B 69 -36.41 -13.55 -17.35
N PRO B 70 -37.38 -12.76 -17.79
CA PRO B 70 -37.18 -11.31 -17.90
C PRO B 70 -37.27 -10.63 -16.53
N ASN B 71 -36.63 -9.46 -16.45
CA ASN B 71 -36.63 -8.65 -15.24
C ASN B 71 -37.52 -7.42 -15.43
N TYR B 72 -38.28 -7.09 -14.38
CA TYR B 72 -39.29 -6.04 -14.45
C TYR B 72 -39.72 -5.70 -13.02
N ILE B 73 -40.75 -4.85 -12.91
CA ILE B 73 -41.34 -4.48 -11.63
C ILE B 73 -42.85 -4.64 -11.75
N SER B 74 -43.46 -5.17 -10.68
CA SER B 74 -44.89 -5.39 -10.66
C SER B 74 -45.50 -4.78 -9.41
N ILE B 75 -46.71 -4.24 -9.55
CA ILE B 75 -47.47 -3.74 -8.42
C ILE B 75 -48.38 -4.88 -7.97
N ILE B 76 -48.01 -5.52 -6.86
CA ILE B 76 -48.72 -6.69 -6.36
C ILE B 76 -49.74 -6.24 -5.32
N ASN B 77 -50.98 -6.72 -5.47
CA ASN B 77 -52.03 -6.41 -4.52
C ASN B 77 -51.89 -7.27 -3.27
N GLU B 78 -52.83 -7.09 -2.34
CA GLU B 78 -52.81 -7.88 -1.11
C GLU B 78 -53.05 -9.36 -1.39
N ASP B 79 -53.95 -9.66 -2.33
CA ASP B 79 -54.27 -11.05 -2.62
C ASP B 79 -53.07 -11.79 -3.22
N GLY B 80 -52.23 -11.08 -3.96
CA GLY B 80 -51.05 -11.69 -4.55
C GLY B 80 -50.97 -11.52 -6.06
N ASN B 81 -52.09 -11.16 -6.68
CA ASN B 81 -52.11 -10.97 -8.12
C ASN B 81 -51.34 -9.70 -8.50
N GLU B 82 -50.87 -9.69 -9.74
CA GLU B 82 -50.08 -8.59 -10.27
C GLU B 82 -51.00 -7.64 -11.03
N ILE B 83 -50.93 -6.35 -10.70
CA ILE B 83 -51.82 -5.35 -11.29
C ILE B 83 -51.12 -4.63 -12.43
N PHE B 84 -50.01 -3.97 -12.13
CA PHE B 84 -49.26 -3.20 -13.11
C PHE B 84 -47.91 -3.86 -13.35
N ASN B 85 -47.48 -3.86 -14.61
CA ASN B 85 -46.22 -4.46 -15.00
C ASN B 85 -45.35 -3.43 -15.71
N THR B 86 -44.07 -3.41 -15.36
CA THR B 86 -43.11 -2.53 -16.01
C THR B 86 -42.70 -3.12 -17.36
N SER B 87 -42.50 -2.25 -18.34
CA SER B 87 -42.11 -2.68 -19.68
C SER B 87 -40.90 -3.60 -19.64
N LEU B 88 -41.10 -4.84 -20.12
CA LEU B 88 -40.04 -5.84 -20.13
C LEU B 88 -38.88 -5.45 -21.04
N PHE B 89 -39.07 -4.51 -21.95
CA PHE B 89 -38.03 -4.08 -22.86
C PHE B 89 -38.40 -2.73 -23.43
N GLU B 90 -37.38 -1.93 -23.78
CA GLU B 90 -37.63 -0.65 -24.39
C GLU B 90 -38.21 -0.84 -25.79
N PRO B 91 -39.10 0.04 -26.24
CA PRO B 91 -39.60 -0.02 -27.61
C PRO B 91 -38.45 0.10 -28.60
N PRO B 92 -38.42 -0.76 -29.61
CA PRO B 92 -37.30 -0.72 -30.54
C PRO B 92 -37.32 0.56 -31.36
N PRO B 93 -36.14 1.09 -31.68
CA PRO B 93 -36.08 2.29 -32.52
C PRO B 93 -36.44 1.96 -33.95
N PRO B 94 -36.95 2.92 -34.70
CA PRO B 94 -37.25 2.67 -36.12
C PRO B 94 -36.00 2.25 -36.88
N GLY B 95 -36.16 1.24 -37.75
CA GLY B 95 -35.07 0.74 -38.55
C GLY B 95 -34.21 -0.32 -37.90
N TYR B 96 -34.47 -0.66 -36.62
CA TYR B 96 -33.68 -1.67 -35.93
C TYR B 96 -34.56 -2.75 -35.29
N GLU B 97 -35.73 -3.03 -35.88
CA GLU B 97 -36.62 -4.02 -35.30
C GLU B 97 -36.08 -5.44 -35.47
N ASN B 98 -35.38 -5.70 -36.58
CA ASN B 98 -34.93 -7.05 -36.87
C ASN B 98 -33.82 -7.49 -35.93
N VAL B 99 -33.08 -6.54 -35.35
CA VAL B 99 -32.00 -6.88 -34.44
C VAL B 99 -32.57 -7.49 -33.17
N SER B 100 -32.01 -8.62 -32.77
CA SER B 100 -32.51 -9.37 -31.61
C SER B 100 -31.51 -9.47 -30.47
N ASP B 101 -30.42 -8.71 -30.52
CA ASP B 101 -29.43 -8.69 -29.45
C ASP B 101 -29.62 -7.51 -28.51
N ILE B 102 -30.79 -6.88 -28.54
CA ILE B 102 -31.08 -5.75 -27.67
C ILE B 102 -31.31 -6.28 -26.26
N VAL B 103 -30.34 -6.10 -25.39
CA VAL B 103 -30.47 -6.55 -24.00
C VAL B 103 -31.47 -5.64 -23.28
N PRO B 104 -32.46 -6.21 -22.58
CA PRO B 104 -33.46 -5.39 -21.89
C PRO B 104 -32.82 -4.47 -20.87
N PRO B 105 -33.51 -3.41 -20.45
CA PRO B 105 -32.93 -2.51 -19.45
C PRO B 105 -32.62 -3.26 -18.16
N PHE B 106 -31.48 -2.92 -17.57
CA PHE B 106 -30.98 -3.57 -16.36
C PHE B 106 -29.76 -2.82 -15.87
N SER B 107 -29.47 -2.99 -14.59
CA SER B 107 -28.27 -2.42 -13.97
C SER B 107 -27.28 -3.54 -13.68
N ALA B 108 -26.03 -3.35 -14.09
CA ALA B 108 -25.04 -4.39 -14.01
C ALA B 108 -24.70 -4.71 -12.55
N PHE B 109 -24.32 -5.97 -12.31
CA PHE B 109 -23.89 -6.45 -11.00
C PHE B 109 -24.99 -6.32 -9.95
N SER B 110 -26.25 -6.31 -10.40
CA SER B 110 -27.37 -6.32 -9.48
C SER B 110 -27.59 -7.74 -8.99
N PRO B 111 -27.51 -8.00 -7.69
CA PRO B 111 -27.74 -9.36 -7.20
C PRO B 111 -29.18 -9.79 -7.39
N GLN B 112 -29.37 -11.10 -7.52
CA GLN B 112 -30.71 -11.64 -7.70
C GLN B 112 -31.55 -11.42 -6.44
N GLY B 113 -32.85 -11.61 -6.59
CA GLY B 113 -33.78 -11.48 -5.49
C GLY B 113 -35.15 -11.04 -5.99
N MET B 114 -36.15 -11.19 -5.11
CA MET B 114 -37.53 -10.82 -5.41
C MET B 114 -38.07 -9.98 -4.26
N PRO B 115 -37.51 -8.79 -4.03
CA PRO B 115 -37.94 -8.00 -2.88
C PRO B 115 -39.37 -7.51 -3.03
N GLU B 116 -40.07 -7.41 -1.89
CA GLU B 116 -41.42 -6.88 -1.86
C GLU B 116 -41.58 -5.97 -0.65
N GLY B 117 -42.37 -4.93 -0.82
CA GLY B 117 -42.60 -3.97 0.23
C GLY B 117 -43.01 -2.63 -0.34
N ASP B 118 -43.13 -1.64 0.55
CA ASP B 118 -43.59 -0.33 0.18
C ASP B 118 -42.51 0.45 -0.57
N LEU B 119 -42.90 1.61 -1.09
CA LEU B 119 -42.01 2.45 -1.88
C LEU B 119 -41.91 3.84 -1.25
N VAL B 120 -40.68 4.38 -1.24
CA VAL B 120 -40.41 5.70 -0.68
C VAL B 120 -39.61 6.49 -1.70
N TYR B 121 -40.12 7.66 -2.08
CA TYR B 121 -39.38 8.56 -2.96
C TYR B 121 -38.22 9.18 -2.20
N VAL B 122 -37.05 9.20 -2.82
CA VAL B 122 -35.84 9.63 -2.12
C VAL B 122 -35.13 10.74 -2.88
N ASN B 123 -35.88 11.49 -3.67
CA ASN B 123 -35.35 12.62 -4.47
C ASN B 123 -34.22 12.08 -5.33
N TYR B 124 -33.07 12.75 -5.41
CA TYR B 124 -31.92 12.26 -6.16
C TYR B 124 -31.12 11.22 -5.40
N ALA B 125 -31.64 10.73 -4.27
CA ALA B 125 -30.95 9.73 -3.44
C ALA B 125 -29.59 10.22 -2.98
N ARG B 126 -29.41 11.54 -2.86
CA ARG B 126 -28.16 12.10 -2.38
C ARG B 126 -28.02 11.87 -0.89
N THR B 127 -26.79 12.03 -0.39
CA THR B 127 -26.56 11.97 1.05
C THR B 127 -27.37 13.04 1.77
N GLU B 128 -27.44 14.23 1.17
CA GLU B 128 -28.28 15.29 1.73
C GLU B 128 -29.75 14.91 1.68
N ASP B 129 -30.18 14.18 0.64
CA ASP B 129 -31.57 13.74 0.56
C ASP B 129 -31.93 12.82 1.72
N PHE B 130 -31.09 11.82 1.99
CA PHE B 130 -31.32 10.97 3.17
C PHE B 130 -31.23 11.79 4.44
N PHE B 131 -30.29 12.73 4.50
CA PHE B 131 -30.10 13.55 5.68
C PHE B 131 -31.41 14.27 6.00
N LYS B 132 -32.08 14.76 4.94
CA LYS B 132 -33.44 15.27 5.08
C LYS B 132 -34.41 14.20 5.56
N LEU B 133 -34.39 13.02 4.92
CA LEU B 133 -35.45 12.04 5.16
C LEU B 133 -35.49 11.53 6.61
N GLU B 134 -34.35 11.30 7.25
CA GLU B 134 -34.43 10.94 8.67
C GLU B 134 -34.22 12.11 9.60
N ARG B 135 -33.46 13.14 9.25
CA ARG B 135 -33.27 14.22 10.23
C ARG B 135 -34.55 14.99 10.49
N ASP B 136 -35.25 15.39 9.42
CA ASP B 136 -36.45 16.19 9.56
C ASP B 136 -37.70 15.47 9.09
N MET B 137 -37.61 14.72 7.99
CA MET B 137 -38.80 14.07 7.44
C MET B 137 -39.24 12.88 8.29
N LYS B 138 -38.31 12.24 9.01
CA LYS B 138 -38.63 11.17 9.95
C LYS B 138 -39.36 10.00 9.30
N ILE B 139 -38.71 9.31 8.37
CA ILE B 139 -39.30 8.12 7.75
C ILE B 139 -38.33 6.96 7.93
N ASN B 140 -38.86 5.79 8.29
CA ASN B 140 -38.05 4.60 8.47
C ASN B 140 -37.65 4.02 7.11
N CYS B 141 -36.54 4.50 6.54
CA CYS B 141 -36.11 4.06 5.23
C CYS B 141 -35.69 2.59 5.19
N SER B 142 -35.38 1.99 6.33
CA SER B 142 -34.91 0.62 6.36
C SER B 142 -36.04 -0.35 5.98
N GLY B 143 -35.69 -1.37 5.20
CA GLY B 143 -36.63 -2.41 4.86
C GLY B 143 -37.70 -2.01 3.87
N LYS B 144 -37.49 -0.95 3.10
CA LYS B 144 -38.47 -0.46 2.13
C LYS B 144 -37.79 -0.16 0.81
N ILE B 145 -38.43 -0.55 -0.28
CA ILE B 145 -37.92 -0.25 -1.62
C ILE B 145 -37.97 1.25 -1.83
N VAL B 146 -36.92 1.79 -2.45
CA VAL B 146 -36.84 3.22 -2.73
C VAL B 146 -36.84 3.45 -4.23
N ILE B 147 -37.33 4.61 -4.64
CA ILE B 147 -37.35 5.03 -6.04
C ILE B 147 -36.54 6.32 -6.14
N ALA B 148 -35.56 6.33 -7.04
CA ALA B 148 -34.63 7.44 -7.15
C ALA B 148 -34.62 7.98 -8.58
N ARG B 149 -34.27 9.26 -8.71
CA ARG B 149 -34.18 9.93 -10.00
C ARG B 149 -32.72 10.08 -10.37
N TYR B 150 -32.42 9.95 -11.66
CA TYR B 150 -31.05 10.07 -12.13
C TYR B 150 -30.56 11.52 -12.01
N GLY B 151 -29.25 11.67 -11.91
CA GLY B 151 -28.64 12.97 -11.96
C GLY B 151 -27.99 13.37 -10.63
N LYS B 152 -26.97 14.21 -10.75
CA LYS B 152 -26.30 14.89 -9.63
C LYS B 152 -25.43 13.97 -8.80
N VAL B 153 -25.53 12.65 -9.02
CA VAL B 153 -24.80 11.65 -8.24
C VAL B 153 -24.57 10.43 -9.14
N PHE B 154 -23.40 9.82 -9.02
CA PHE B 154 -23.18 8.54 -9.67
C PHE B 154 -24.08 7.47 -9.06
N ARG B 155 -24.47 6.49 -9.88
CA ARG B 155 -25.37 5.45 -9.43
C ARG B 155 -24.78 4.66 -8.27
N GLY B 156 -23.46 4.45 -8.27
CA GLY B 156 -22.85 3.67 -7.20
C GLY B 156 -23.02 4.32 -5.84
N ASN B 157 -22.82 5.63 -5.76
CA ASN B 157 -23.04 6.33 -4.50
C ASN B 157 -24.51 6.28 -4.10
N LYS B 158 -25.41 6.34 -5.08
CA LYS B 158 -26.84 6.27 -4.78
C LYS B 158 -27.20 4.95 -4.13
N VAL B 159 -26.75 3.84 -4.72
CA VAL B 159 -27.08 2.54 -4.13
C VAL B 159 -26.32 2.32 -2.83
N LYS B 160 -25.13 2.90 -2.70
CA LYS B 160 -24.41 2.81 -1.43
C LYS B 160 -25.20 3.48 -0.32
N ASN B 161 -25.70 4.69 -0.56
CA ASN B 161 -26.51 5.38 0.44
C ASN B 161 -27.82 4.65 0.69
N ALA B 162 -28.40 4.02 -0.34
CA ALA B 162 -29.60 3.21 -0.15
C ALA B 162 -29.32 2.04 0.79
N GLN B 163 -28.19 1.36 0.60
CA GLN B 163 -27.80 0.30 1.52
C GLN B 163 -27.59 0.85 2.93
N LEU B 164 -26.94 2.01 3.04
CA LEU B 164 -26.69 2.59 4.35
C LEU B 164 -27.98 2.93 5.08
N ALA B 165 -29.04 3.23 4.34
CA ALA B 165 -30.34 3.55 4.94
C ALA B 165 -31.20 2.30 5.16
N GLY B 166 -30.70 1.12 4.82
CA GLY B 166 -31.45 -0.10 5.02
C GLY B 166 -32.47 -0.42 3.95
N ALA B 167 -32.32 0.14 2.75
CA ALA B 167 -33.28 -0.10 1.69
C ALA B 167 -33.24 -1.55 1.24
N LYS B 168 -34.40 -2.08 0.87
CA LYS B 168 -34.52 -3.44 0.37
C LYS B 168 -34.37 -3.51 -1.15
N GLY B 169 -34.68 -2.43 -1.86
CA GLY B 169 -34.53 -2.39 -3.29
C GLY B 169 -34.52 -0.97 -3.79
N VAL B 170 -33.79 -0.74 -4.88
CA VAL B 170 -33.66 0.59 -5.47
C VAL B 170 -34.17 0.52 -6.90
N ILE B 171 -35.06 1.44 -7.25
CA ILE B 171 -35.59 1.58 -8.61
C ILE B 171 -35.10 2.91 -9.16
N LEU B 172 -34.54 2.89 -10.35
CA LEU B 172 -33.96 4.07 -10.97
C LEU B 172 -34.82 4.51 -12.16
N TYR B 173 -35.22 5.77 -12.15
CA TYR B 173 -35.95 6.35 -13.27
C TYR B 173 -35.42 7.75 -13.52
N SER B 174 -35.62 8.24 -14.73
CA SER B 174 -35.13 9.56 -15.15
C SER B 174 -36.31 10.49 -15.30
N ASP B 175 -36.38 11.49 -14.43
CA ASP B 175 -37.49 12.45 -14.48
C ASP B 175 -37.31 13.38 -15.67
N PRO B 176 -38.38 13.65 -16.44
CA PRO B 176 -38.23 14.53 -17.60
C PRO B 176 -37.71 15.91 -17.26
N ALA B 177 -38.09 16.48 -16.13
CA ALA B 177 -37.52 17.77 -15.72
C ALA B 177 -36.00 17.68 -15.63
N ASP B 178 -35.48 16.49 -15.41
CA ASP B 178 -34.04 16.25 -15.44
C ASP B 178 -33.55 15.71 -16.78
N TYR B 179 -34.44 15.16 -17.60
CA TYR B 179 -34.03 14.56 -18.87
C TYR B 179 -35.03 14.86 -19.99
N PHE B 180 -35.48 16.11 -20.08
CA PHE B 180 -36.37 16.52 -21.16
C PHE B 180 -36.21 18.02 -21.37
N ALA B 181 -35.49 18.41 -22.41
CA ALA B 181 -35.33 19.82 -22.74
C ALA B 181 -36.64 20.38 -23.26
N PRO B 182 -37.13 21.51 -22.73
CA PRO B 182 -38.38 22.07 -23.24
C PRO B 182 -38.26 22.49 -24.70
N GLY B 183 -39.36 22.34 -25.43
CA GLY B 183 -39.40 22.75 -26.82
C GLY B 183 -38.71 21.80 -27.78
N VAL B 184 -38.42 20.57 -27.37
CA VAL B 184 -37.77 19.58 -28.20
C VAL B 184 -38.59 18.30 -28.18
N LYS B 185 -38.82 17.72 -29.35
CA LYS B 185 -39.58 16.49 -29.46
C LYS B 185 -38.77 15.30 -28.92
N SER B 186 -39.46 14.18 -28.74
CA SER B 186 -38.84 12.96 -28.27
C SER B 186 -38.51 12.06 -29.46
N TYR B 187 -37.58 11.14 -29.25
CA TYR B 187 -37.16 10.24 -30.32
C TYR B 187 -38.33 9.37 -30.76
N PRO B 188 -38.49 9.10 -32.07
CA PRO B 188 -37.62 9.52 -33.17
C PRO B 188 -37.97 10.89 -33.74
N ASP B 189 -38.91 11.61 -33.14
CA ASP B 189 -39.25 12.95 -33.62
C ASP B 189 -38.17 13.96 -33.23
N GLY B 190 -37.60 13.82 -32.03
CA GLY B 190 -36.55 14.70 -31.58
C GLY B 190 -35.45 13.96 -30.86
N TRP B 191 -34.70 14.64 -29.99
CA TRP B 191 -33.62 14.02 -29.24
C TRP B 191 -33.92 13.95 -27.74
N ASN B 192 -35.17 14.14 -27.34
CA ASN B 192 -35.54 14.05 -25.94
C ASN B 192 -35.77 12.58 -25.58
N LEU B 193 -36.18 12.35 -24.34
CA LEU B 193 -36.35 11.00 -23.83
C LEU B 193 -37.77 10.51 -24.07
N PRO B 194 -37.98 9.48 -24.89
CA PRO B 194 -39.31 8.89 -25.01
C PRO B 194 -39.70 8.18 -23.72
N GLY B 195 -41.01 7.97 -23.57
CA GLY B 195 -41.53 7.37 -22.35
C GLY B 195 -40.95 6.01 -22.06
N GLY B 196 -40.51 5.29 -23.08
CA GLY B 196 -39.87 4.00 -22.89
C GLY B 196 -38.38 4.03 -22.71
N GLY B 197 -37.75 5.18 -22.95
CA GLY B 197 -36.31 5.30 -22.79
C GLY B 197 -35.85 5.06 -21.37
N VAL B 198 -34.87 4.18 -21.20
CA VAL B 198 -34.36 3.80 -19.89
C VAL B 198 -32.84 3.90 -19.91
N GLN B 199 -32.28 4.62 -18.94
CA GLN B 199 -30.84 4.68 -18.79
C GLN B 199 -30.32 3.45 -18.07
N ARG B 200 -29.18 2.94 -18.52
CA ARG B 200 -28.60 1.71 -18.01
C ARG B 200 -27.17 1.97 -17.54
N GLY B 201 -26.86 1.51 -16.33
CA GLY B 201 -25.56 1.75 -15.74
C GLY B 201 -25.20 0.66 -14.74
N ASN B 202 -23.99 0.77 -14.20
CA ASN B 202 -23.44 -0.21 -13.28
C ASN B 202 -23.50 0.32 -11.86
N ILE B 203 -24.04 -0.49 -10.95
CA ILE B 203 -24.01 -0.18 -9.52
C ILE B 203 -22.77 -0.81 -8.90
N LEU B 204 -21.63 -0.11 -8.96
CA LEU B 204 -20.37 -0.62 -8.45
C LEU B 204 -19.58 0.47 -7.76
N ASN B 205 -19.23 0.24 -6.49
CA ASN B 205 -18.28 1.09 -5.79
C ASN B 205 -16.90 0.47 -5.81
N LEU B 206 -16.30 0.36 -7.00
CA LEU B 206 -15.01 -0.30 -7.13
C LEU B 206 -13.91 0.48 -6.43
N ASN B 207 -14.02 1.81 -6.39
CA ASN B 207 -12.99 2.68 -5.83
C ASN B 207 -11.65 2.44 -6.49
N GLY B 208 -11.67 2.19 -7.81
CA GLY B 208 -10.46 1.95 -8.57
C GLY B 208 -9.91 0.54 -8.48
N ALA B 209 -10.59 -0.37 -7.77
CA ALA B 209 -10.11 -1.74 -7.66
C ALA B 209 -10.10 -2.45 -9.01
N GLY B 210 -11.16 -2.25 -9.80
CA GLY B 210 -11.27 -2.91 -11.08
C GLY B 210 -12.11 -4.17 -11.03
N ASP B 211 -11.52 -5.31 -11.37
CA ASP B 211 -12.20 -6.58 -11.27
C ASP B 211 -12.55 -6.86 -9.81
N PRO B 212 -13.83 -7.08 -9.48
CA PRO B 212 -14.19 -7.34 -8.07
C PRO B 212 -13.66 -8.64 -7.52
N LEU B 213 -12.91 -9.43 -8.29
CA LEU B 213 -12.36 -10.69 -7.82
C LEU B 213 -10.84 -10.75 -7.81
N THR B 214 -10.15 -9.81 -8.45
CA THR B 214 -8.68 -9.76 -8.45
C THR B 214 -8.22 -8.33 -8.19
N PRO B 215 -8.41 -7.82 -6.97
CA PRO B 215 -8.01 -6.43 -6.68
C PRO B 215 -6.49 -6.33 -6.60
N GLY B 216 -5.91 -5.50 -7.47
CA GLY B 216 -4.49 -5.24 -7.46
C GLY B 216 -3.67 -6.12 -8.37
N TYR B 217 -4.24 -7.20 -8.90
CA TYR B 217 -3.52 -8.10 -9.79
C TYR B 217 -4.39 -8.45 -10.99
N PRO B 218 -3.80 -8.62 -12.17
CA PRO B 218 -4.60 -8.95 -13.35
C PRO B 218 -5.25 -10.32 -13.23
N ALA B 219 -6.41 -10.45 -13.86
CA ALA B 219 -7.15 -11.71 -13.88
C ALA B 219 -6.63 -12.59 -15.01
N ASN B 220 -5.41 -13.05 -14.84
CA ASN B 220 -4.75 -13.88 -15.84
C ASN B 220 -5.38 -15.28 -15.85
N GLU B 221 -4.87 -16.13 -16.74
CA GLU B 221 -5.37 -17.50 -16.82
C GLU B 221 -5.07 -18.28 -15.55
N TYR B 222 -3.90 -18.07 -14.96
CA TYR B 222 -3.48 -18.78 -13.75
C TYR B 222 -3.86 -18.03 -12.48
N ALA B 223 -4.83 -17.13 -12.56
CA ALA B 223 -5.19 -16.29 -11.42
C ALA B 223 -6.00 -17.07 -10.40
N TYR B 224 -6.18 -16.46 -9.23
CA TYR B 224 -6.95 -17.04 -8.13
C TYR B 224 -8.07 -16.07 -7.77
N ARG B 225 -9.26 -16.34 -8.29
CA ARG B 225 -10.41 -15.49 -8.01
C ARG B 225 -10.87 -15.69 -6.58
N ARG B 226 -11.16 -14.58 -5.89
CA ARG B 226 -11.72 -14.67 -4.56
C ARG B 226 -13.15 -15.18 -4.62
N GLY B 227 -13.67 -15.55 -3.45
CA GLY B 227 -15.07 -15.91 -3.35
C GLY B 227 -15.97 -14.71 -3.54
N ILE B 228 -17.24 -14.99 -3.88
CA ILE B 228 -18.19 -13.92 -4.13
C ILE B 228 -18.46 -13.10 -2.88
N ALA B 229 -18.23 -13.68 -1.69
CA ALA B 229 -18.42 -12.94 -0.45
C ALA B 229 -17.37 -11.85 -0.28
N GLU B 230 -16.11 -12.16 -0.60
CA GLU B 230 -15.02 -11.22 -0.44
C GLU B 230 -14.80 -10.34 -1.66
N ALA B 231 -15.82 -10.18 -2.51
CA ALA B 231 -15.72 -9.26 -3.63
C ALA B 231 -15.73 -7.82 -3.12
N VAL B 232 -15.17 -6.92 -3.94
CA VAL B 232 -15.03 -5.52 -3.59
C VAL B 232 -16.00 -4.71 -4.45
N GLY B 233 -16.82 -3.90 -3.79
CA GLY B 233 -17.74 -3.01 -4.47
C GLY B 233 -19.06 -3.63 -4.89
N LEU B 234 -19.26 -4.92 -4.67
CA LEU B 234 -20.50 -5.57 -5.09
C LEU B 234 -21.65 -5.13 -4.21
N PRO B 235 -22.73 -4.58 -4.77
CA PRO B 235 -23.90 -4.24 -3.95
C PRO B 235 -24.62 -5.49 -3.48
N SER B 236 -25.29 -5.35 -2.34
CA SER B 236 -26.08 -6.43 -1.77
C SER B 236 -27.58 -6.13 -1.84
N ILE B 237 -28.02 -5.53 -2.94
CA ILE B 237 -29.41 -5.11 -3.08
C ILE B 237 -29.78 -5.06 -4.56
N PRO B 238 -30.92 -5.63 -4.95
CA PRO B 238 -31.28 -5.65 -6.38
C PRO B 238 -31.72 -4.28 -6.88
N VAL B 239 -31.19 -3.87 -8.02
CA VAL B 239 -31.48 -2.58 -8.63
C VAL B 239 -31.69 -2.79 -10.12
N HIS B 240 -32.71 -2.12 -10.68
CA HIS B 240 -32.92 -2.21 -12.11
C HIS B 240 -33.68 -0.99 -12.60
N PRO B 241 -33.20 -0.29 -13.63
CA PRO B 241 -33.80 0.98 -14.03
C PRO B 241 -35.08 0.80 -14.81
N ILE B 242 -35.87 1.87 -14.84
CA ILE B 242 -37.11 1.95 -15.59
C ILE B 242 -37.16 3.29 -16.32
N GLY B 243 -38.24 3.48 -17.11
CA GLY B 243 -38.48 4.74 -17.77
C GLY B 243 -39.31 5.68 -16.90
N TYR B 244 -39.75 6.78 -17.49
CA TYR B 244 -40.58 7.72 -16.77
C TYR B 244 -42.07 7.54 -17.03
N TYR B 245 -42.45 6.90 -18.13
CA TYR B 245 -43.86 6.54 -18.33
C TYR B 245 -44.35 5.63 -17.21
N ASP B 246 -43.75 4.44 -17.10
CA ASP B 246 -44.13 3.50 -16.05
C ASP B 246 -43.86 4.07 -14.67
N ALA B 247 -42.83 4.91 -14.53
CA ALA B 247 -42.61 5.58 -13.25
C ALA B 247 -43.79 6.46 -12.88
N GLN B 248 -44.29 7.23 -13.85
CA GLN B 248 -45.47 8.06 -13.60
C GLN B 248 -46.67 7.21 -13.24
N LYS B 249 -46.88 6.10 -13.98
CA LYS B 249 -47.95 5.18 -13.61
C LYS B 249 -47.73 4.58 -12.21
N LEU B 250 -46.50 4.59 -11.72
CA LEU B 250 -46.18 4.07 -10.40
C LEU B 250 -46.15 5.18 -9.35
N LEU B 251 -45.59 6.34 -9.71
CA LEU B 251 -45.46 7.42 -8.74
C LEU B 251 -46.80 8.03 -8.36
N GLU B 252 -47.78 8.01 -9.28
CA GLU B 252 -49.05 8.69 -9.01
C GLU B 252 -49.77 8.08 -7.83
N LYS B 253 -49.77 6.74 -7.73
CA LYS B 253 -50.54 6.07 -6.70
C LYS B 253 -49.96 6.28 -5.30
N MET B 254 -48.68 6.60 -5.20
CA MET B 254 -48.08 6.80 -3.89
C MET B 254 -48.59 8.09 -3.25
N GLY B 255 -48.77 8.05 -1.94
CA GLY B 255 -49.26 9.20 -1.20
C GLY B 255 -48.65 9.23 0.19
N GLY B 256 -48.54 10.44 0.72
CA GLY B 256 -47.97 10.61 2.04
C GLY B 256 -47.54 12.05 2.26
N SER B 257 -46.35 12.20 2.84
CA SER B 257 -45.82 13.52 3.12
C SER B 257 -45.50 14.27 1.83
N ALA B 258 -45.87 15.55 1.82
CA ALA B 258 -45.58 16.39 0.67
C ALA B 258 -44.08 16.57 0.50
N PRO B 259 -43.60 16.80 -0.72
CA PRO B 259 -42.16 17.01 -0.93
C PRO B 259 -41.67 18.22 -0.15
N PRO B 260 -40.56 18.08 0.57
CA PRO B 260 -40.14 19.15 1.49
C PRO B 260 -39.85 20.48 0.82
N ASP B 261 -39.32 20.49 -0.40
CA ASP B 261 -38.98 21.73 -1.08
C ASP B 261 -39.32 21.63 -2.56
N SER B 262 -39.03 22.71 -3.28
CA SER B 262 -39.31 22.76 -4.71
C SER B 262 -38.46 21.76 -5.48
N SER B 263 -37.20 21.59 -5.09
CA SER B 263 -36.30 20.68 -5.80
C SER B 263 -36.72 19.22 -5.64
N TRP B 264 -37.64 18.92 -4.72
CA TRP B 264 -38.13 17.56 -4.55
C TRP B 264 -39.33 17.31 -5.46
N ARG B 265 -39.44 18.08 -6.54
CA ARG B 265 -40.53 17.97 -7.50
C ARG B 265 -39.96 17.87 -8.91
N GLY B 266 -40.82 17.50 -9.85
CA GLY B 266 -40.38 17.33 -11.22
C GLY B 266 -41.52 17.60 -12.19
N SER B 267 -41.22 17.40 -13.48
CA SER B 267 -42.17 17.71 -14.53
C SER B 267 -43.28 16.68 -14.66
N LEU B 268 -43.08 15.47 -14.13
CA LEU B 268 -44.12 14.45 -14.19
C LEU B 268 -45.34 14.90 -13.40
N LYS B 269 -46.53 14.57 -13.92
CA LYS B 269 -47.79 14.96 -13.29
C LYS B 269 -47.97 14.03 -12.09
N VAL B 270 -47.20 14.31 -11.04
CA VAL B 270 -47.28 13.55 -9.79
C VAL B 270 -47.29 14.52 -8.62
N PRO B 271 -47.96 14.16 -7.54
CA PRO B 271 -47.77 14.91 -6.29
C PRO B 271 -46.34 14.87 -5.78
N TYR B 272 -45.54 13.91 -6.22
CA TYR B 272 -44.13 13.77 -5.84
C TYR B 272 -43.96 13.61 -4.33
N ASN B 273 -44.95 13.04 -3.67
CA ASN B 273 -44.92 12.91 -2.23
C ASN B 273 -43.84 11.94 -1.79
N VAL B 274 -43.34 12.13 -0.56
CA VAL B 274 -42.26 11.31 -0.03
C VAL B 274 -42.75 10.16 0.82
N GLY B 275 -44.00 10.18 1.27
CA GLY B 275 -44.52 9.19 2.20
C GLY B 275 -44.52 7.78 1.64
N PRO B 276 -44.29 6.81 2.52
CA PRO B 276 -44.32 5.40 2.09
C PRO B 276 -45.71 4.93 1.76
N GLY B 277 -45.78 3.92 0.90
CA GLY B 277 -47.05 3.29 0.58
C GLY B 277 -47.84 3.99 -0.50
N PHE B 278 -48.95 3.40 -0.91
CA PHE B 278 -49.83 3.98 -1.92
C PHE B 278 -51.09 4.46 -1.21
N THR B 279 -51.02 5.69 -0.69
CA THR B 279 -52.11 6.22 0.12
C THR B 279 -53.40 6.31 -0.68
N GLY B 280 -54.48 5.83 -0.09
CA GLY B 280 -55.78 5.76 -0.74
C GLY B 280 -56.47 4.45 -0.43
N ASN B 281 -57.39 4.09 -1.32
CA ASN B 281 -58.11 2.84 -1.19
C ASN B 281 -57.24 1.66 -1.61
N PHE B 282 -56.06 1.96 -2.17
CA PHE B 282 -55.14 0.95 -2.68
C PHE B 282 -53.83 0.95 -1.89
N SER B 283 -53.93 1.06 -0.56
CA SER B 283 -52.74 1.03 0.28
C SER B 283 -52.16 -0.37 0.45
N THR B 284 -52.96 -1.41 0.23
CA THR B 284 -52.47 -2.78 0.42
C THR B 284 -51.40 -3.15 -0.60
N GLN B 285 -51.60 -2.75 -1.86
CA GLN B 285 -50.68 -3.12 -2.92
C GLN B 285 -49.32 -2.44 -2.72
N LYS B 286 -48.28 -3.09 -3.25
CA LYS B 286 -46.91 -2.62 -3.05
C LYS B 286 -46.05 -3.07 -4.21
N VAL B 287 -44.87 -2.46 -4.30
CA VAL B 287 -43.92 -2.72 -5.38
C VAL B 287 -43.24 -4.06 -5.14
N LYS B 288 -42.94 -4.78 -6.23
CA LYS B 288 -42.18 -6.02 -6.19
C LYS B 288 -41.22 -6.05 -7.37
N MET B 289 -39.97 -6.36 -7.09
CA MET B 289 -38.92 -6.35 -8.09
C MET B 289 -38.63 -7.76 -8.58
N HIS B 290 -38.11 -7.86 -9.80
CA HIS B 290 -38.07 -9.15 -10.50
C HIS B 290 -36.72 -9.36 -11.19
N ILE B 291 -35.62 -9.04 -10.51
CA ILE B 291 -34.31 -9.24 -11.12
C ILE B 291 -33.92 -10.70 -11.01
N HIS B 292 -33.58 -11.32 -12.14
CA HIS B 292 -33.05 -12.68 -12.18
C HIS B 292 -31.76 -12.73 -12.99
N SER B 293 -30.95 -11.68 -12.88
CA SER B 293 -29.68 -11.60 -13.60
C SER B 293 -28.68 -12.61 -13.04
N THR B 294 -27.54 -12.73 -13.72
CA THR B 294 -26.50 -13.66 -13.32
C THR B 294 -25.15 -12.97 -13.41
N ASN B 295 -24.27 -13.32 -12.46
CA ASN B 295 -22.88 -12.87 -12.44
C ASN B 295 -22.01 -14.07 -12.78
N GLU B 296 -21.31 -13.99 -13.91
CA GLU B 296 -20.47 -15.08 -14.38
C GLU B 296 -19.13 -14.52 -14.84
N VAL B 297 -18.11 -15.37 -14.80
CA VAL B 297 -16.79 -14.99 -15.28
C VAL B 297 -16.76 -15.17 -16.80
N THR B 298 -16.58 -14.06 -17.52
CA THR B 298 -16.56 -14.06 -18.96
C THR B 298 -15.24 -13.45 -19.43
N ARG B 299 -14.78 -13.93 -20.58
CA ARG B 299 -13.51 -13.45 -21.14
C ARG B 299 -13.75 -12.15 -21.88
N ILE B 300 -13.11 -11.07 -21.43
CA ILE B 300 -13.17 -9.76 -22.08
C ILE B 300 -11.90 -9.57 -22.89
N TYR B 301 -11.99 -8.76 -23.94
CA TYR B 301 -10.94 -8.62 -24.93
C TYR B 301 -10.62 -7.14 -25.13
N ASN B 302 -9.36 -6.78 -24.89
CA ASN B 302 -8.87 -5.42 -25.11
C ASN B 302 -7.91 -5.44 -26.29
N VAL B 303 -8.18 -4.63 -27.30
CA VAL B 303 -7.34 -4.56 -28.49
C VAL B 303 -6.31 -3.45 -28.27
N ILE B 304 -5.06 -3.83 -28.04
CA ILE B 304 -4.00 -2.88 -27.76
C ILE B 304 -3.10 -2.79 -28.98
N GLY B 305 -3.06 -1.62 -29.60
CA GLY B 305 -2.15 -1.37 -30.71
C GLY B 305 -1.01 -0.47 -30.30
N THR B 306 0.20 -1.01 -30.29
CA THR B 306 1.39 -0.27 -29.95
C THR B 306 2.10 0.13 -31.24
N LEU B 307 2.34 1.43 -31.39
CA LEU B 307 3.11 1.98 -32.50
C LEU B 307 4.42 2.49 -31.91
N ARG B 308 5.51 1.81 -32.26
CA ARG B 308 6.77 2.00 -31.57
C ARG B 308 7.37 3.38 -31.83
N GLY B 309 7.91 3.99 -30.78
CA GLY B 309 8.57 5.26 -30.93
C GLY B 309 9.93 5.14 -31.60
N ALA B 310 10.39 6.27 -32.14
CA ALA B 310 11.65 6.31 -32.87
C ALA B 310 12.83 6.75 -32.03
N VAL B 311 12.63 7.69 -31.11
CA VAL B 311 13.71 8.24 -30.30
C VAL B 311 13.71 7.64 -28.90
N GLU B 312 12.55 7.60 -28.24
CA GLU B 312 12.40 7.09 -26.88
C GLU B 312 11.30 6.05 -26.88
N PRO B 313 11.60 4.83 -27.36
CA PRO B 313 10.55 3.79 -27.43
C PRO B 313 9.94 3.44 -26.09
N ASP B 314 10.69 3.60 -25.00
CA ASP B 314 10.18 3.24 -23.68
C ASP B 314 8.99 4.12 -23.31
N ARG B 315 9.04 5.40 -23.66
CA ARG B 315 8.02 6.35 -23.23
C ARG B 315 6.73 6.10 -23.99
N TYR B 316 5.68 5.70 -23.26
CA TYR B 316 4.40 5.34 -23.85
C TYR B 316 3.39 6.46 -23.62
N VAL B 317 2.76 6.93 -24.70
CA VAL B 317 1.63 7.83 -24.63
C VAL B 317 0.40 7.02 -25.02
N ILE B 318 -0.53 6.87 -24.08
CA ILE B 318 -1.66 5.97 -24.25
C ILE B 318 -2.90 6.77 -24.60
N LEU B 319 -3.57 6.39 -25.68
CA LEU B 319 -4.85 6.98 -26.09
C LEU B 319 -5.83 5.84 -26.25
N GLY B 320 -6.83 5.77 -25.38
CA GLY B 320 -7.75 4.64 -25.39
C GLY B 320 -9.11 5.03 -24.87
N GLY B 321 -10.12 4.35 -25.38
CA GLY B 321 -11.48 4.50 -24.91
C GLY B 321 -12.22 3.20 -25.09
N HIS B 322 -13.30 3.06 -24.32
CA HIS B 322 -14.00 1.78 -24.31
C HIS B 322 -14.86 1.62 -25.56
N ARG B 323 -15.23 0.36 -25.82
CA ARG B 323 -16.01 0.01 -26.99
C ARG B 323 -17.31 -0.72 -26.68
N ASP B 324 -17.45 -1.25 -25.47
CA ASP B 324 -18.69 -1.90 -25.07
C ASP B 324 -19.84 -0.89 -25.04
N SER B 325 -21.06 -1.41 -25.17
CA SER B 325 -22.23 -0.56 -25.12
C SER B 325 -23.44 -1.41 -24.78
N TRP B 326 -24.36 -0.84 -24.00
CA TRP B 326 -25.55 -1.56 -23.59
C TRP B 326 -26.40 -1.92 -24.81
N VAL B 327 -26.55 -0.96 -25.73
CA VAL B 327 -27.29 -1.10 -26.97
C VAL B 327 -26.36 -0.47 -27.99
N PHE B 328 -26.78 -0.31 -29.26
CA PHE B 328 -25.91 0.18 -30.33
C PHE B 328 -24.98 1.32 -29.89
N GLY B 329 -25.40 2.14 -28.95
CA GLY B 329 -24.49 3.12 -28.36
C GLY B 329 -23.99 4.16 -29.35
N GLY B 330 -24.89 4.73 -30.13
CA GLY B 330 -24.51 5.66 -31.19
C GLY B 330 -23.71 6.85 -30.73
N ILE B 331 -24.05 7.39 -29.56
CA ILE B 331 -23.37 8.61 -29.12
C ILE B 331 -22.28 8.29 -28.09
N ASP B 332 -22.40 7.18 -27.38
CA ASP B 332 -21.31 6.72 -26.52
C ASP B 332 -21.30 5.19 -26.49
N PRO B 333 -20.13 4.57 -26.67
CA PRO B 333 -18.83 5.15 -26.97
C PRO B 333 -18.53 5.11 -28.45
N GLN B 334 -19.48 4.63 -29.27
CA GLN B 334 -19.19 4.39 -30.68
C GLN B 334 -18.88 5.67 -31.41
N SER B 335 -19.38 6.82 -30.93
CA SER B 335 -18.89 8.09 -31.43
C SER B 335 -17.42 8.29 -31.07
N GLY B 336 -17.09 8.11 -29.80
CA GLY B 336 -15.70 8.15 -29.39
C GLY B 336 -14.88 7.03 -29.99
N ALA B 337 -15.48 5.84 -30.14
CA ALA B 337 -14.79 4.73 -30.78
C ALA B 337 -14.45 5.05 -32.23
N ALA B 338 -15.38 5.66 -32.96
CA ALA B 338 -15.11 6.07 -34.34
C ALA B 338 -14.05 7.16 -34.38
N VAL B 339 -14.10 8.09 -33.43
CA VAL B 339 -13.05 9.11 -33.34
C VAL B 339 -11.69 8.46 -33.17
N VAL B 340 -11.59 7.52 -32.24
CA VAL B 340 -10.33 6.82 -31.99
C VAL B 340 -9.88 6.07 -33.23
N HIS B 341 -10.83 5.39 -33.90
CA HIS B 341 -10.49 4.65 -35.10
C HIS B 341 -9.97 5.58 -36.19
N GLU B 342 -10.53 6.78 -36.30
CA GLU B 342 -10.06 7.72 -37.30
C GLU B 342 -8.66 8.24 -36.97
N ILE B 343 -8.38 8.49 -35.68
CA ILE B 343 -7.01 8.87 -35.31
C ILE B 343 -6.04 7.74 -35.62
N VAL B 344 -6.46 6.49 -35.36
CA VAL B 344 -5.62 5.34 -35.68
C VAL B 344 -5.37 5.26 -37.19
N ARG B 345 -6.41 5.49 -37.99
CA ARG B 345 -6.25 5.46 -39.44
C ARG B 345 -5.28 6.54 -39.92
N SER B 346 -5.41 7.75 -39.39
CA SER B 346 -4.50 8.83 -39.78
C SER B 346 -3.07 8.53 -39.37
N PHE B 347 -2.89 8.00 -38.15
CA PHE B 347 -1.54 7.66 -37.69
C PHE B 347 -0.96 6.53 -38.53
N GLY B 348 -1.78 5.56 -38.93
CA GLY B 348 -1.30 4.50 -39.79
C GLY B 348 -0.91 4.99 -41.17
N THR B 349 -1.68 5.95 -41.71
CA THR B 349 -1.31 6.55 -42.98
C THR B 349 0.02 7.30 -42.85
N LEU B 350 0.21 8.04 -41.76
CA LEU B 350 1.48 8.72 -41.53
C LEU B 350 2.62 7.72 -41.42
N LYS B 351 2.39 6.60 -40.75
CA LYS B 351 3.39 5.53 -40.68
C LYS B 351 3.71 4.99 -42.07
N LYS B 352 2.68 4.78 -42.89
CA LYS B 352 2.89 4.36 -44.28
C LYS B 352 3.76 5.37 -45.01
N GLU B 353 3.59 6.66 -44.73
CA GLU B 353 4.46 7.66 -45.33
C GLU B 353 5.91 7.46 -44.92
N GLY B 354 6.14 7.10 -43.66
CA GLY B 354 7.49 6.87 -43.18
C GLY B 354 7.78 7.59 -41.88
N TRP B 355 6.82 8.41 -41.43
CA TRP B 355 6.99 9.16 -40.20
C TRP B 355 6.95 8.24 -38.99
N ARG B 356 7.71 8.61 -37.97
CA ARG B 356 7.79 7.85 -36.72
C ARG B 356 7.76 8.83 -35.55
N PRO B 357 6.91 8.59 -34.55
CA PRO B 357 6.86 9.51 -33.41
C PRO B 357 8.10 9.39 -32.53
N ARG B 358 8.32 10.45 -31.74
CA ARG B 358 9.42 10.44 -30.79
C ARG B 358 9.09 9.67 -29.51
N ARG B 359 7.85 9.24 -29.34
CA ARG B 359 7.45 8.40 -28.23
C ARG B 359 6.47 7.35 -28.71
N THR B 360 6.58 6.14 -28.16
CA THR B 360 5.68 5.06 -28.52
C THR B 360 4.26 5.40 -28.12
N ILE B 361 3.31 5.13 -29.01
CA ILE B 361 1.90 5.44 -28.80
C ILE B 361 1.12 4.15 -28.60
N LEU B 362 0.30 4.11 -27.57
CA LEU B 362 -0.44 2.91 -27.20
C LEU B 362 -1.94 3.19 -27.35
N PHE B 363 -2.48 2.89 -28.52
CA PHE B 363 -3.93 2.92 -28.72
C PHE B 363 -4.52 1.68 -28.07
N ALA B 364 -5.74 1.80 -27.54
CA ALA B 364 -6.34 0.68 -26.84
C ALA B 364 -7.86 0.77 -26.90
N SER B 365 -8.47 -0.13 -27.67
CA SER B 365 -9.91 -0.35 -27.60
C SER B 365 -10.15 -1.24 -26.39
N TRP B 366 -10.57 -0.61 -25.29
CA TRP B 366 -10.80 -1.32 -24.05
C TRP B 366 -12.11 -2.10 -24.10
N ASP B 367 -12.48 -2.69 -22.98
CA ASP B 367 -13.67 -3.53 -22.91
C ASP B 367 -14.19 -3.55 -21.48
N ALA B 368 -15.45 -3.97 -21.35
CA ALA B 368 -16.13 -4.19 -20.07
C ALA B 368 -16.21 -2.94 -19.21
N GLU B 369 -16.02 -1.74 -19.79
CA GLU B 369 -16.02 -0.52 -19.00
C GLU B 369 -17.40 -0.21 -18.45
N GLU B 370 -18.45 -0.50 -19.22
CA GLU B 370 -19.81 -0.27 -18.73
C GLU B 370 -20.12 -1.16 -17.53
N PHE B 371 -19.32 -2.19 -17.30
CA PHE B 371 -19.42 -3.08 -16.14
C PHE B 371 -18.41 -2.72 -15.06
N GLY B 372 -18.16 -1.44 -14.84
CA GLY B 372 -17.01 -1.02 -14.07
C GLY B 372 -15.77 -0.93 -14.93
N LEU B 373 -14.75 -0.28 -14.40
CA LEU B 373 -13.57 0.00 -15.22
C LEU B 373 -12.84 -1.26 -15.67
N LEU B 374 -13.15 -2.41 -15.06
CA LEU B 374 -12.68 -3.75 -15.43
C LEU B 374 -11.46 -3.80 -16.34
N GLY B 375 -11.68 -3.68 -17.65
CA GLY B 375 -10.64 -3.93 -18.62
C GLY B 375 -9.42 -3.04 -18.53
N SER B 376 -9.64 -1.73 -18.43
CA SER B 376 -8.52 -0.80 -18.33
C SER B 376 -7.73 -1.05 -17.04
N THR B 377 -8.44 -1.27 -15.94
CA THR B 377 -7.77 -1.55 -14.67
C THR B 377 -6.96 -2.83 -14.74
N GLU B 378 -7.51 -3.88 -15.35
CA GLU B 378 -6.78 -5.15 -15.43
C GLU B 378 -5.54 -5.01 -16.32
N TRP B 379 -5.67 -4.31 -17.45
CA TRP B 379 -4.52 -4.15 -18.32
C TRP B 379 -3.46 -3.28 -17.67
N ALA B 380 -3.87 -2.32 -16.85
CA ALA B 380 -2.92 -1.49 -16.11
C ALA B 380 -2.23 -2.31 -15.01
N GLU B 381 -3.01 -3.15 -14.32
CA GLU B 381 -2.49 -4.00 -13.27
C GLU B 381 -1.44 -4.96 -13.81
N GLU B 382 -1.71 -5.53 -14.99
CA GLU B 382 -0.76 -6.44 -15.61
C GLU B 382 0.53 -5.71 -15.98
N ASN B 383 0.40 -4.47 -16.47
CA ASN B 383 1.56 -3.72 -16.93
C ASN B 383 1.87 -2.52 -16.04
N SER B 384 1.59 -2.65 -14.73
CA SER B 384 1.86 -1.55 -13.82
C SER B 384 3.35 -1.24 -13.73
N ARG B 385 4.19 -2.28 -13.71
CA ARG B 385 5.63 -2.07 -13.58
C ARG B 385 6.17 -1.31 -14.79
N LEU B 386 5.66 -1.59 -15.98
CA LEU B 386 6.13 -0.90 -17.17
C LEU B 386 5.63 0.54 -17.21
N LEU B 387 4.35 0.75 -16.88
CA LEU B 387 3.76 2.08 -17.01
C LEU B 387 4.29 3.04 -15.94
N GLN B 388 4.50 2.53 -14.72
CA GLN B 388 4.94 3.41 -13.63
C GLN B 388 6.31 4.02 -13.91
N GLU B 389 7.12 3.37 -14.73
CA GLU B 389 8.43 3.90 -15.09
C GLU B 389 8.53 4.38 -16.53
N ARG B 390 7.52 4.12 -17.36
CA ARG B 390 7.60 4.45 -18.77
C ARG B 390 6.41 5.22 -19.32
N GLY B 391 5.27 5.24 -18.64
CA GLY B 391 4.14 5.99 -19.13
C GLY B 391 4.36 7.48 -19.02
N VAL B 392 3.84 8.22 -19.99
CA VAL B 392 3.95 9.68 -20.05
C VAL B 392 2.60 10.35 -19.79
N ALA B 393 1.60 10.06 -20.61
CA ALA B 393 0.28 10.63 -20.43
C ALA B 393 -0.76 9.68 -21.01
N TYR B 394 -2.00 9.82 -20.54
CA TYR B 394 -3.11 9.00 -20.98
C TYR B 394 -4.25 9.90 -21.44
N ILE B 395 -4.48 9.97 -22.75
CA ILE B 395 -5.53 10.79 -23.30
C ILE B 395 -6.77 9.92 -23.49
N ASN B 396 -7.78 10.15 -22.65
CA ASN B 396 -9.02 9.39 -22.70
C ASN B 396 -9.87 9.86 -23.89
N ALA B 397 -10.84 9.01 -24.26
CA ALA B 397 -11.69 9.30 -25.41
C ALA B 397 -13.00 8.54 -25.25
N ASP B 398 -14.10 9.27 -25.05
CA ASP B 398 -15.41 8.67 -24.88
C ASP B 398 -16.51 9.72 -25.01
N SER B 399 -17.55 9.41 -25.77
CA SER B 399 -18.73 10.26 -25.90
C SER B 399 -18.35 11.66 -26.37
N SER B 400 -17.83 11.76 -27.61
CA SER B 400 -17.28 13.00 -28.10
C SER B 400 -18.30 14.13 -28.12
N ILE B 401 -19.60 13.81 -28.22
CA ILE B 401 -20.63 14.82 -28.38
C ILE B 401 -21.68 14.66 -27.30
N GLU B 402 -22.07 15.78 -26.71
CA GLU B 402 -23.25 15.83 -25.85
C GLU B 402 -24.12 17.05 -26.13
N GLY B 403 -23.87 17.79 -27.20
CA GLY B 403 -24.57 19.03 -27.48
C GLY B 403 -23.73 19.88 -28.40
N ASN B 404 -24.26 21.07 -28.70
CA ASN B 404 -23.57 22.02 -29.56
C ASN B 404 -23.53 23.39 -28.89
N TYR B 405 -22.60 23.55 -27.95
CA TYR B 405 -22.23 24.90 -27.52
C TYR B 405 -20.74 25.17 -27.73
N THR B 406 -19.89 24.34 -27.13
CA THR B 406 -18.45 24.61 -27.05
C THR B 406 -17.68 23.32 -26.91
N LEU B 407 -16.42 23.45 -26.52
CA LEU B 407 -15.51 22.32 -26.31
C LEU B 407 -15.16 22.27 -24.83
N ARG B 408 -15.74 21.28 -24.12
CA ARG B 408 -15.39 21.07 -22.72
C ARG B 408 -14.17 20.16 -22.63
N VAL B 409 -13.16 20.62 -21.88
CA VAL B 409 -11.90 19.90 -21.72
C VAL B 409 -11.62 19.77 -20.23
N ASP B 410 -11.42 18.53 -19.77
CA ASP B 410 -10.97 18.25 -18.41
C ASP B 410 -9.59 17.63 -18.50
N CYS B 411 -8.59 18.29 -17.92
CA CYS B 411 -7.22 17.83 -18.06
C CYS B 411 -6.41 18.26 -16.85
N THR B 412 -5.27 17.60 -16.67
CA THR B 412 -4.39 17.92 -15.56
C THR B 412 -3.74 19.28 -15.78
N PRO B 413 -3.32 19.96 -14.72
CA PRO B 413 -2.69 21.28 -14.89
C PRO B 413 -1.48 21.28 -15.80
N LEU B 414 -0.72 20.18 -15.84
CA LEU B 414 0.53 20.15 -16.59
C LEU B 414 0.30 20.46 -18.06
N MET B 415 -0.77 19.94 -18.64
CA MET B 415 -1.09 20.18 -20.04
C MET B 415 -1.99 21.39 -20.25
N TYR B 416 -2.32 22.12 -19.17
CA TYR B 416 -3.18 23.30 -19.28
C TYR B 416 -2.77 24.19 -20.44
N SER B 417 -1.53 24.69 -20.41
CA SER B 417 -1.05 25.56 -21.47
C SER B 417 -1.21 24.91 -22.84
N LEU B 418 -0.84 23.63 -22.93
CA LEU B 418 -1.02 22.92 -24.20
C LEU B 418 -2.46 22.96 -24.65
N VAL B 419 -3.40 22.69 -23.73
CA VAL B 419 -4.82 22.72 -24.07
C VAL B 419 -5.18 24.08 -24.64
N HIS B 420 -4.59 25.15 -24.11
CA HIS B 420 -4.76 26.46 -24.73
C HIS B 420 -4.06 26.51 -26.07
N ASN B 421 -2.75 26.21 -26.09
CA ASN B 421 -1.95 26.44 -27.28
C ASN B 421 -2.42 25.59 -28.46
N LEU B 422 -3.06 24.45 -28.19
CA LEU B 422 -3.61 23.65 -29.27
C LEU B 422 -4.85 24.30 -29.87
N THR B 423 -5.75 24.82 -29.02
CA THR B 423 -7.02 25.31 -29.50
C THR B 423 -6.91 26.60 -30.31
N LYS B 424 -5.81 27.34 -30.17
CA LYS B 424 -5.63 28.55 -30.96
C LYS B 424 -5.47 28.22 -32.45
N GLU B 425 -4.80 27.10 -32.75
CA GLU B 425 -4.54 26.74 -34.14
C GLU B 425 -5.79 26.19 -34.84
N LEU B 426 -6.71 25.60 -34.08
CA LEU B 426 -7.87 24.96 -34.66
C LEU B 426 -8.91 25.99 -35.07
N LYS B 427 -9.95 25.53 -35.75
CA LYS B 427 -11.04 26.37 -36.24
C LYS B 427 -12.34 26.00 -35.52
N SER B 428 -13.14 27.02 -35.21
CA SER B 428 -14.36 26.80 -34.46
C SER B 428 -15.45 26.17 -35.33
N PRO B 429 -16.17 25.17 -34.80
CA PRO B 429 -17.25 24.55 -35.57
C PRO B 429 -18.64 25.09 -35.26
N ASP B 430 -18.75 25.92 -34.21
CA ASP B 430 -20.04 26.31 -33.69
C ASP B 430 -20.78 27.26 -34.64
N GLU B 431 -22.02 27.55 -34.29
CA GLU B 431 -22.79 28.56 -35.01
C GLU B 431 -22.13 29.92 -34.86
N GLY B 432 -22.00 30.64 -35.97
CA GLY B 432 -21.20 31.84 -35.94
C GLY B 432 -19.73 31.48 -35.84
N PHE B 433 -18.92 32.51 -35.61
CA PHE B 433 -17.48 32.37 -35.37
C PHE B 433 -16.76 31.68 -36.53
N GLU B 434 -17.23 31.92 -37.77
CA GLU B 434 -16.54 31.34 -38.92
C GLU B 434 -15.17 31.99 -39.10
N GLY B 435 -14.14 31.16 -39.16
CA GLY B 435 -12.79 31.65 -39.35
C GLY B 435 -12.11 32.13 -38.09
N LYS B 436 -12.75 31.99 -36.94
CA LYS B 436 -12.16 32.34 -35.65
C LYS B 436 -11.72 31.05 -34.97
N SER B 437 -10.67 31.14 -34.16
CA SER B 437 -10.13 29.97 -33.48
C SER B 437 -11.15 29.37 -32.52
N LEU B 438 -11.10 28.05 -32.38
CA LEU B 438 -11.95 27.35 -31.42
C LEU B 438 -11.72 27.90 -30.01
N TYR B 439 -10.50 28.35 -29.74
CA TYR B 439 -10.16 28.93 -28.45
C TYR B 439 -11.02 30.17 -28.15
N GLU B 440 -11.19 31.03 -29.15
CA GLU B 440 -11.92 32.28 -28.93
C GLU B 440 -13.38 32.01 -28.59
N SER B 441 -14.03 31.10 -29.32
CA SER B 441 -15.41 30.73 -29.02
C SER B 441 -15.50 30.05 -27.65
N TRP B 442 -14.53 29.18 -27.35
CA TRP B 442 -14.51 28.49 -26.06
C TRP B 442 -14.45 29.48 -24.92
N THR B 443 -13.61 30.52 -25.05
CA THR B 443 -13.56 31.57 -24.04
C THR B 443 -14.85 32.39 -24.02
N LYS B 444 -15.41 32.70 -25.19
CA LYS B 444 -16.57 33.57 -25.26
C LYS B 444 -17.77 32.94 -24.55
N LYS B 445 -18.01 31.65 -24.78
CA LYS B 445 -19.16 31.01 -24.15
C LYS B 445 -18.83 30.32 -22.84
N SER B 446 -17.58 29.95 -22.62
CA SER B 446 -17.14 29.32 -21.37
C SER B 446 -15.89 30.05 -20.88
N PRO B 447 -16.05 31.22 -20.25
CA PRO B 447 -14.89 31.94 -19.74
C PRO B 447 -14.48 31.49 -18.36
N SER B 448 -13.18 31.47 -18.12
CA SER B 448 -12.67 31.08 -16.81
C SER B 448 -13.09 32.12 -15.77
N PRO B 449 -13.46 31.68 -14.57
CA PRO B 449 -13.85 32.66 -13.53
C PRO B 449 -12.76 33.65 -13.18
N GLU B 450 -11.49 33.26 -13.28
CA GLU B 450 -10.39 34.14 -12.91
C GLU B 450 -10.14 35.20 -13.98
N PHE B 451 -9.78 34.75 -15.18
CA PHE B 451 -9.46 35.65 -16.30
C PHE B 451 -10.57 35.59 -17.34
N SER B 452 -10.99 36.77 -17.79
CA SER B 452 -12.03 36.84 -18.82
C SER B 452 -11.52 36.26 -20.15
N GLY B 453 -10.25 36.51 -20.48
CA GLY B 453 -9.67 36.01 -21.70
C GLY B 453 -9.21 34.57 -21.67
N MET B 454 -9.30 33.91 -20.53
CA MET B 454 -8.91 32.52 -20.40
C MET B 454 -10.15 31.62 -20.41
N PRO B 455 -10.08 30.46 -21.05
CA PRO B 455 -11.20 29.52 -20.97
C PRO B 455 -11.18 28.75 -19.66
N ARG B 456 -12.33 28.17 -19.34
CA ARG B 456 -12.47 27.39 -18.11
C ARG B 456 -12.19 25.92 -18.38
N ILE B 457 -11.26 25.36 -17.62
CA ILE B 457 -10.84 23.97 -17.76
C ILE B 457 -11.17 23.28 -16.44
N SER B 458 -12.21 22.46 -16.43
CA SER B 458 -12.62 21.77 -15.22
C SER B 458 -11.60 20.69 -14.86
N LYS B 459 -11.66 20.23 -13.61
CA LYS B 459 -10.73 19.23 -13.14
C LYS B 459 -11.04 17.87 -13.74
N LEU B 460 -10.06 16.97 -13.65
CA LEU B 460 -10.20 15.65 -14.24
C LEU B 460 -11.34 14.86 -13.59
N GLY B 461 -11.44 14.90 -12.27
CA GLY B 461 -12.48 14.17 -11.59
C GLY B 461 -12.26 12.67 -11.67
N SER B 462 -13.38 11.94 -11.70
CA SER B 462 -13.36 10.48 -11.74
C SER B 462 -14.17 10.00 -12.93
N GLY B 463 -14.38 8.69 -12.98
CA GLY B 463 -15.12 8.06 -14.07
C GLY B 463 -14.24 7.81 -15.29
N ASN B 464 -14.76 6.97 -16.18
CA ASN B 464 -14.10 6.66 -17.46
C ASN B 464 -12.73 6.03 -17.25
N ASP B 465 -12.01 5.78 -18.34
CA ASP B 465 -10.83 4.94 -18.28
C ASP B 465 -9.58 5.65 -17.79
N PHE B 466 -9.66 6.96 -17.50
CA PHE B 466 -8.49 7.65 -16.96
C PHE B 466 -8.34 7.46 -15.46
N GLU B 467 -9.29 6.79 -14.80
CA GLU B 467 -9.27 6.69 -13.35
C GLU B 467 -8.03 5.92 -12.86
N VAL B 468 -7.80 4.74 -13.40
CA VAL B 468 -6.68 3.91 -12.94
C VAL B 468 -5.35 4.49 -13.43
N PHE B 469 -5.36 5.14 -14.59
CA PHE B 469 -4.12 5.69 -15.15
C PHE B 469 -3.69 6.96 -14.44
N PHE B 470 -4.64 7.72 -13.88
CA PHE B 470 -4.34 9.00 -13.27
C PHE B 470 -4.36 8.92 -11.73
N GLN B 471 -5.41 8.32 -11.16
CA GLN B 471 -5.57 8.31 -9.71
C GLN B 471 -4.79 7.21 -9.01
N ARG B 472 -4.19 6.26 -9.75
CA ARG B 472 -3.41 5.23 -9.09
C ARG B 472 -1.94 5.27 -9.51
N LEU B 473 -1.68 5.24 -10.82
CA LEU B 473 -0.31 5.25 -11.30
C LEU B 473 0.26 6.66 -11.42
N GLY B 474 -0.58 7.69 -11.31
CA GLY B 474 -0.10 9.05 -11.43
C GLY B 474 0.47 9.38 -12.80
N ILE B 475 -0.35 9.22 -13.84
CA ILE B 475 0.04 9.57 -15.21
C ILE B 475 -0.92 10.64 -15.69
N ALA B 476 -0.37 11.71 -16.27
CA ALA B 476 -1.18 12.85 -16.69
C ALA B 476 -2.26 12.41 -17.66
N SER B 477 -3.47 12.92 -17.46
CA SER B 477 -4.63 12.49 -18.25
C SER B 477 -5.41 13.69 -18.73
N GLY B 478 -6.08 13.52 -19.86
CA GLY B 478 -6.91 14.57 -20.42
C GLY B 478 -8.09 13.99 -21.17
N ARG B 479 -9.11 14.81 -21.37
CA ARG B 479 -10.32 14.39 -22.06
C ARG B 479 -11.00 15.63 -22.62
N ALA B 480 -11.56 15.50 -23.82
CA ALA B 480 -12.21 16.62 -24.50
C ALA B 480 -13.44 16.13 -25.24
N ARG B 481 -14.49 16.94 -25.22
CA ARG B 481 -15.72 16.60 -25.95
C ARG B 481 -16.51 17.87 -26.19
N TYR B 482 -17.35 17.85 -27.22
CA TYR B 482 -18.21 18.99 -27.45
C TYR B 482 -19.39 18.96 -26.48
N THR B 483 -19.67 20.11 -25.88
CA THR B 483 -20.59 20.23 -24.76
C THR B 483 -21.66 21.27 -25.07
N LYS B 484 -22.77 21.14 -24.34
CA LYS B 484 -23.95 21.98 -24.46
C LYS B 484 -23.77 23.26 -23.66
N ASN B 485 -24.86 24.05 -23.59
CA ASN B 485 -24.88 25.31 -22.84
C ASN B 485 -25.27 24.99 -21.41
N TRP B 486 -24.33 24.39 -20.67
CA TRP B 486 -24.63 23.92 -19.32
C TRP B 486 -25.08 25.04 -18.39
N GLU B 487 -24.74 26.29 -18.73
CA GLU B 487 -25.17 27.41 -17.91
C GLU B 487 -26.67 27.64 -17.98
N THR B 488 -27.32 27.25 -19.07
CA THR B 488 -28.72 27.56 -19.31
C THR B 488 -29.56 26.30 -19.56
N ASN B 489 -29.32 25.23 -18.81
CA ASN B 489 -30.22 24.09 -18.82
C ASN B 489 -30.02 23.33 -17.52
N LYS B 490 -30.84 22.29 -17.34
CA LYS B 490 -30.82 21.49 -16.12
C LYS B 490 -30.29 20.08 -16.38
N PHE B 491 -30.65 19.47 -17.50
CA PHE B 491 -30.34 18.06 -17.73
C PHE B 491 -28.83 17.78 -17.71
N SER B 492 -28.39 16.98 -16.75
CA SER B 492 -26.98 16.58 -16.69
C SER B 492 -26.74 15.47 -17.70
N GLY B 493 -26.06 15.78 -18.79
CA GLY B 493 -25.91 14.85 -19.89
C GLY B 493 -27.13 14.86 -20.79
N TYR B 494 -27.00 14.27 -21.97
CA TYR B 494 -28.10 14.26 -22.91
C TYR B 494 -29.21 13.36 -22.40
N PRO B 495 -30.48 13.65 -22.71
CA PRO B 495 -31.58 12.80 -22.23
C PRO B 495 -31.49 11.37 -22.74
N LEU B 496 -30.97 11.16 -23.95
CA LEU B 496 -30.82 9.83 -24.52
C LEU B 496 -29.44 9.27 -24.16
N TYR B 497 -29.27 8.99 -22.87
CA TYR B 497 -28.03 8.48 -22.32
C TYR B 497 -28.20 7.03 -21.89
N HIS B 498 -27.37 6.14 -22.44
CA HIS B 498 -27.36 4.73 -22.07
C HIS B 498 -28.75 4.10 -22.24
N SER B 499 -29.40 4.41 -23.35
CA SER B 499 -30.72 3.89 -23.66
C SER B 499 -30.70 3.23 -25.03
N VAL B 500 -31.79 2.53 -25.34
CA VAL B 500 -31.89 1.80 -26.60
C VAL B 500 -31.82 2.76 -27.78
N TYR B 501 -32.46 3.92 -27.65
CA TYR B 501 -32.55 4.90 -28.73
C TYR B 501 -31.23 5.57 -29.07
N GLU B 502 -30.09 5.16 -28.51
CA GLU B 502 -28.79 5.70 -28.89
C GLU B 502 -28.32 5.08 -30.21
N THR B 503 -29.10 5.36 -31.26
CA THR B 503 -28.83 4.81 -32.58
C THR B 503 -27.90 5.75 -33.35
N TYR B 504 -27.58 5.37 -34.60
CA TYR B 504 -26.78 6.24 -35.45
C TYR B 504 -27.60 7.40 -36.00
N GLU B 505 -28.90 7.15 -36.27
CA GLU B 505 -29.75 8.21 -36.81
C GLU B 505 -29.90 9.35 -35.82
N LEU B 506 -29.97 9.04 -34.53
CA LEU B 506 -30.05 10.10 -33.52
C LEU B 506 -28.86 11.03 -33.61
N VAL B 507 -27.65 10.47 -33.59
CA VAL B 507 -26.43 11.27 -33.65
C VAL B 507 -26.37 12.03 -34.97
N GLU B 508 -26.82 11.41 -36.05
CA GLU B 508 -26.73 12.04 -37.36
C GLU B 508 -27.64 13.26 -37.46
N LYS B 509 -28.94 13.07 -37.19
CA LYS B 509 -29.88 14.16 -37.47
C LYS B 509 -30.02 15.12 -36.30
N PHE B 510 -30.13 14.61 -35.07
CA PHE B 510 -30.48 15.45 -33.94
C PHE B 510 -29.27 16.03 -33.22
N TYR B 511 -28.06 15.57 -33.52
CA TYR B 511 -26.88 16.10 -32.84
C TYR B 511 -25.88 16.73 -33.79
N ASP B 512 -25.49 16.01 -34.84
CA ASP B 512 -24.41 16.46 -35.73
C ASP B 512 -24.72 16.03 -37.16
N PRO B 513 -25.34 16.91 -37.95
CA PRO B 513 -25.67 16.52 -39.34
C PRO B 513 -24.45 16.29 -40.21
N MET B 514 -23.52 17.25 -40.27
CA MET B 514 -22.32 17.11 -41.08
C MET B 514 -21.21 16.34 -40.37
N PHE B 515 -21.43 15.94 -39.11
CA PHE B 515 -20.40 15.29 -38.30
C PHE B 515 -19.13 16.13 -38.25
N LYS B 516 -19.30 17.45 -38.09
CA LYS B 516 -18.19 18.37 -37.95
C LYS B 516 -17.74 18.50 -36.50
N TYR B 517 -18.67 18.43 -35.56
CA TYR B 517 -18.29 18.49 -34.14
C TYR B 517 -17.44 17.28 -33.76
N HIS B 518 -17.83 16.09 -34.27
CA HIS B 518 -16.97 14.91 -34.10
C HIS B 518 -15.59 15.17 -34.70
N LEU B 519 -15.56 15.84 -35.86
CA LEU B 519 -14.28 16.14 -36.50
C LEU B 519 -13.40 17.00 -35.60
N THR B 520 -13.98 18.02 -34.96
CA THR B 520 -13.19 18.90 -34.12
C THR B 520 -12.76 18.21 -32.82
N VAL B 521 -13.61 17.37 -32.25
CA VAL B 521 -13.23 16.63 -31.06
C VAL B 521 -12.07 15.69 -31.40
N ALA B 522 -12.17 15.04 -32.56
CA ALA B 522 -11.08 14.19 -33.02
C ALA B 522 -9.80 14.99 -33.24
N GLN B 523 -9.94 16.18 -33.84
CA GLN B 523 -8.78 17.05 -34.02
C GLN B 523 -8.13 17.37 -32.69
N VAL B 524 -8.94 17.70 -31.68
CA VAL B 524 -8.40 18.09 -30.37
C VAL B 524 -7.66 16.92 -29.73
N ARG B 525 -8.31 15.75 -29.69
CA ARG B 525 -7.68 14.62 -29.02
C ARG B 525 -6.44 14.14 -29.76
N GLY B 526 -6.53 14.03 -31.09
CA GLY B 526 -5.36 13.64 -31.87
C GLY B 526 -4.24 14.65 -31.77
N GLY B 527 -4.58 15.94 -31.69
CA GLY B 527 -3.56 16.95 -31.53
C GLY B 527 -2.86 16.88 -30.19
N MET B 528 -3.63 16.63 -29.13
CA MET B 528 -3.02 16.45 -27.81
C MET B 528 -2.08 15.25 -27.81
N VAL B 529 -2.53 14.14 -28.40
CA VAL B 529 -1.68 12.95 -28.47
C VAL B 529 -0.43 13.22 -29.30
N PHE B 530 -0.60 13.91 -30.44
CA PHE B 530 0.52 14.20 -31.32
C PHE B 530 1.54 15.10 -30.64
N GLU B 531 1.07 16.11 -29.91
CA GLU B 531 1.99 17.01 -29.21
C GLU B 531 2.69 16.30 -28.06
N LEU B 532 1.99 15.36 -27.41
CA LEU B 532 2.64 14.59 -26.35
C LEU B 532 3.69 13.63 -26.91
N ALA B 533 3.46 13.09 -28.11
CA ALA B 533 4.33 12.07 -28.65
C ALA B 533 5.36 12.59 -29.65
N ASN B 534 5.32 13.88 -30.00
CA ASN B 534 6.24 14.43 -30.99
C ASN B 534 6.85 15.75 -30.52
N SER B 535 7.11 15.86 -29.23
CA SER B 535 7.71 17.06 -28.64
C SER B 535 9.08 16.72 -28.08
N ILE B 536 10.08 17.52 -28.44
CA ILE B 536 11.43 17.29 -27.94
C ILE B 536 11.47 17.47 -26.43
N VAL B 537 10.68 18.41 -25.90
CA VAL B 537 10.53 18.62 -24.47
C VAL B 537 9.08 18.37 -24.10
N LEU B 538 8.85 17.71 -22.98
CA LEU B 538 7.50 17.33 -22.58
C LEU B 538 6.63 18.58 -22.40
N PRO B 539 5.49 18.68 -23.09
CA PRO B 539 4.70 19.92 -23.10
C PRO B 539 3.95 20.17 -21.80
N PHE B 540 4.68 20.15 -20.69
CA PHE B 540 4.11 20.37 -19.38
C PHE B 540 4.62 21.66 -18.78
N ASP B 541 3.82 22.25 -17.91
CA ASP B 541 4.14 23.51 -17.24
C ASP B 541 3.89 23.32 -15.75
N CYS B 542 4.97 23.26 -14.97
CA CYS B 542 4.82 23.14 -13.52
C CYS B 542 4.20 24.39 -12.92
N ARG B 543 4.56 25.56 -13.45
CA ARG B 543 4.16 26.83 -12.86
C ARG B 543 2.65 26.89 -12.65
N ASP B 544 1.89 26.61 -13.71
CA ASP B 544 0.43 26.64 -13.62
C ASP B 544 -0.05 25.74 -12.48
N TYR B 545 0.50 24.52 -12.42
CA TYR B 545 0.22 23.63 -11.30
C TYR B 545 0.35 24.37 -9.98
N ALA B 546 1.56 24.89 -9.71
CA ALA B 546 1.77 25.69 -8.51
C ALA B 546 0.65 26.70 -8.34
N VAL B 547 0.42 27.50 -9.39
CA VAL B 547 -0.65 28.51 -9.33
C VAL B 547 -1.94 27.88 -8.87
N VAL B 548 -2.44 26.89 -9.62
CA VAL B 548 -3.76 26.36 -9.29
C VAL B 548 -3.71 25.75 -7.90
N LEU B 549 -2.59 25.13 -7.54
CA LEU B 549 -2.46 24.50 -6.23
C LEU B 549 -2.86 25.48 -5.13
N ARG B 550 -2.32 26.70 -5.19
CA ARG B 550 -2.61 27.70 -4.17
C ARG B 550 -4.11 27.84 -3.98
N LYS B 551 -4.86 27.94 -5.09
CA LYS B 551 -6.30 28.03 -5.03
C LYS B 551 -6.89 26.96 -4.11
N TYR B 552 -6.65 25.68 -4.41
CA TYR B 552 -7.29 24.65 -3.61
C TYR B 552 -6.83 24.74 -2.16
N ALA B 553 -5.57 25.14 -1.94
CA ALA B 553 -5.11 25.40 -0.59
C ALA B 553 -6.08 26.33 0.12
N ASP B 554 -6.28 27.53 -0.44
CA ASP B 554 -7.26 28.44 0.12
C ASP B 554 -8.61 27.75 0.26
N LYS B 555 -9.02 27.02 -0.78
CA LYS B 555 -10.27 26.29 -0.72
C LYS B 555 -10.29 25.36 0.48
N ILE B 556 -9.28 24.49 0.58
CA ILE B 556 -9.27 23.54 1.68
C ILE B 556 -9.03 24.26 2.99
N TYR B 557 -8.44 25.46 2.93
CA TYR B 557 -8.36 26.29 4.12
C TYR B 557 -9.73 26.87 4.47
N SER B 558 -10.43 27.39 3.46
CA SER B 558 -11.66 28.14 3.71
C SER B 558 -12.72 27.28 4.39
N ILE B 559 -12.91 26.05 3.87
CA ILE B 559 -13.89 25.15 4.48
C ILE B 559 -13.52 24.87 5.93
N SER B 560 -12.22 24.73 6.21
CA SER B 560 -11.80 24.53 7.60
C SER B 560 -12.13 25.76 8.43
N MET B 561 -11.98 26.94 7.85
CA MET B 561 -12.36 28.17 8.53
C MET B 561 -13.86 28.28 8.77
N LYS B 562 -14.66 27.32 8.29
CA LYS B 562 -16.05 27.24 8.73
C LYS B 562 -16.15 26.89 10.21
N HIS B 563 -15.06 26.39 10.81
CA HIS B 563 -14.97 26.17 12.25
C HIS B 563 -13.69 26.83 12.74
N PRO B 564 -13.69 28.16 12.89
CA PRO B 564 -12.47 28.84 13.37
C PRO B 564 -12.10 28.46 14.79
N GLN B 565 -13.08 28.53 15.70
CA GLN B 565 -12.83 28.27 17.12
C GLN B 565 -12.16 26.92 17.32
N GLU B 566 -12.68 25.89 16.63
CA GLU B 566 -12.09 24.55 16.75
C GLU B 566 -10.61 24.58 16.38
N MET B 567 -10.27 25.22 15.26
CA MET B 567 -8.87 25.24 14.84
C MET B 567 -7.98 25.98 15.83
N LYS B 568 -8.57 26.76 16.73
CA LYS B 568 -7.79 27.38 17.79
C LYS B 568 -7.64 26.47 19.00
N THR B 569 -8.67 25.67 19.31
CA THR B 569 -8.62 24.85 20.51
C THR B 569 -7.70 23.65 20.32
N TYR B 570 -7.65 23.10 19.10
CA TYR B 570 -6.82 21.93 18.81
C TYR B 570 -5.54 22.30 18.08
N SER B 571 -5.23 23.59 17.96
CA SER B 571 -3.99 24.06 17.33
C SER B 571 -3.85 23.55 15.90
N VAL B 572 -4.96 23.45 15.19
CA VAL B 572 -4.94 23.01 13.80
C VAL B 572 -4.41 24.15 12.94
N SER B 573 -3.32 23.89 12.22
CA SER B 573 -2.64 24.92 11.44
C SER B 573 -2.40 24.40 10.03
N PHE B 574 -2.75 25.22 9.04
CA PHE B 574 -2.44 24.96 7.64
C PHE B 574 -1.16 25.64 7.20
N ASP B 575 -0.40 26.22 8.14
CA ASP B 575 0.81 26.92 7.78
C ASP B 575 1.83 25.99 7.14
N SER B 576 1.83 24.72 7.53
CA SER B 576 2.67 23.74 6.84
C SER B 576 2.25 23.62 5.38
N LEU B 577 0.93 23.52 5.14
CA LEU B 577 0.42 23.44 3.77
C LEU B 577 0.75 24.70 2.98
N PHE B 578 0.53 25.87 3.58
CA PHE B 578 0.79 27.12 2.88
C PHE B 578 2.28 27.26 2.56
N SER B 579 3.15 26.90 3.50
CA SER B 579 4.58 26.94 3.25
C SER B 579 4.94 25.97 2.13
N ALA B 580 4.34 24.78 2.12
CA ALA B 580 4.62 23.80 1.07
C ALA B 580 4.23 24.34 -0.30
N VAL B 581 3.06 24.98 -0.41
CA VAL B 581 2.66 25.56 -1.69
C VAL B 581 3.58 26.71 -2.08
N LYS B 582 4.02 27.50 -1.12
CA LYS B 582 4.97 28.57 -1.44
C LYS B 582 6.28 28.00 -1.96
N ASN B 583 6.78 26.94 -1.33
CA ASN B 583 7.94 26.22 -1.86
C ASN B 583 7.68 25.80 -3.29
N PHE B 584 6.66 24.94 -3.49
CA PHE B 584 6.27 24.49 -4.82
C PHE B 584 6.31 25.63 -5.83
N THR B 585 5.76 26.79 -5.46
CA THR B 585 5.75 27.94 -6.37
C THR B 585 7.17 28.39 -6.71
N GLU B 586 7.99 28.65 -5.69
CA GLU B 586 9.33 29.18 -5.95
C GLU B 586 10.20 28.16 -6.70
N ILE B 587 10.16 26.90 -6.28
CA ILE B 587 10.95 25.86 -6.92
C ILE B 587 10.47 25.59 -8.33
N ALA B 588 9.16 25.67 -8.58
CA ALA B 588 8.66 25.51 -9.95
C ALA B 588 9.09 26.68 -10.82
N SER B 589 9.10 27.89 -10.26
CA SER B 589 9.61 29.03 -11.01
C SER B 589 11.08 28.85 -11.37
N LYS B 590 11.88 28.38 -10.41
CA LYS B 590 13.29 28.12 -10.69
C LYS B 590 13.46 27.02 -11.72
N PHE B 591 12.65 25.97 -11.64
CA PHE B 591 12.71 24.88 -12.60
C PHE B 591 12.35 25.37 -14.01
N SER B 592 11.32 26.20 -14.12
CA SER B 592 10.93 26.74 -15.42
C SER B 592 12.03 27.63 -15.97
N GLU B 593 12.65 28.44 -15.11
CA GLU B 593 13.77 29.27 -15.55
C GLU B 593 14.94 28.41 -16.04
N ARG B 594 15.21 27.32 -15.33
CA ARG B 594 16.29 26.42 -15.75
C ARG B 594 16.00 25.77 -17.08
N LEU B 595 14.77 25.28 -17.27
CA LEU B 595 14.42 24.59 -18.50
C LEU B 595 14.18 25.55 -19.66
N GLN B 596 14.02 26.85 -19.39
CA GLN B 596 13.88 27.82 -20.45
C GLN B 596 15.19 28.00 -21.22
N ASP B 597 16.33 27.76 -20.56
CA ASP B 597 17.63 28.02 -21.17
C ASP B 597 18.56 26.81 -21.09
N PHE B 598 18.10 25.66 -20.63
CA PHE B 598 18.95 24.48 -20.57
C PHE B 598 19.23 23.97 -21.99
N ASP B 599 20.38 23.34 -22.16
CA ASP B 599 20.80 22.90 -23.48
C ASP B 599 19.98 21.70 -23.94
N LYS B 600 19.28 21.87 -25.07
CA LYS B 600 18.46 20.81 -25.63
C LYS B 600 19.21 19.91 -26.61
N SER B 601 20.37 20.35 -27.11
CA SER B 601 21.15 19.52 -28.01
C SER B 601 21.63 18.25 -27.33
N ASN B 602 22.02 18.36 -26.07
CA ASN B 602 22.46 17.19 -25.32
C ASN B 602 21.29 16.25 -25.08
N PRO B 603 21.42 14.97 -25.38
CA PRO B 603 20.30 14.04 -25.19
C PRO B 603 20.13 13.60 -23.74
N ILE B 604 21.22 13.40 -23.00
CA ILE B 604 21.10 12.84 -21.65
C ILE B 604 20.46 13.85 -20.70
N VAL B 605 20.86 15.12 -20.78
N VAL B 605 20.86 15.12 -20.78
CA VAL B 605 20.28 16.13 -19.92
CA VAL B 605 20.28 16.13 -19.92
C VAL B 605 18.82 16.37 -20.29
C VAL B 605 18.82 16.37 -20.29
N LEU B 606 18.51 16.34 -21.59
CA LEU B 606 17.12 16.48 -22.02
C LEU B 606 16.27 15.32 -21.52
N ARG B 607 16.80 14.10 -21.56
CA ARG B 607 16.10 12.97 -20.97
C ARG B 607 15.92 13.14 -19.47
N MET B 608 16.96 13.66 -18.80
CA MET B 608 16.86 13.93 -17.36
C MET B 608 15.70 14.88 -17.07
N MET B 609 15.61 15.96 -17.82
CA MET B 609 14.61 16.98 -17.53
C MET B 609 13.20 16.50 -17.90
N ASN B 610 13.09 15.73 -18.99
CA ASN B 610 11.80 15.12 -19.30
C ASN B 610 11.40 14.11 -18.24
N ASP B 611 12.37 13.38 -17.67
CA ASP B 611 12.06 12.49 -16.56
C ASP B 611 11.56 13.29 -15.36
N GLN B 612 12.19 14.44 -15.09
CA GLN B 612 11.72 15.29 -14.00
C GLN B 612 10.26 15.70 -14.23
N LEU B 613 9.96 16.20 -15.43
CA LEU B 613 8.60 16.63 -15.73
C LEU B 613 7.61 15.47 -15.64
N MET B 614 7.98 14.31 -16.18
CA MET B 614 7.09 13.16 -16.18
C MET B 614 6.83 12.64 -14.78
N PHE B 615 7.87 12.54 -13.96
CA PHE B 615 7.74 12.04 -12.60
C PHE B 615 7.18 13.08 -11.64
N LEU B 616 7.07 14.33 -12.06
CA LEU B 616 6.43 15.34 -11.22
C LEU B 616 5.03 14.89 -10.82
N GLU B 617 4.24 14.44 -11.79
CA GLU B 617 2.91 13.90 -11.47
C GLU B 617 3.05 12.66 -10.59
N ARG B 618 3.98 11.78 -10.94
CA ARG B 618 4.23 10.59 -10.13
C ARG B 618 4.79 10.92 -8.76
N ALA B 619 5.30 12.14 -8.55
CA ALA B 619 5.72 12.54 -7.22
C ALA B 619 4.54 12.83 -6.29
N PHE B 620 3.32 12.85 -6.82
CA PHE B 620 2.15 13.19 -6.02
C PHE B 620 1.47 11.99 -5.38
N ILE B 621 1.52 10.82 -6.02
CA ILE B 621 0.86 9.66 -5.44
C ILE B 621 1.66 9.16 -4.24
N ASP B 622 0.96 8.60 -3.27
CA ASP B 622 1.63 8.01 -2.12
C ASP B 622 1.42 6.51 -2.10
N PRO B 623 2.48 5.72 -1.96
CA PRO B 623 2.31 4.25 -1.99
C PRO B 623 1.36 3.73 -0.93
N LEU B 624 1.27 4.40 0.22
CA LEU B 624 0.27 4.02 1.22
C LEU B 624 -1.14 4.22 0.69
N GLY B 625 -1.36 5.30 -0.05
CA GLY B 625 -2.66 5.58 -0.63
C GLY B 625 -3.61 6.24 0.35
N LEU B 626 -4.77 6.64 -0.18
CA LEU B 626 -5.80 7.24 0.65
C LEU B 626 -6.37 6.20 1.61
N PRO B 627 -6.85 6.63 2.77
CA PRO B 627 -7.39 5.67 3.75
C PRO B 627 -8.54 4.86 3.17
N ASP B 628 -8.49 3.55 3.42
CA ASP B 628 -9.55 2.61 3.03
C ASP B 628 -9.71 2.50 1.52
N ARG B 629 -8.90 3.23 0.77
CA ARG B 629 -8.94 3.23 -0.69
C ARG B 629 -7.52 3.13 -1.24
N PRO B 630 -6.90 1.96 -1.14
CA PRO B 630 -5.49 1.83 -1.54
C PRO B 630 -5.24 2.17 -3.00
N PHE B 631 -6.23 1.97 -3.88
CA PHE B 631 -6.00 2.19 -5.29
C PHE B 631 -6.22 3.65 -5.68
N TYR B 632 -6.76 4.45 -4.78
CA TYR B 632 -6.80 5.91 -4.97
C TYR B 632 -5.59 6.50 -4.25
N ARG B 633 -4.58 6.90 -5.02
CA ARG B 633 -3.30 7.32 -4.46
C ARG B 633 -3.03 8.80 -4.62
N HIS B 634 -3.67 9.48 -5.57
CA HIS B 634 -3.47 10.91 -5.74
C HIS B 634 -3.93 11.66 -4.50
N VAL B 635 -3.24 12.74 -4.17
CA VAL B 635 -3.59 13.58 -3.03
C VAL B 635 -4.18 14.92 -3.43
N ILE B 636 -4.19 15.23 -4.73
CA ILE B 636 -4.71 16.50 -5.21
C ILE B 636 -6.05 16.33 -5.92
N TYR B 637 -6.20 15.29 -6.74
CA TYR B 637 -7.37 15.16 -7.59
C TYR B 637 -8.09 13.82 -7.42
N ALA B 638 -7.70 13.00 -6.45
CA ALA B 638 -8.38 11.73 -6.24
C ALA B 638 -9.82 11.97 -5.78
N PRO B 639 -10.74 11.09 -6.15
CA PRO B 639 -12.13 11.24 -5.71
C PRO B 639 -12.24 11.18 -4.20
N SER B 640 -13.16 11.97 -3.65
CA SER B 640 -13.42 11.96 -2.23
C SER B 640 -14.32 10.79 -1.85
N SER B 641 -14.29 10.42 -0.58
CA SER B 641 -15.18 9.38 -0.07
C SER B 641 -16.62 9.87 0.04
N HIS B 642 -16.83 11.17 0.21
CA HIS B 642 -18.15 11.78 0.20
C HIS B 642 -18.18 12.88 -0.86
N ASN B 643 -19.33 13.02 -1.52
CA ASN B 643 -19.50 13.98 -2.61
C ASN B 643 -18.44 13.77 -3.70
N LYS B 644 -18.32 12.51 -4.14
CA LYS B 644 -17.36 12.18 -5.20
C LYS B 644 -17.72 12.90 -6.50
N TYR B 645 -19.01 13.16 -6.71
CA TYR B 645 -19.45 13.87 -7.92
C TYR B 645 -18.90 15.30 -7.94
N ALA B 646 -18.92 15.97 -6.78
CA ALA B 646 -18.47 17.35 -6.70
C ALA B 646 -16.99 17.49 -7.07
N GLY B 647 -16.17 16.57 -6.58
CA GLY B 647 -14.75 16.60 -6.90
C GLY B 647 -13.99 17.72 -6.23
N GLU B 648 -13.90 17.69 -4.91
CA GLU B 648 -13.13 18.67 -4.16
C GLU B 648 -11.70 18.16 -3.98
N SER B 649 -10.73 19.04 -4.17
CA SER B 649 -9.33 18.63 -4.14
C SER B 649 -8.87 18.40 -2.69
N PHE B 650 -7.65 17.87 -2.57
CA PHE B 650 -7.11 17.38 -1.31
C PHE B 650 -8.11 16.43 -0.67
N PRO B 651 -8.38 15.28 -1.30
CA PRO B 651 -9.46 14.42 -0.81
C PRO B 651 -9.29 13.95 0.62
N GLY B 652 -8.05 13.65 1.04
CA GLY B 652 -7.85 13.19 2.41
C GLY B 652 -8.30 14.21 3.43
N ILE B 653 -7.89 15.46 3.25
CA ILE B 653 -8.31 16.53 4.16
C ILE B 653 -9.81 16.75 4.06
N TYR B 654 -10.36 16.70 2.85
CA TYR B 654 -11.79 16.97 2.67
C TYR B 654 -12.64 15.93 3.39
N ASP B 655 -12.34 14.64 3.19
CA ASP B 655 -13.05 13.60 3.94
C ASP B 655 -12.79 13.72 5.44
N ALA B 656 -11.57 14.10 5.83
CA ALA B 656 -11.32 14.41 7.23
C ALA B 656 -12.17 15.58 7.69
N LEU B 657 -12.28 16.62 6.85
CA LEU B 657 -13.07 17.80 7.21
C LEU B 657 -14.56 17.59 6.99
N PHE B 658 -14.95 16.67 6.13
CA PHE B 658 -16.37 16.48 5.82
C PHE B 658 -17.12 16.02 7.06
N ASP B 659 -18.23 16.69 7.36
CA ASP B 659 -19.09 16.38 8.50
C ASP B 659 -18.29 16.37 9.80
N ILE B 660 -17.32 17.29 9.89
CA ILE B 660 -16.52 17.41 11.10
C ILE B 660 -17.35 17.88 12.29
N GLU B 661 -18.50 18.51 12.04
CA GLU B 661 -19.35 18.97 13.13
C GLU B 661 -19.90 17.81 13.94
N SER B 662 -20.32 16.75 13.25
CA SER B 662 -20.94 15.59 13.90
C SER B 662 -19.90 14.49 14.07
N LYS B 663 -19.10 14.63 15.12
CA LYS B 663 -18.13 13.62 15.51
C LYS B 663 -18.23 13.41 17.02
N VAL B 664 -18.11 12.15 17.45
CA VAL B 664 -18.27 11.82 18.87
C VAL B 664 -17.18 12.49 19.69
N ASP B 665 -15.93 12.33 19.28
CA ASP B 665 -14.80 12.96 19.95
C ASP B 665 -14.10 13.90 18.98
N PRO B 666 -14.27 15.22 19.13
CA PRO B 666 -13.61 16.15 18.21
C PRO B 666 -12.10 16.07 18.26
N SER B 667 -11.52 15.60 19.37
CA SER B 667 -10.07 15.55 19.50
C SER B 667 -9.46 14.63 18.45
N LYS B 668 -9.96 13.39 18.35
CA LYS B 668 -9.40 12.45 17.39
C LYS B 668 -9.67 12.87 15.96
N ALA B 669 -10.86 13.43 15.70
CA ALA B 669 -11.18 13.89 14.35
C ALA B 669 -10.25 15.01 13.92
N TRP B 670 -10.02 15.99 14.80
CA TRP B 670 -9.12 17.08 14.44
C TRP B 670 -7.67 16.62 14.39
N GLY B 671 -7.30 15.61 15.18
CA GLY B 671 -5.98 15.01 15.03
C GLY B 671 -5.81 14.36 13.68
N GLU B 672 -6.85 13.67 13.20
CA GLU B 672 -6.81 13.12 11.85
C GLU B 672 -6.73 14.23 10.81
N VAL B 673 -7.40 15.35 11.06
CA VAL B 673 -7.29 16.50 10.16
C VAL B 673 -5.85 17.00 10.11
N LYS B 674 -5.20 17.12 11.27
CA LYS B 674 -3.80 17.53 11.29
C LYS B 674 -2.91 16.53 10.58
N ARG B 675 -3.20 15.24 10.75
CA ARG B 675 -2.44 14.21 10.05
C ARG B 675 -2.58 14.35 8.54
N GLN B 676 -3.79 14.61 8.06
CA GLN B 676 -3.99 14.81 6.63
C GLN B 676 -3.28 16.05 6.13
N ILE B 677 -3.30 17.13 6.92
CA ILE B 677 -2.57 18.33 6.54
C ILE B 677 -1.08 18.04 6.44
N TYR B 678 -0.54 17.29 7.41
CA TYR B 678 0.87 16.94 7.40
C TYR B 678 1.21 16.10 6.17
N VAL B 679 0.36 15.13 5.85
CA VAL B 679 0.60 14.27 4.70
C VAL B 679 0.58 15.09 3.41
N ALA B 680 -0.42 15.96 3.27
CA ALA B 680 -0.52 16.78 2.06
C ALA B 680 0.68 17.71 1.92
N ALA B 681 1.07 18.37 3.02
CA ALA B 681 2.23 19.27 2.97
C ALA B 681 3.50 18.51 2.63
N PHE B 682 3.68 17.32 3.22
CA PHE B 682 4.85 16.51 2.92
C PHE B 682 4.86 16.10 1.45
N THR B 683 3.71 15.72 0.91
CA THR B 683 3.65 15.31 -0.49
C THR B 683 3.96 16.48 -1.43
N VAL B 684 3.41 17.66 -1.13
CA VAL B 684 3.69 18.83 -1.96
C VAL B 684 5.17 19.18 -1.90
N GLN B 685 5.76 19.16 -0.70
CA GLN B 685 7.18 19.45 -0.57
C GLN B 685 8.02 18.39 -1.28
N ALA B 686 7.61 17.13 -1.22
CA ALA B 686 8.33 16.06 -1.91
C ALA B 686 8.30 16.27 -3.42
N ALA B 687 7.15 16.66 -3.97
CA ALA B 687 7.08 16.99 -5.38
C ALA B 687 7.98 18.17 -5.71
N ALA B 688 8.00 19.19 -4.85
CA ALA B 688 8.85 20.34 -5.07
C ALA B 688 10.32 19.95 -5.10
N GLU B 689 10.76 19.10 -4.16
CA GLU B 689 12.13 18.61 -4.18
C GLU B 689 12.39 17.75 -5.40
N THR B 690 11.40 16.98 -5.85
CA THR B 690 11.53 16.26 -7.11
C THR B 690 11.78 17.24 -8.26
N LEU B 691 11.22 18.44 -8.17
CA LEU B 691 11.50 19.48 -9.16
C LEU B 691 12.76 20.27 -8.83
N SER B 692 13.36 20.05 -7.67
CA SER B 692 14.53 20.82 -7.26
C SER B 692 15.77 20.35 -8.01
N GLU B 693 16.86 21.09 -7.80
CA GLU B 693 18.12 20.78 -8.46
C GLU B 693 18.65 19.42 -8.01
N VAL B 694 19.19 18.66 -8.96
CA VAL B 694 19.66 17.31 -8.70
C VAL B 694 21.15 17.36 -8.38
N ALA B 695 21.52 16.85 -7.21
CA ALA B 695 22.92 16.78 -6.77
C ALA B 695 23.63 18.12 -6.84
N GLN C 1 -20.12 25.31 13.65
CA GLN C 1 -20.42 26.34 12.67
C GLN C 1 -20.42 27.73 13.29
N VAL C 2 -20.10 28.74 12.47
CA VAL C 2 -20.26 30.14 12.82
C VAL C 2 -21.10 30.80 11.74
N GLN C 3 -22.03 31.64 12.16
CA GLN C 3 -22.96 32.32 11.26
C GLN C 3 -22.61 33.79 11.20
N LEU C 4 -22.56 34.34 9.99
CA LEU C 4 -22.27 35.76 9.84
C LEU C 4 -23.38 36.59 10.49
N GLN C 5 -22.97 37.65 11.17
CA GLN C 5 -23.92 38.60 11.75
C GLN C 5 -24.07 39.74 10.73
N GLU C 6 -25.09 39.61 9.89
CA GLU C 6 -25.39 40.61 8.88
C GLU C 6 -26.48 41.55 9.36
N SER C 7 -26.39 42.80 8.93
CA SER C 7 -27.36 43.82 9.29
C SER C 7 -27.34 44.88 8.21
N GLY C 8 -28.06 45.98 8.45
CA GLY C 8 -28.17 47.02 7.47
C GLY C 8 -29.33 46.80 6.51
N GLY C 9 -29.57 47.80 5.68
CA GLY C 9 -30.71 47.76 4.79
C GLY C 9 -31.99 48.22 5.46
N GLY C 10 -33.04 48.29 4.67
CA GLY C 10 -34.33 48.71 5.18
C GLY C 10 -35.15 49.35 4.08
N SER C 11 -36.38 49.71 4.46
CA SER C 11 -37.32 50.32 3.52
C SER C 11 -36.98 51.79 3.36
N VAL C 12 -36.30 52.13 2.28
CA VAL C 12 -35.88 53.50 1.99
C VAL C 12 -36.38 53.88 0.61
N GLN C 13 -36.90 55.10 0.50
CA GLN C 13 -37.41 55.59 -0.78
C GLN C 13 -36.27 55.76 -1.78
N ALA C 14 -36.64 55.79 -3.06
CA ALA C 14 -35.65 55.91 -4.12
C ALA C 14 -34.93 57.25 -4.06
N GLY C 15 -33.65 57.23 -4.46
CA GLY C 15 -32.83 58.41 -4.46
C GLY C 15 -32.15 58.72 -3.14
N GLY C 16 -32.31 57.87 -2.13
CA GLY C 16 -31.74 58.10 -0.82
C GLY C 16 -30.41 57.40 -0.62
N SER C 17 -30.11 57.10 0.64
CA SER C 17 -28.88 56.43 1.02
C SER C 17 -29.18 55.37 2.07
N LEU C 18 -28.26 54.43 2.22
CA LEU C 18 -28.43 53.29 3.11
C LEU C 18 -27.06 52.70 3.37
N ARG C 19 -27.01 51.53 4.01
CA ARG C 19 -25.75 50.86 4.26
C ARG C 19 -26.02 49.42 4.71
N LEU C 20 -25.16 48.50 4.28
CA LEU C 20 -25.20 47.11 4.67
C LEU C 20 -24.01 46.79 5.57
N SER C 21 -24.22 45.89 6.52
CA SER C 21 -23.19 45.53 7.50
C SER C 21 -23.22 44.02 7.73
N CYS C 22 -22.12 43.34 7.42
CA CYS C 22 -21.98 41.92 7.68
C CYS C 22 -20.67 41.69 8.44
N THR C 23 -20.73 40.83 9.45
CA THR C 23 -19.59 40.53 10.31
C THR C 23 -19.29 39.03 10.26
N ALA C 24 -18.01 38.69 10.15
CA ALA C 24 -17.58 37.30 10.14
C ALA C 24 -16.83 36.99 11.42
N PRO C 25 -17.47 36.39 12.42
CA PRO C 25 -16.76 36.08 13.68
C PRO C 25 -15.59 35.13 13.44
N GLY C 26 -14.54 35.32 14.23
CA GLY C 26 -13.37 34.47 14.15
C GLY C 26 -12.44 34.76 13.00
N TYR C 27 -12.76 35.73 12.15
CA TYR C 27 -11.95 36.08 11.00
C TYR C 27 -11.13 37.35 11.24
N THR C 28 -10.70 37.57 12.49
CA THR C 28 -10.06 38.83 12.85
C THR C 28 -8.65 38.94 12.26
N ASP C 29 -7.96 37.81 12.08
CA ASP C 29 -6.56 37.83 11.66
C ASP C 29 -6.33 36.98 10.41
N SER C 30 -7.35 36.87 9.55
CA SER C 30 -7.24 36.10 8.32
C SER C 30 -7.84 36.91 7.18
N ASN C 31 -7.14 36.94 6.04
CA ASN C 31 -7.68 37.56 4.85
C ASN C 31 -8.84 36.74 4.30
N TYR C 32 -9.78 37.43 3.66
CA TYR C 32 -10.96 36.77 3.11
C TYR C 32 -11.51 37.57 1.95
N TYR C 33 -12.36 36.94 1.16
CA TYR C 33 -13.18 37.63 0.16
C TYR C 33 -14.56 37.81 0.76
N MET C 34 -14.89 39.04 1.13
CA MET C 34 -16.23 39.37 1.62
C MET C 34 -17.02 39.97 0.46
N SER C 35 -18.07 39.29 0.05
CA SER C 35 -18.82 39.66 -1.14
C SER C 35 -20.30 39.84 -0.83
N TRP C 36 -20.92 40.70 -1.63
CA TRP C 36 -22.32 41.06 -1.53
C TRP C 36 -23.02 40.66 -2.82
N PHE C 37 -24.03 39.79 -2.69
CA PHE C 37 -24.83 39.31 -3.81
C PHE C 37 -26.27 39.79 -3.63
N ARG C 38 -27.01 39.81 -4.73
CA ARG C 38 -28.40 40.27 -4.74
C ARG C 38 -29.25 39.28 -5.51
N GLN C 39 -30.41 38.93 -4.95
CA GLN C 39 -31.43 38.18 -5.68
C GLN C 39 -32.74 38.92 -5.60
N ALA C 40 -33.49 38.93 -6.71
CA ALA C 40 -34.73 39.64 -6.98
C ALA C 40 -35.92 38.67 -6.98
N PRO C 41 -37.07 39.15 -6.51
CA PRO C 41 -38.30 38.35 -6.63
C PRO C 41 -38.53 37.89 -8.06
N GLY C 42 -38.49 36.58 -8.27
CA GLY C 42 -38.62 36.01 -9.60
C GLY C 42 -37.32 35.89 -10.37
N LYS C 43 -36.20 36.32 -9.80
CA LYS C 43 -34.90 36.19 -10.46
C LYS C 43 -33.92 35.41 -9.60
N GLU C 44 -32.68 35.32 -10.06
CA GLU C 44 -31.64 34.57 -9.37
C GLU C 44 -30.69 35.52 -8.65
N ARG C 45 -29.74 34.94 -7.92
CA ARG C 45 -28.70 35.73 -7.25
C ARG C 45 -27.76 36.34 -8.29
N GLU C 46 -27.41 37.61 -8.09
CA GLU C 46 -26.48 38.30 -8.97
C GLU C 46 -25.41 38.98 -8.13
N TRP C 47 -24.21 39.08 -8.71
CA TRP C 47 -23.08 39.68 -8.01
C TRP C 47 -23.26 41.19 -7.92
N VAL C 48 -23.04 41.75 -6.73
CA VAL C 48 -23.10 43.19 -6.54
C VAL C 48 -21.69 43.73 -6.30
N ALA C 49 -21.03 43.22 -5.25
CA ALA C 49 -19.73 43.78 -4.88
C ALA C 49 -18.86 42.70 -4.26
N GLY C 50 -17.56 42.97 -4.21
CA GLY C 50 -16.63 42.06 -3.60
C GLY C 50 -15.36 42.77 -3.17
N VAL C 51 -14.72 42.23 -2.13
CA VAL C 51 -13.47 42.77 -1.62
C VAL C 51 -12.45 41.65 -1.52
N ASN C 52 -11.18 42.03 -1.55
CA ASN C 52 -10.06 41.10 -1.43
C ASN C 52 -9.17 41.64 -0.31
N THR C 53 -9.27 41.03 0.87
CA THR C 53 -8.47 41.46 2.01
C THR C 53 -6.99 41.19 1.79
N GLY C 54 -6.66 40.06 1.16
CA GLY C 54 -5.26 39.73 0.94
C GLY C 54 -4.54 40.78 0.11
N ARG C 55 -5.16 41.21 -1.00
CA ARG C 55 -4.64 42.29 -1.80
C ARG C 55 -5.32 43.62 -1.53
N GLY C 56 -6.33 43.63 -0.64
CA GLY C 56 -7.00 44.86 -0.28
C GLY C 56 -7.73 45.54 -1.41
N SER C 57 -8.13 44.80 -2.44
CA SER C 57 -8.76 45.38 -3.60
C SER C 57 -10.29 45.32 -3.49
N THR C 58 -10.97 46.01 -4.40
CA THR C 58 -12.42 46.01 -4.43
C THR C 58 -12.90 45.92 -5.87
N SER C 59 -14.07 45.30 -6.05
CA SER C 59 -14.66 45.12 -7.37
C SER C 59 -16.17 45.27 -7.28
N TYR C 60 -16.77 45.86 -8.31
CA TYR C 60 -18.20 46.07 -8.41
C TYR C 60 -18.68 45.71 -9.80
N ALA C 61 -20.00 45.60 -9.95
CA ALA C 61 -20.60 45.33 -11.25
C ALA C 61 -20.62 46.61 -12.09
N ASP C 62 -20.99 46.46 -13.37
CA ASP C 62 -20.98 47.60 -14.28
C ASP C 62 -22.00 48.66 -13.86
N SER C 63 -23.25 48.25 -13.65
CA SER C 63 -24.26 49.20 -13.19
C SER C 63 -24.05 49.60 -11.75
N VAL C 64 -23.58 48.68 -10.91
CA VAL C 64 -23.33 48.98 -9.51
C VAL C 64 -22.14 49.94 -9.37
N LYS C 65 -21.27 50.00 -10.37
CA LYS C 65 -20.14 50.92 -10.32
C LYS C 65 -20.61 52.36 -10.24
N GLY C 66 -19.98 53.15 -9.36
CA GLY C 66 -20.34 54.54 -9.16
C GLY C 66 -21.51 54.70 -8.22
N ARG C 67 -22.49 53.81 -8.35
CA ARG C 67 -23.62 53.80 -7.45
C ARG C 67 -23.23 53.41 -6.02
N PHE C 68 -22.39 52.39 -5.89
CA PHE C 68 -22.28 51.70 -4.62
C PHE C 68 -20.81 51.50 -4.29
N THR C 69 -20.41 51.86 -3.07
CA THR C 69 -19.02 51.73 -2.65
C THR C 69 -18.93 50.93 -1.35
N ILE C 70 -18.00 49.99 -1.30
CA ILE C 70 -17.82 49.20 -0.08
C ILE C 70 -17.21 50.08 1.01
N SER C 71 -17.48 49.72 2.27
CA SER C 71 -16.93 50.40 3.42
C SER C 71 -16.33 49.38 4.38
N GLN C 72 -15.61 49.88 5.38
CA GLN C 72 -14.88 49.01 6.29
C GLN C 72 -14.98 49.55 7.70
N ASP C 73 -14.70 48.67 8.67
CA ASP C 73 -14.77 48.98 10.08
C ASP C 73 -13.43 48.64 10.73
N ASN C 74 -13.16 49.29 11.87
CA ASN C 74 -11.86 49.15 12.52
C ASN C 74 -11.52 47.69 12.81
N ALA C 75 -12.49 46.92 13.30
CA ALA C 75 -12.29 45.49 13.46
C ALA C 75 -12.14 44.83 12.10
N LYS C 76 -11.04 44.09 11.90
CA LYS C 76 -10.74 43.57 10.58
C LYS C 76 -11.72 42.51 10.10
N ASN C 77 -12.48 41.91 11.01
CA ASN C 77 -13.45 40.87 10.64
C ASN C 77 -14.79 41.43 10.23
N THR C 78 -14.96 42.76 10.23
CA THR C 78 -16.22 43.40 9.87
C THR C 78 -15.97 44.40 8.75
N MET C 79 -16.77 44.29 7.69
CA MET C 79 -16.74 45.23 6.59
C MET C 79 -18.16 45.66 6.23
N PHE C 80 -18.26 46.84 5.61
CA PHE C 80 -19.54 47.50 5.41
C PHE C 80 -19.81 47.64 3.92
N LEU C 81 -21.04 48.04 3.58
CA LEU C 81 -21.38 48.43 2.23
C LEU C 81 -22.34 49.62 2.32
N GLN C 82 -21.79 50.82 2.24
CA GLN C 82 -22.63 52.01 2.25
C GLN C 82 -23.38 52.09 0.92
N MET C 83 -24.55 52.72 0.97
CA MET C 83 -25.49 52.72 -0.14
C MET C 83 -25.81 54.18 -0.43
N ASN C 84 -26.03 54.52 -1.71
CA ASN C 84 -26.43 55.87 -2.05
C ASN C 84 -27.10 55.91 -3.41
N SER C 85 -27.91 56.97 -3.61
CA SER C 85 -28.63 57.22 -4.86
C SER C 85 -29.45 55.99 -5.28
N LEU C 86 -30.18 55.44 -4.31
CA LEU C 86 -30.91 54.20 -4.55
C LEU C 86 -31.95 54.40 -5.64
N LYS C 87 -32.04 53.43 -6.55
CA LYS C 87 -32.98 53.44 -7.66
C LYS C 87 -34.00 52.31 -7.51
N PRO C 88 -35.22 52.50 -8.00
CA PRO C 88 -36.33 51.61 -7.57
C PRO C 88 -36.15 50.14 -7.93
N GLU C 89 -35.44 49.82 -9.02
CA GLU C 89 -35.32 48.42 -9.39
C GLU C 89 -34.46 47.63 -8.41
N ASP C 90 -33.72 48.31 -7.54
CA ASP C 90 -32.96 47.65 -6.48
C ASP C 90 -33.81 47.44 -5.23
N THR C 91 -34.99 46.86 -5.44
CA THR C 91 -35.90 46.47 -4.36
C THR C 91 -35.57 45.09 -3.84
N ALA C 92 -34.67 44.37 -4.50
CA ALA C 92 -34.36 42.99 -4.21
C ALA C 92 -33.61 42.87 -2.88
N GLN C 93 -33.27 41.64 -2.51
CA GLN C 93 -32.57 41.36 -1.26
C GLN C 93 -31.11 41.05 -1.54
N TYR C 94 -30.28 41.22 -0.52
CA TYR C 94 -28.86 40.90 -0.61
C TYR C 94 -28.46 39.82 0.37
N TYR C 95 -27.24 39.32 0.16
CA TYR C 95 -26.62 38.28 0.97
C TYR C 95 -25.12 38.59 1.05
N CYS C 96 -24.53 38.32 2.22
CA CYS C 96 -23.10 38.50 2.42
C CYS C 96 -22.43 37.14 2.55
N ALA C 97 -21.25 37.01 1.94
CA ALA C 97 -20.52 35.75 1.95
C ALA C 97 -19.05 36.03 2.20
N VAL C 98 -18.37 35.06 2.82
CA VAL C 98 -16.95 35.15 3.11
C VAL C 98 -16.28 33.85 2.68
N ALA C 99 -15.13 33.97 2.03
CA ALA C 99 -14.31 32.83 1.65
C ALA C 99 -12.89 33.10 2.16
N ALA C 100 -12.50 32.37 3.22
CA ALA C 100 -11.19 32.59 3.82
C ALA C 100 -10.09 32.28 2.81
N CYS C 101 -9.10 33.18 2.73
CA CYS C 101 -8.01 33.03 1.79
C CYS C 101 -6.69 33.35 2.47
N HIS C 102 -5.64 32.65 2.06
CA HIS C 102 -4.28 32.94 2.48
C HIS C 102 -3.49 33.64 1.38
N PHE C 103 -3.49 33.07 0.18
CA PHE C 103 -2.83 33.71 -0.96
C PHE C 103 -3.72 34.80 -1.56
N CYS C 104 -5.04 34.55 -1.61
CA CYS C 104 -6.02 35.51 -2.13
C CYS C 104 -5.65 35.97 -3.54
N ASP C 105 -5.39 35.00 -4.41
CA ASP C 105 -4.94 35.31 -5.77
C ASP C 105 -6.04 36.02 -6.57
N SER C 106 -7.29 35.59 -6.44
CA SER C 106 -8.37 36.17 -7.22
C SER C 106 -9.65 36.18 -6.40
N LEU C 107 -10.53 37.11 -6.73
CA LEU C 107 -11.80 37.27 -6.05
C LEU C 107 -12.86 36.41 -6.72
N PRO C 108 -13.55 35.54 -6.00
CA PRO C 108 -14.62 34.76 -6.64
C PRO C 108 -15.89 35.57 -6.80
N LYS C 109 -16.52 35.41 -7.97
CA LYS C 109 -17.72 36.16 -8.31
C LYS C 109 -18.95 35.29 -8.46
N THR C 110 -18.84 33.99 -8.23
CA THR C 110 -19.97 33.07 -8.30
C THR C 110 -20.33 32.60 -6.89
N GLN C 111 -21.61 32.26 -6.71
CA GLN C 111 -22.08 31.83 -5.40
C GLN C 111 -21.57 30.45 -5.02
N ASP C 112 -21.03 29.69 -5.98
CA ASP C 112 -20.59 28.34 -5.69
C ASP C 112 -19.33 28.32 -4.83
N GLU C 113 -18.40 29.24 -5.11
CA GLU C 113 -17.10 29.21 -4.43
C GLU C 113 -17.23 29.62 -2.96
N TYR C 114 -18.16 30.50 -2.63
CA TYR C 114 -18.29 30.96 -1.25
C TYR C 114 -18.92 29.88 -0.38
N ILE C 115 -18.63 29.94 0.92
CA ILE C 115 -18.95 28.87 1.85
C ILE C 115 -19.93 29.33 2.92
N LEU C 116 -19.67 30.47 3.54
CA LEU C 116 -20.51 31.00 4.61
C LEU C 116 -21.45 32.05 4.04
N TRP C 117 -22.74 31.91 4.32
CA TRP C 117 -23.77 32.76 3.73
C TRP C 117 -24.67 33.35 4.81
N GLY C 118 -25.20 34.53 4.53
CA GLY C 118 -26.10 35.21 5.43
C GLY C 118 -27.50 35.38 4.85
N GLN C 119 -28.27 36.26 5.48
CA GLN C 119 -29.64 36.56 5.07
C GLN C 119 -29.88 38.06 5.23
N GLY C 120 -30.18 38.74 4.13
CA GLY C 120 -30.39 40.17 4.17
C GLY C 120 -31.70 40.55 3.50
N THR C 121 -32.18 41.75 3.85
CA THR C 121 -33.46 42.24 3.38
C THR C 121 -33.44 43.76 3.27
N GLN C 122 -34.03 44.28 2.19
CA GLN C 122 -34.14 45.71 1.98
C GLN C 122 -35.29 45.98 1.02
N VAL C 123 -35.91 47.15 1.14
CA VAL C 123 -36.98 47.58 0.25
C VAL C 123 -36.65 48.97 -0.27
N THR C 124 -36.70 49.13 -1.59
CA THR C 124 -36.43 50.40 -2.25
C THR C 124 -37.76 50.92 -2.83
N VAL C 125 -38.44 51.76 -2.06
CA VAL C 125 -39.71 52.33 -2.50
C VAL C 125 -39.45 53.42 -3.53
N SER C 126 -40.39 53.58 -4.46
CA SER C 126 -40.28 54.60 -5.50
C SER C 126 -40.44 55.99 -4.91
N GLN D 1 1.94 -34.26 7.28
CA GLN D 1 3.27 -34.71 6.91
C GLN D 1 3.25 -36.12 6.33
N VAL D 2 4.30 -36.45 5.58
CA VAL D 2 4.56 -37.81 5.13
C VAL D 2 5.98 -38.17 5.55
N GLN D 3 6.15 -39.40 6.05
CA GLN D 3 7.44 -39.87 6.55
C GLN D 3 7.96 -40.95 5.62
N LEU D 4 9.25 -40.87 5.30
CA LEU D 4 9.86 -41.87 4.43
C LEU D 4 9.86 -43.23 5.10
N GLN D 5 9.56 -44.26 4.32
CA GLN D 5 9.65 -45.64 4.78
C GLN D 5 10.98 -46.21 4.28
N GLU D 6 11.91 -46.41 5.20
CA GLU D 6 13.23 -46.92 4.88
C GLU D 6 13.46 -48.25 5.58
N SER D 7 14.31 -49.07 4.96
CA SER D 7 14.66 -50.37 5.51
C SER D 7 16.06 -50.71 5.01
N GLY D 8 16.44 -51.97 5.15
CA GLY D 8 17.78 -52.40 4.78
C GLY D 8 18.75 -52.31 5.94
N GLY D 9 19.99 -52.68 5.65
CA GLY D 9 21.02 -52.76 6.67
C GLY D 9 20.92 -54.05 7.46
N GLY D 10 21.77 -54.15 8.47
CA GLY D 10 21.76 -55.31 9.35
C GLY D 10 23.17 -55.67 9.77
N SER D 11 23.23 -56.65 10.66
CA SER D 11 24.50 -57.14 11.21
C SER D 11 25.16 -58.03 10.17
N VAL D 12 26.14 -57.49 9.45
CA VAL D 12 26.85 -58.20 8.41
C VAL D 12 28.35 -58.12 8.69
N GLN D 13 29.05 -59.24 8.53
CA GLN D 13 30.49 -59.26 8.73
C GLN D 13 31.17 -58.38 7.69
N ALA D 14 32.42 -58.01 7.98
CA ALA D 14 33.19 -57.19 7.05
C ALA D 14 33.50 -57.95 5.77
N GLY D 15 33.52 -57.22 4.67
CA GLY D 15 33.81 -57.81 3.37
C GLY D 15 32.64 -58.42 2.65
N GLY D 16 31.43 -58.36 3.22
CA GLY D 16 30.26 -58.93 2.61
C GLY D 16 29.48 -57.92 1.77
N SER D 17 28.19 -58.19 1.62
CA SER D 17 27.28 -57.34 0.86
C SER D 17 26.00 -57.11 1.66
N LEU D 18 25.25 -56.10 1.24
CA LEU D 18 24.04 -55.66 1.93
C LEU D 18 23.30 -54.72 0.96
N ARG D 19 22.24 -54.08 1.44
CA ARG D 19 21.51 -53.12 0.61
C ARG D 19 20.54 -52.30 1.47
N LEU D 20 20.50 -51.00 1.21
CA LEU D 20 19.73 -50.04 1.99
C LEU D 20 18.60 -49.49 1.13
N SER D 21 17.41 -49.36 1.72
CA SER D 21 16.23 -48.89 1.00
C SER D 21 15.67 -47.63 1.65
N CYS D 22 14.93 -46.87 0.85
CA CYS D 22 14.21 -45.70 1.33
C CYS D 22 13.13 -45.33 0.32
N THR D 23 11.90 -45.15 0.80
CA THR D 23 10.75 -44.87 -0.05
C THR D 23 10.15 -43.53 0.32
N ALA D 24 9.80 -42.74 -0.70
CA ALA D 24 9.18 -41.43 -0.49
C ALA D 24 7.74 -41.46 -0.98
N PRO D 25 6.77 -41.69 -0.10
CA PRO D 25 5.37 -41.72 -0.55
C PRO D 25 4.94 -40.41 -1.17
N GLY D 26 4.08 -40.50 -2.19
CA GLY D 26 3.56 -39.34 -2.86
C GLY D 26 4.50 -38.71 -3.86
N TYR D 27 5.72 -39.23 -4.02
CA TYR D 27 6.70 -38.69 -4.95
C TYR D 27 6.78 -39.50 -6.24
N THR D 28 5.66 -40.09 -6.66
CA THR D 28 5.67 -41.01 -7.80
C THR D 28 5.92 -40.28 -9.11
N ASP D 29 5.43 -39.05 -9.25
CA ASP D 29 5.47 -38.33 -10.52
C ASP D 29 6.26 -37.03 -10.43
N SER D 30 7.18 -36.93 -9.48
CA SER D 30 7.97 -35.72 -9.30
C SER D 30 9.45 -36.08 -9.15
N ASN D 31 10.32 -35.34 -9.83
CA ASN D 31 11.75 -35.50 -9.64
C ASN D 31 12.14 -35.07 -8.23
N TYR D 32 13.18 -35.70 -7.69
CA TYR D 32 13.54 -35.47 -6.30
C TYR D 32 15.01 -35.80 -6.08
N TYR D 33 15.61 -35.10 -5.12
CA TYR D 33 16.99 -35.36 -4.69
C TYR D 33 16.94 -36.45 -3.63
N MET D 34 17.33 -37.67 -4.00
CA MET D 34 17.40 -38.77 -3.04
C MET D 34 18.85 -39.02 -2.70
N SER D 35 19.21 -38.86 -1.43
CA SER D 35 20.59 -38.98 -0.99
C SER D 35 20.64 -39.68 0.36
N TRP D 36 21.83 -40.17 0.70
CA TRP D 36 22.06 -40.93 1.91
C TRP D 36 23.16 -40.28 2.75
N PHE D 37 22.92 -40.20 4.06
CA PHE D 37 23.85 -39.58 5.00
C PHE D 37 24.15 -40.56 6.11
N ARG D 38 25.41 -40.61 6.54
CA ARG D 38 25.85 -41.53 7.59
C ARG D 38 26.41 -40.74 8.76
N GLN D 39 25.95 -41.05 9.96
CA GLN D 39 26.48 -40.46 11.18
C GLN D 39 27.16 -41.56 12.00
N ALA D 40 28.39 -41.31 12.41
CA ALA D 40 29.16 -42.31 13.13
C ALA D 40 28.79 -42.33 14.61
N PRO D 41 28.96 -43.47 15.28
CA PRO D 41 28.75 -43.51 16.73
C PRO D 41 29.52 -42.40 17.44
N GLY D 42 28.78 -41.46 18.01
CA GLY D 42 29.40 -40.34 18.69
C GLY D 42 29.96 -39.27 17.77
N LYS D 43 29.65 -39.32 16.48
CA LYS D 43 30.12 -38.33 15.53
C LYS D 43 28.96 -37.83 14.69
N GLU D 44 29.25 -36.84 13.85
CA GLU D 44 28.22 -36.16 13.05
C GLU D 44 27.94 -36.95 11.77
N ARG D 45 27.05 -36.41 10.95
CA ARG D 45 26.68 -37.00 9.68
C ARG D 45 27.76 -36.75 8.62
N GLU D 46 27.77 -37.60 7.60
CA GLU D 46 28.63 -37.39 6.45
C GLU D 46 27.89 -37.84 5.19
N TRP D 47 28.31 -37.28 4.06
CA TRP D 47 27.72 -37.61 2.77
C TRP D 47 28.36 -38.87 2.20
N VAL D 48 27.53 -39.79 1.72
CA VAL D 48 27.98 -41.03 1.11
C VAL D 48 27.49 -41.19 -0.32
N ALA D 49 26.24 -40.84 -0.59
CA ALA D 49 25.67 -41.07 -1.92
C ALA D 49 24.47 -40.15 -2.13
N GLY D 50 24.10 -40.00 -3.40
CA GLY D 50 22.94 -39.22 -3.77
C GLY D 50 22.63 -39.36 -5.24
N VAL D 51 21.37 -39.13 -5.58
CA VAL D 51 20.90 -39.23 -6.96
C VAL D 51 20.12 -37.98 -7.31
N ASN D 52 20.04 -37.70 -8.62
CA ASN D 52 19.30 -36.56 -9.14
C ASN D 52 18.25 -37.11 -10.11
N THR D 53 17.01 -37.26 -9.62
CA THR D 53 15.96 -37.80 -10.46
C THR D 53 15.68 -36.91 -11.68
N GLY D 54 15.94 -35.61 -11.55
CA GLY D 54 15.68 -34.70 -12.66
C GLY D 54 16.59 -34.96 -13.85
N ARG D 55 17.88 -35.17 -13.62
CA ARG D 55 18.84 -35.37 -14.69
C ARG D 55 19.41 -36.78 -14.76
N GLY D 56 19.18 -37.61 -13.74
CA GLY D 56 19.70 -38.96 -13.73
C GLY D 56 21.15 -39.10 -13.31
N SER D 57 21.83 -38.01 -12.99
CA SER D 57 23.22 -38.08 -12.58
C SER D 57 23.36 -38.65 -11.18
N THR D 58 24.50 -39.29 -10.93
CA THR D 58 24.77 -39.90 -9.64
C THR D 58 26.19 -39.53 -9.21
N SER D 59 26.35 -39.22 -7.93
CA SER D 59 27.65 -38.86 -7.36
C SER D 59 27.82 -39.54 -6.01
N TYR D 60 29.06 -39.90 -5.70
CA TYR D 60 29.39 -40.57 -4.45
C TYR D 60 30.60 -39.90 -3.81
N ALA D 61 30.81 -40.21 -2.53
CA ALA D 61 31.99 -39.71 -1.83
C ALA D 61 33.24 -40.40 -2.36
N ASP D 62 34.39 -39.76 -2.12
CA ASP D 62 35.66 -40.26 -2.65
C ASP D 62 35.97 -41.65 -2.12
N SER D 63 35.89 -41.84 -0.80
CA SER D 63 36.08 -43.17 -0.23
C SER D 63 34.96 -44.11 -0.68
N VAL D 64 33.73 -43.60 -0.75
CA VAL D 64 32.61 -44.42 -1.19
C VAL D 64 32.74 -44.77 -2.66
N LYS D 65 33.37 -43.89 -3.45
CA LYS D 65 33.54 -44.14 -4.88
C LYS D 65 34.28 -45.44 -5.13
N GLY D 66 33.77 -46.24 -6.08
CA GLY D 66 34.33 -47.55 -6.36
C GLY D 66 33.88 -48.63 -5.41
N ARG D 67 33.00 -48.30 -4.46
CA ARG D 67 32.51 -49.25 -3.47
C ARG D 67 31.00 -49.44 -3.49
N PHE D 68 30.23 -48.37 -3.64
CA PHE D 68 28.83 -48.33 -3.24
C PHE D 68 28.02 -47.76 -4.40
N THR D 69 26.95 -48.46 -4.80
CA THR D 69 26.17 -48.06 -5.95
C THR D 69 24.69 -48.02 -5.61
N ILE D 70 23.99 -47.05 -6.18
CA ILE D 70 22.55 -46.88 -6.00
C ILE D 70 21.81 -47.75 -7.01
N SER D 71 20.79 -48.47 -6.53
CA SER D 71 19.94 -49.30 -7.38
C SER D 71 18.57 -48.65 -7.48
N GLN D 72 18.14 -48.36 -8.71
CA GLN D 72 16.81 -47.80 -8.91
C GLN D 72 15.74 -48.88 -8.82
N ASP D 73 14.61 -48.53 -8.21
CA ASP D 73 13.49 -49.44 -8.04
C ASP D 73 12.43 -49.17 -9.09
N ASN D 74 11.62 -50.19 -9.39
CA ASN D 74 10.63 -50.07 -10.46
C ASN D 74 9.65 -48.94 -10.17
N ALA D 75 9.17 -48.83 -8.93
CA ALA D 75 8.37 -47.67 -8.55
C ALA D 75 9.27 -46.44 -8.49
N LYS D 76 8.84 -45.37 -9.17
CA LYS D 76 9.69 -44.20 -9.31
C LYS D 76 9.94 -43.48 -7.99
N ASN D 77 9.05 -43.65 -7.01
CA ASN D 77 9.20 -43.00 -5.71
C ASN D 77 10.02 -43.83 -4.73
N THR D 78 10.82 -44.77 -5.22
CA THR D 78 11.63 -45.63 -4.37
C THR D 78 12.95 -45.92 -5.08
N MET D 79 14.04 -45.90 -4.31
CA MET D 79 15.35 -46.26 -4.84
C MET D 79 16.13 -47.01 -3.78
N PHE D 80 17.11 -47.78 -4.22
CA PHE D 80 17.86 -48.68 -3.36
C PHE D 80 19.32 -48.24 -3.32
N LEU D 81 20.01 -48.60 -2.24
CA LEU D 81 21.45 -48.42 -2.10
C LEU D 81 22.05 -49.78 -1.79
N GLN D 82 22.48 -50.50 -2.82
CA GLN D 82 23.12 -51.80 -2.60
C GLN D 82 24.48 -51.58 -1.95
N MET D 83 24.94 -52.60 -1.23
CA MET D 83 26.10 -52.44 -0.36
C MET D 83 27.05 -53.60 -0.66
N ASN D 84 28.35 -53.34 -0.56
CA ASN D 84 29.30 -54.41 -0.83
C ASN D 84 30.66 -54.09 -0.19
N SER D 85 31.37 -55.15 0.18
CA SER D 85 32.73 -55.07 0.72
C SER D 85 32.82 -54.12 1.91
N LEU D 86 31.90 -54.30 2.85
CA LEU D 86 31.81 -53.40 4.00
C LEU D 86 33.11 -53.42 4.79
N LYS D 87 33.66 -52.24 5.03
CA LYS D 87 34.85 -52.02 5.83
C LYS D 87 34.42 -51.57 7.22
N PRO D 88 34.99 -52.10 8.30
CA PRO D 88 34.44 -51.88 9.64
C PRO D 88 34.17 -50.42 10.05
N GLU D 89 34.61 -49.44 9.25
CA GLU D 89 34.16 -48.08 9.53
C GLU D 89 32.76 -47.82 9.00
N ASP D 90 32.23 -48.71 8.16
CA ASP D 90 30.82 -48.64 7.76
C ASP D 90 29.96 -49.43 8.75
N THR D 91 30.19 -49.14 10.04
CA THR D 91 29.43 -49.70 11.14
C THR D 91 28.35 -48.73 11.61
N ALA D 92 28.41 -47.48 11.17
CA ALA D 92 27.53 -46.43 11.60
C ALA D 92 26.12 -46.63 11.04
N GLN D 93 25.23 -45.70 11.35
CA GLN D 93 23.83 -45.76 10.94
C GLN D 93 23.59 -44.74 9.83
N TYR D 94 23.10 -45.22 8.69
CA TYR D 94 22.83 -44.36 7.55
C TYR D 94 21.50 -43.62 7.72
N TYR D 95 21.30 -42.61 6.87
CA TYR D 95 20.10 -41.80 6.91
C TYR D 95 19.76 -41.38 5.49
N CYS D 96 18.48 -41.49 5.13
CA CYS D 96 18.01 -41.18 3.79
C CYS D 96 17.11 -39.95 3.84
N ALA D 97 17.25 -39.09 2.84
CA ALA D 97 16.46 -37.86 2.75
C ALA D 97 16.08 -37.60 1.30
N VAL D 98 14.98 -36.88 1.11
CA VAL D 98 14.47 -36.53 -0.20
C VAL D 98 14.25 -35.02 -0.25
N ALA D 99 14.64 -34.40 -1.36
CA ALA D 99 14.39 -32.99 -1.61
C ALA D 99 13.69 -32.87 -2.95
N ALA D 100 12.41 -32.48 -2.92
CA ALA D 100 11.63 -32.38 -4.14
C ALA D 100 12.18 -31.27 -5.02
N CYS D 101 12.34 -31.56 -6.32
CA CYS D 101 12.87 -30.61 -7.27
C CYS D 101 12.08 -30.68 -8.56
N HIS D 102 11.96 -29.52 -9.22
CA HIS D 102 11.39 -29.44 -10.56
C HIS D 102 12.45 -29.20 -11.62
N PHE D 103 13.25 -28.15 -11.46
CA PHE D 103 14.35 -27.93 -12.38
C PHE D 103 15.50 -28.89 -12.11
N CYS D 104 15.76 -29.17 -10.83
CA CYS D 104 16.80 -30.11 -10.41
C CYS D 104 18.17 -29.74 -11.00
N ASP D 105 18.61 -28.52 -10.69
CA ASP D 105 19.85 -28.01 -11.29
C ASP D 105 21.08 -28.65 -10.68
N SER D 106 21.10 -28.82 -9.35
CA SER D 106 22.27 -29.35 -8.67
C SER D 106 21.86 -30.20 -7.49
N LEU D 107 22.60 -31.28 -7.27
CA LEU D 107 22.33 -32.19 -6.16
C LEU D 107 22.92 -31.61 -4.87
N PRO D 108 22.13 -31.45 -3.81
CA PRO D 108 22.67 -30.89 -2.58
C PRO D 108 23.37 -31.95 -1.74
N LYS D 109 24.44 -31.52 -1.07
CA LYS D 109 25.26 -32.41 -0.26
C LYS D 109 25.28 -32.05 1.23
N THR D 110 24.60 -30.97 1.63
CA THR D 110 24.52 -30.60 3.03
C THR D 110 23.19 -31.04 3.62
N GLN D 111 23.21 -31.40 4.90
CA GLN D 111 22.00 -31.84 5.57
C GLN D 111 21.00 -30.72 5.78
N ASP D 112 21.43 -29.46 5.67
CA ASP D 112 20.52 -28.34 5.84
C ASP D 112 19.54 -28.24 4.69
N GLU D 113 20.00 -28.52 3.46
CA GLU D 113 19.15 -28.35 2.28
C GLU D 113 17.97 -29.32 2.29
N TYR D 114 18.21 -30.56 2.70
CA TYR D 114 17.17 -31.58 2.64
C TYR D 114 16.09 -31.31 3.68
N ILE D 115 14.89 -31.82 3.41
CA ILE D 115 13.70 -31.51 4.20
C ILE D 115 13.16 -32.74 4.90
N LEU D 116 12.80 -33.77 4.13
CA LEU D 116 12.22 -34.98 4.70
C LEU D 116 13.33 -35.95 5.10
N TRP D 117 13.27 -36.44 6.34
CA TRP D 117 14.33 -37.25 6.90
C TRP D 117 13.78 -38.55 7.45
N GLY D 118 14.57 -39.62 7.33
CA GLY D 118 14.20 -40.93 7.81
C GLY D 118 15.07 -41.36 8.98
N GLN D 119 14.91 -42.64 9.35
CA GLN D 119 15.66 -43.25 10.45
C GLN D 119 16.19 -44.61 9.99
N GLY D 120 17.43 -44.61 9.47
CA GLY D 120 18.07 -45.85 9.07
C GLY D 120 19.15 -46.28 10.06
N THR D 121 19.48 -47.58 10.02
CA THR D 121 20.46 -48.13 10.95
C THR D 121 21.08 -49.39 10.36
N GLN D 122 22.30 -49.68 10.79
CA GLN D 122 23.03 -50.89 10.40
C GLN D 122 24.29 -50.96 11.24
N VAL D 123 24.76 -52.19 11.49
CA VAL D 123 25.96 -52.44 12.27
C VAL D 123 26.85 -53.39 11.48
N THR D 124 28.15 -53.06 11.41
CA THR D 124 29.12 -53.89 10.70
C THR D 124 30.19 -54.36 11.69
N VAL D 125 30.42 -55.67 11.70
CA VAL D 125 31.42 -56.28 12.58
C VAL D 125 32.59 -56.75 11.74
N SER D 126 33.75 -56.84 12.38
CA SER D 126 34.98 -57.25 11.69
C SER D 126 34.91 -58.73 11.30
N VAL E 1 -57.32 -0.34 -40.88
CA VAL E 1 -57.00 -1.04 -39.65
C VAL E 1 -58.28 -1.55 -38.99
N GLN E 2 -58.39 -2.86 -38.84
CA GLN E 2 -59.54 -3.48 -38.20
C GLN E 2 -59.09 -4.16 -36.92
N LEU E 3 -59.67 -3.73 -35.80
CA LEU E 3 -59.40 -4.35 -34.50
C LEU E 3 -60.53 -5.32 -34.16
N GLN E 4 -60.46 -6.51 -34.75
CA GLN E 4 -61.62 -7.39 -34.65
C GLN E 4 -61.58 -8.18 -33.36
N GLU E 5 -62.75 -8.31 -32.73
CA GLU E 5 -62.93 -8.86 -31.40
C GLU E 5 -63.78 -10.13 -31.48
N SER E 6 -63.78 -10.89 -30.40
CA SER E 6 -64.59 -12.10 -30.30
C SER E 6 -64.77 -12.44 -28.83
N GLY E 7 -65.52 -13.50 -28.56
CA GLY E 7 -65.73 -13.98 -27.21
C GLY E 7 -67.08 -13.71 -26.60
N GLY E 8 -68.13 -13.56 -27.40
CA GLY E 8 -69.45 -13.35 -26.84
C GLY E 8 -69.98 -14.58 -26.13
N GLY E 9 -70.86 -14.35 -25.15
CA GLY E 9 -71.46 -15.44 -24.41
C GLY E 9 -72.46 -14.93 -23.40
N SER E 10 -73.19 -15.87 -22.81
CA SER E 10 -74.23 -15.59 -21.82
CA SER E 10 -74.23 -15.59 -21.82
C SER E 10 -74.12 -16.53 -20.63
N VAL E 11 -72.91 -16.68 -20.08
CA VAL E 11 -72.71 -17.55 -18.94
C VAL E 11 -73.36 -16.94 -17.70
N GLN E 12 -74.09 -17.76 -16.95
CA GLN E 12 -74.85 -17.25 -15.81
C GLN E 12 -73.94 -16.72 -14.71
N ALA E 13 -72.88 -17.46 -14.37
CA ALA E 13 -71.96 -17.05 -13.32
C ALA E 13 -70.74 -17.98 -13.35
N GLY E 14 -69.64 -17.47 -12.83
CA GLY E 14 -68.41 -18.25 -12.69
C GLY E 14 -67.88 -18.78 -14.00
N GLY E 15 -67.99 -17.98 -15.07
CA GLY E 15 -67.53 -18.42 -16.38
C GLY E 15 -66.04 -18.25 -16.57
N SER E 16 -65.54 -18.89 -17.62
CA SER E 16 -64.14 -18.76 -18.02
C SER E 16 -64.00 -18.17 -19.41
N LEU E 17 -65.06 -17.56 -19.94
CA LEU E 17 -65.05 -16.96 -21.27
C LEU E 17 -63.96 -15.91 -21.37
N ARG E 18 -63.22 -15.94 -22.47
CA ARG E 18 -62.00 -15.17 -22.63
C ARG E 18 -62.04 -14.42 -23.96
N LEU E 19 -61.78 -13.11 -23.90
CA LEU E 19 -61.96 -12.24 -25.06
C LEU E 19 -60.65 -12.08 -25.84
N SER E 20 -60.75 -12.19 -27.16
CA SER E 20 -59.60 -12.08 -28.05
C SER E 20 -59.82 -10.92 -29.00
N CYS E 21 -58.79 -10.09 -29.19
CA CYS E 21 -58.87 -9.03 -30.17
C CYS E 21 -57.57 -8.92 -30.94
N ALA E 22 -57.67 -8.77 -32.26
CA ALA E 22 -56.49 -8.67 -33.09
C ALA E 22 -56.53 -7.38 -33.88
N ARG E 23 -55.33 -6.88 -34.21
CA ARG E 23 -55.16 -5.68 -35.02
C ARG E 23 -54.70 -6.13 -36.41
N SER E 24 -55.51 -5.85 -37.41
CA SER E 24 -55.18 -6.15 -38.80
C SER E 24 -54.93 -4.85 -39.55
N GLY E 25 -53.79 -4.78 -40.25
CA GLY E 25 -53.41 -3.55 -40.92
C GLY E 25 -52.87 -2.50 -40.00
N TRP E 26 -52.37 -2.89 -38.82
CA TRP E 26 -51.82 -1.94 -37.87
C TRP E 26 -50.60 -1.26 -38.48
N PRO E 27 -50.60 0.06 -38.62
CA PRO E 27 -49.51 0.73 -39.34
C PRO E 27 -48.37 1.26 -38.48
N TYR E 28 -48.48 1.20 -37.15
CA TYR E 28 -47.43 1.70 -36.26
C TYR E 28 -46.79 0.55 -35.51
N SER E 29 -45.48 0.69 -35.28
CA SER E 29 -44.75 -0.35 -34.56
C SER E 29 -45.23 -0.45 -33.11
N THR E 30 -45.51 0.69 -32.48
CA THR E 30 -45.90 0.71 -31.07
C THR E 30 -47.42 0.79 -30.95
N TYR E 31 -47.96 0.08 -29.97
CA TYR E 31 -49.40 -0.02 -29.75
C TYR E 31 -49.71 -0.04 -28.25
N SER E 32 -50.94 0.35 -27.90
CA SER E 32 -51.37 0.42 -26.50
C SER E 32 -52.78 -0.13 -26.31
N MET E 33 -53.02 -1.38 -26.72
CA MET E 33 -54.40 -1.89 -26.72
C MET E 33 -54.96 -2.01 -25.32
N ASN E 34 -56.18 -1.52 -25.12
CA ASN E 34 -56.88 -1.71 -23.86
C ASN E 34 -58.32 -2.12 -24.13
N TRP E 35 -59.04 -2.34 -23.05
CA TRP E 35 -60.48 -2.63 -23.08
C TRP E 35 -61.27 -1.51 -22.44
N PHE E 36 -62.49 -1.31 -22.92
CA PHE E 36 -63.49 -0.48 -22.27
C PHE E 36 -64.74 -1.31 -22.01
N ARG E 37 -65.40 -1.05 -20.89
CA ARG E 37 -66.57 -1.79 -20.46
C ARG E 37 -67.77 -0.84 -20.43
N GLN E 38 -68.58 -0.87 -21.48
CA GLN E 38 -69.78 -0.05 -21.56
C GLN E 38 -70.89 -0.80 -20.84
N ALA E 39 -71.28 -0.31 -19.67
CA ALA E 39 -72.44 -0.82 -18.96
C ALA E 39 -73.71 -0.22 -19.55
N PRO E 40 -74.85 -0.90 -19.39
CA PRO E 40 -76.11 -0.34 -19.90
C PRO E 40 -76.43 1.02 -19.28
N GLY E 41 -76.42 2.06 -20.11
CA GLY E 41 -76.67 3.40 -19.64
C GLY E 41 -75.52 4.09 -18.95
N LYS E 42 -74.31 3.54 -19.03
CA LYS E 42 -73.14 4.11 -18.38
C LYS E 42 -72.01 4.29 -19.39
N GLU E 43 -71.17 5.28 -19.12
CA GLU E 43 -70.03 5.56 -19.98
C GLU E 43 -69.02 4.41 -19.91
N ARG E 44 -68.38 4.14 -21.04
CA ARG E 44 -67.42 3.04 -21.12
C ARG E 44 -66.18 3.35 -20.29
N GLU E 45 -65.90 2.52 -19.29
CA GLU E 45 -64.72 2.68 -18.46
C GLU E 45 -63.64 1.71 -18.89
N ALA E 46 -62.40 2.18 -18.88
CA ALA E 46 -61.27 1.34 -19.25
C ALA E 46 -61.12 0.19 -18.27
N VAL E 47 -60.89 -1.02 -18.79
CA VAL E 47 -60.82 -2.22 -17.98
C VAL E 47 -59.37 -2.54 -17.68
N ALA E 48 -58.59 -2.82 -18.72
CA ALA E 48 -57.19 -3.16 -18.60
C ALA E 48 -56.48 -2.81 -19.89
N GLY E 49 -55.23 -2.37 -19.79
CA GLY E 49 -54.48 -1.97 -20.96
C GLY E 49 -53.05 -2.47 -20.99
N ILE E 50 -52.63 -2.98 -22.14
CA ILE E 50 -51.29 -3.49 -22.35
C ILE E 50 -50.70 -2.84 -23.59
N SER E 51 -49.44 -2.42 -23.47
CA SER E 51 -48.72 -1.71 -24.51
C SER E 51 -47.90 -2.67 -25.35
N SER E 52 -47.10 -2.10 -26.26
CA SER E 52 -46.28 -2.89 -27.17
C SER E 52 -45.07 -3.51 -26.50
N THR E 53 -44.75 -3.11 -25.27
CA THR E 53 -43.55 -3.56 -24.59
C THR E 53 -43.87 -4.33 -23.32
N MET E 54 -45.01 -5.04 -23.31
CA MET E 54 -45.43 -5.89 -22.21
C MET E 54 -45.76 -5.08 -20.97
N SER E 55 -45.66 -3.76 -21.04
CA SER E 55 -46.06 -2.90 -19.94
C SER E 55 -47.58 -2.84 -19.90
N GLY E 56 -48.17 -3.41 -18.87
CA GLY E 56 -49.62 -3.47 -18.76
C GLY E 56 -50.08 -3.12 -17.37
N ILE E 57 -51.35 -2.73 -17.28
CA ILE E 57 -51.98 -2.42 -16.00
C ILE E 57 -53.48 -2.57 -16.16
N ILE E 58 -54.11 -3.24 -15.21
CA ILE E 58 -55.57 -3.32 -15.17
C ILE E 58 -56.09 -2.10 -14.40
N PHE E 59 -57.11 -1.46 -14.94
CA PHE E 59 -57.66 -0.26 -14.32
C PHE E 59 -58.80 -0.56 -13.37
N ALA E 60 -59.49 -1.70 -13.54
CA ALA E 60 -60.46 -2.18 -12.56
C ALA E 60 -59.71 -2.97 -11.49
N GLU E 61 -58.97 -2.22 -10.66
CA GLU E 61 -58.13 -2.85 -9.64
C GLU E 61 -58.96 -3.61 -8.62
N SER E 62 -60.21 -3.17 -8.38
CA SER E 62 -61.11 -3.96 -7.56
C SER E 62 -61.37 -5.33 -8.18
N LYS E 63 -61.38 -5.40 -9.49
CA LYS E 63 -61.50 -6.67 -10.23
C LYS E 63 -60.10 -7.21 -10.56
N ALA E 64 -59.27 -7.33 -9.51
CA ALA E 64 -57.89 -7.72 -9.67
C ALA E 64 -57.74 -9.12 -10.24
N GLY E 65 -58.19 -10.14 -9.51
CA GLY E 65 -58.16 -11.50 -10.02
C GLY E 65 -59.30 -11.78 -10.98
N GLN E 66 -60.25 -10.84 -11.08
CA GLN E 66 -61.41 -11.03 -11.95
C GLN E 66 -60.99 -11.11 -13.41
N PHE E 67 -60.12 -10.19 -13.85
CA PHE E 67 -59.67 -10.10 -15.22
C PHE E 67 -58.15 -10.12 -15.26
N THR E 68 -57.59 -10.82 -16.25
CA THR E 68 -56.16 -10.82 -16.51
C THR E 68 -55.93 -10.42 -17.96
N ILE E 69 -54.83 -9.70 -18.20
CA ILE E 69 -54.53 -9.17 -19.52
C ILE E 69 -53.17 -9.69 -19.98
N SER E 70 -53.08 -9.98 -21.28
CA SER E 70 -51.85 -10.43 -21.90
C SER E 70 -51.97 -10.26 -23.40
N GLN E 71 -50.93 -10.66 -24.13
CA GLN E 71 -50.95 -10.61 -25.59
C GLN E 71 -49.79 -11.42 -26.15
N ASP E 72 -49.90 -11.78 -27.42
CA ASP E 72 -48.81 -12.39 -28.16
C ASP E 72 -48.74 -11.75 -29.54
N ASN E 73 -47.51 -11.45 -29.98
CA ASN E 73 -47.27 -10.84 -31.28
C ASN E 73 -47.04 -11.87 -32.38
N ALA E 74 -47.05 -13.16 -32.06
CA ALA E 74 -46.90 -14.18 -33.10
C ALA E 74 -48.05 -14.12 -34.09
N LYS E 75 -49.28 -14.12 -33.58
CA LYS E 75 -50.47 -13.91 -34.40
C LYS E 75 -51.06 -12.52 -34.18
N ASN E 76 -50.32 -11.61 -33.55
CA ASN E 76 -50.74 -10.22 -33.32
C ASN E 76 -52.12 -10.15 -32.69
N THR E 77 -52.24 -10.76 -31.51
CA THR E 77 -53.50 -10.83 -30.80
C THR E 77 -53.30 -10.44 -29.34
N VAL E 78 -54.35 -9.87 -28.75
CA VAL E 78 -54.38 -9.51 -27.34
C VAL E 78 -55.49 -10.30 -26.67
N TYR E 79 -55.30 -10.54 -25.37
CA TYR E 79 -55.89 -11.65 -24.64
C TYR E 79 -56.43 -11.13 -23.31
N LEU E 80 -57.72 -11.30 -23.06
CA LEU E 80 -58.31 -10.91 -21.79
C LEU E 80 -59.00 -12.13 -21.20
N GLN E 81 -58.39 -12.71 -20.18
CA GLN E 81 -58.99 -13.88 -19.53
C GLN E 81 -59.88 -13.39 -18.40
N MET E 82 -61.12 -13.88 -18.39
CA MET E 82 -62.09 -13.50 -17.37
C MET E 82 -62.54 -14.76 -16.63
N ASN E 83 -62.69 -14.62 -15.32
CA ASN E 83 -63.17 -15.70 -14.48
C ASN E 83 -64.19 -15.13 -13.50
N ASN E 84 -64.91 -16.02 -12.82
CA ASN E 84 -65.81 -15.65 -11.74
C ASN E 84 -66.82 -14.60 -12.19
N LEU E 85 -67.67 -14.99 -13.13
CA LEU E 85 -68.66 -14.08 -13.68
C LEU E 85 -69.66 -13.65 -12.61
N LYS E 86 -70.09 -12.39 -12.68
CA LYS E 86 -71.11 -11.85 -11.81
C LYS E 86 -72.21 -11.23 -12.66
N PRO E 87 -73.46 -11.22 -12.16
CA PRO E 87 -74.57 -10.69 -12.99
C PRO E 87 -74.36 -9.26 -13.44
N GLU E 88 -73.66 -8.43 -12.66
CA GLU E 88 -73.39 -7.07 -13.08
C GLU E 88 -72.34 -6.98 -14.19
N ASP E 89 -71.64 -8.07 -14.48
CA ASP E 89 -70.63 -8.06 -15.54
C ASP E 89 -71.23 -7.98 -16.93
N THR E 90 -72.55 -8.12 -17.06
CA THR E 90 -73.20 -7.97 -18.36
C THR E 90 -72.91 -6.59 -18.94
N ALA E 91 -72.12 -6.54 -20.00
CA ALA E 91 -71.70 -5.27 -20.56
C ALA E 91 -71.14 -5.49 -21.96
N ILE E 92 -71.01 -4.39 -22.69
CA ILE E 92 -70.45 -4.40 -24.04
C ILE E 92 -68.99 -4.03 -23.91
N TYR E 93 -68.09 -4.98 -24.12
CA TYR E 93 -66.66 -4.73 -24.01
C TYR E 93 -66.12 -4.35 -25.39
N TYR E 94 -65.63 -3.11 -25.50
CA TYR E 94 -64.95 -2.65 -26.69
C TYR E 94 -63.44 -2.74 -26.48
N CYS E 95 -62.71 -2.73 -27.61
CA CYS E 95 -61.26 -2.63 -27.60
C CYS E 95 -60.84 -1.25 -28.08
N ALA E 96 -59.61 -0.88 -27.75
CA ALA E 96 -59.07 0.41 -28.13
C ALA E 96 -57.60 0.29 -28.44
N ALA E 97 -57.14 1.00 -29.47
CA ALA E 97 -55.76 0.95 -29.94
C ALA E 97 -55.25 2.35 -30.20
N ARG E 98 -53.93 2.51 -30.08
CA ARG E 98 -53.29 3.79 -30.37
C ARG E 98 -51.77 3.57 -30.38
N ARG E 99 -51.09 4.41 -31.18
CA ARG E 99 -49.66 4.27 -31.40
C ARG E 99 -48.86 4.47 -30.13
N ASP E 100 -49.08 5.61 -29.45
CA ASP E 100 -48.31 5.92 -28.25
C ASP E 100 -48.54 4.86 -27.19
N TYR E 101 -47.45 4.36 -26.62
CA TYR E 101 -47.49 3.20 -25.74
C TYR E 101 -47.80 3.55 -24.29
N SER E 102 -48.02 4.82 -23.98
CA SER E 102 -48.45 5.18 -22.63
C SER E 102 -49.80 4.56 -22.32
N LEU E 103 -49.91 3.94 -21.16
CA LEU E 103 -51.13 3.25 -20.74
C LEU E 103 -52.08 4.29 -20.16
N SER E 104 -53.08 4.70 -20.95
CA SER E 104 -54.02 5.74 -20.55
C SER E 104 -55.42 5.14 -20.43
N SER E 105 -56.23 5.76 -19.57
CA SER E 105 -57.57 5.28 -19.25
C SER E 105 -58.66 6.26 -19.71
N SER E 106 -58.36 7.12 -20.67
CA SER E 106 -59.30 8.12 -21.15
C SER E 106 -59.88 7.69 -22.49
N SER E 107 -61.21 7.78 -22.62
CA SER E 107 -61.89 7.34 -23.84
C SER E 107 -61.50 8.18 -25.05
N ASP E 108 -61.42 9.51 -24.86
CA ASP E 108 -61.19 10.41 -25.99
C ASP E 108 -59.82 10.20 -26.62
N ASP E 109 -58.82 9.81 -25.82
CA ASP E 109 -57.50 9.55 -26.37
C ASP E 109 -57.53 8.40 -27.37
N PHE E 110 -58.29 7.35 -27.04
CA PHE E 110 -58.28 6.11 -27.82
C PHE E 110 -59.32 6.22 -28.92
N ASP E 111 -58.87 6.44 -30.16
CA ASP E 111 -59.79 6.69 -31.27
C ASP E 111 -59.92 5.52 -32.25
N TYR E 112 -59.07 4.49 -32.12
CA TYR E 112 -59.27 3.24 -32.84
C TYR E 112 -60.16 2.34 -31.98
N TRP E 113 -61.35 2.03 -32.47
CA TRP E 113 -62.33 1.26 -31.71
C TRP E 113 -62.78 0.06 -32.53
N GLY E 114 -62.91 -1.09 -31.85
CA GLY E 114 -63.34 -2.32 -32.49
C GLY E 114 -64.84 -2.47 -32.53
N GLN E 115 -65.27 -3.69 -32.82
CA GLN E 115 -66.71 -3.98 -32.89
C GLN E 115 -67.37 -3.81 -31.54
N GLY E 116 -66.71 -4.23 -30.46
CA GLY E 116 -67.33 -4.12 -29.15
C GLY E 116 -68.08 -5.35 -28.72
N THR E 117 -67.39 -6.49 -28.64
CA THR E 117 -68.04 -7.76 -28.31
C THR E 117 -68.79 -7.65 -27.00
N GLN E 118 -70.03 -8.13 -26.98
CA GLN E 118 -70.89 -8.05 -25.80
C GLN E 118 -70.83 -9.34 -25.01
N VAL E 119 -70.67 -9.22 -23.69
CA VAL E 119 -70.68 -10.37 -22.79
C VAL E 119 -71.90 -10.21 -21.88
N THR E 120 -72.83 -11.15 -21.97
CA THR E 120 -74.02 -11.15 -21.14
C THR E 120 -73.84 -12.11 -19.97
N VAL E 121 -74.39 -11.74 -18.83
CA VAL E 121 -74.31 -12.57 -17.63
C VAL E 121 -75.70 -12.68 -17.03
N SER E 122 -76.09 -13.90 -16.65
CA SER E 122 -77.38 -14.13 -16.02
C SER E 122 -77.22 -14.40 -14.53
N VAL F 1 48.89 -3.74 49.74
CA VAL F 1 47.46 -3.87 50.00
C VAL F 1 47.20 -4.13 51.47
N GLN F 2 46.36 -3.30 52.08
CA GLN F 2 46.03 -3.40 53.49
C GLN F 2 44.52 -3.25 53.66
N LEU F 3 43.92 -4.19 54.39
CA LEU F 3 42.48 -4.24 54.61
C LEU F 3 42.22 -4.19 56.12
N GLN F 4 41.92 -2.99 56.63
CA GLN F 4 41.68 -2.86 58.06
C GLN F 4 40.20 -3.07 58.38
N GLU F 5 39.94 -3.83 59.43
CA GLU F 5 38.59 -4.07 59.92
C GLU F 5 38.31 -3.18 61.12
N SER F 6 37.18 -2.49 61.08
CA SER F 6 36.78 -1.59 62.15
C SER F 6 35.32 -1.85 62.50
N GLY F 7 34.92 -1.40 63.68
CA GLY F 7 33.56 -1.62 64.14
C GLY F 7 33.44 -2.62 65.27
N GLY F 8 34.38 -2.57 66.21
CA GLY F 8 34.28 -3.41 67.38
C GLY F 8 33.15 -3.00 68.30
N GLY F 9 32.63 -3.98 69.03
CA GLY F 9 31.53 -3.72 69.94
C GLY F 9 31.24 -4.94 70.79
N SER F 10 30.46 -4.70 71.85
CA SER F 10 30.05 -5.72 72.80
C SER F 10 28.56 -5.62 73.11
N VAL F 11 27.75 -5.42 72.07
CA VAL F 11 26.31 -5.24 72.28
C VAL F 11 25.68 -6.58 72.65
N GLN F 12 24.87 -6.58 73.72
CA GLN F 12 24.22 -7.80 74.16
C GLN F 12 23.21 -8.31 73.15
N ALA F 13 22.40 -7.42 72.57
CA ALA F 13 21.40 -7.79 71.59
C ALA F 13 20.85 -6.51 70.96
N GLY F 14 20.24 -6.67 69.79
CA GLY F 14 19.64 -5.53 69.11
C GLY F 14 20.62 -4.44 68.75
N GLY F 15 21.80 -4.83 68.29
CA GLY F 15 22.82 -3.86 67.96
C GLY F 15 22.64 -3.24 66.59
N SER F 16 23.36 -2.15 66.37
CA SER F 16 23.40 -1.46 65.08
C SER F 16 24.84 -1.24 64.64
N LEU F 17 25.71 -2.21 64.92
CA LEU F 17 27.14 -2.03 64.65
C LEU F 17 27.40 -1.90 63.16
N ARG F 18 28.37 -1.06 62.82
CA ARG F 18 28.64 -0.61 61.45
C ARG F 18 30.06 -1.02 61.06
N LEU F 19 30.20 -2.22 60.52
CA LEU F 19 31.52 -2.71 60.14
C LEU F 19 31.96 -2.07 58.82
N SER F 20 33.25 -1.74 58.74
CA SER F 20 33.81 -1.11 57.56
C SER F 20 35.15 -1.75 57.22
N CYS F 21 35.44 -1.85 55.92
CA CYS F 21 36.75 -2.33 55.47
C CYS F 21 37.07 -1.64 54.16
N ALA F 22 38.28 -1.09 54.07
CA ALA F 22 38.68 -0.24 52.95
C ALA F 22 39.88 -0.85 52.23
N ARG F 23 39.96 -0.62 50.92
CA ARG F 23 41.16 -1.02 50.17
C ARG F 23 42.19 0.10 50.15
N SER F 24 43.09 0.04 51.13
CA SER F 24 44.28 0.88 51.09
C SER F 24 45.43 0.12 50.43
N GLY F 25 45.96 0.70 49.35
CA GLY F 25 47.02 0.05 48.60
C GLY F 25 46.58 -0.95 47.56
N TRP F 26 45.28 -1.00 47.27
CA TRP F 26 44.75 -1.95 46.28
C TRP F 26 45.04 -1.43 44.87
N PRO F 27 45.80 -2.17 44.06
CA PRO F 27 46.23 -1.65 42.75
C PRO F 27 45.38 -2.09 41.55
N TYR F 28 44.38 -2.95 41.73
CA TYR F 28 43.56 -3.42 40.63
C TYR F 28 42.24 -2.66 40.58
N SER F 29 41.79 -2.34 39.37
CA SER F 29 40.54 -1.61 39.21
C SER F 29 39.36 -2.42 39.70
N THR F 30 39.33 -3.71 39.40
CA THR F 30 38.22 -4.57 39.78
C THR F 30 38.48 -5.23 41.13
N TYR F 31 37.49 -5.16 42.01
CA TYR F 31 37.57 -5.74 43.34
C TYR F 31 36.26 -6.46 43.65
N SER F 32 36.35 -7.53 44.44
CA SER F 32 35.18 -8.37 44.73
C SER F 32 35.05 -8.72 46.20
N MET F 33 35.11 -7.74 47.10
CA MET F 33 35.33 -8.08 48.50
C MET F 33 34.09 -8.65 49.15
N ASN F 34 34.29 -9.57 50.08
CA ASN F 34 33.21 -10.09 50.91
C ASN F 34 33.64 -10.09 52.37
N TRP F 35 32.77 -10.65 53.21
CA TRP F 35 33.04 -10.80 54.64
C TRP F 35 32.97 -12.27 55.03
N PHE F 36 33.91 -12.68 55.88
CA PHE F 36 33.90 -14.01 56.49
C PHE F 36 33.68 -13.88 57.98
N ARG F 37 32.84 -14.75 58.52
CA ARG F 37 32.46 -14.79 59.93
C ARG F 37 33.03 -16.07 60.53
N GLN F 38 34.25 -15.99 61.07
CA GLN F 38 34.85 -17.12 61.76
C GLN F 38 34.23 -17.25 63.14
N ALA F 39 33.48 -18.33 63.35
CA ALA F 39 32.90 -18.63 64.63
C ALA F 39 33.91 -19.35 65.52
N PRO F 40 33.75 -19.29 66.85
CA PRO F 40 34.66 -20.02 67.73
C PRO F 40 34.66 -21.51 67.45
N GLY F 41 35.81 -22.02 66.99
CA GLY F 41 35.93 -23.43 66.68
C GLY F 41 35.28 -23.88 65.38
N LYS F 42 34.90 -22.94 64.51
CA LYS F 42 34.26 -23.26 63.25
C LYS F 42 34.94 -22.53 62.11
N GLU F 43 34.89 -23.13 60.92
CA GLU F 43 35.50 -22.54 59.75
C GLU F 43 34.80 -21.23 59.37
N ARG F 44 35.57 -20.28 58.88
CA ARG F 44 35.03 -18.97 58.51
C ARG F 44 34.14 -19.11 57.27
N GLU F 45 32.85 -18.85 57.44
CA GLU F 45 31.91 -18.88 56.33
C GLU F 45 31.73 -17.47 55.77
N ALA F 46 31.60 -17.39 54.44
CA ALA F 46 31.37 -16.11 53.80
C ALA F 46 30.00 -15.58 54.17
N VAL F 47 29.91 -14.27 54.42
CA VAL F 47 28.67 -13.66 54.89
C VAL F 47 27.96 -12.97 53.73
N ALA F 48 28.61 -11.97 53.15
CA ALA F 48 28.05 -11.20 52.05
C ALA F 48 29.19 -10.57 51.27
N GLY F 49 28.98 -10.42 49.96
CA GLY F 49 30.01 -9.89 49.10
C GLY F 49 29.51 -8.89 48.07
N ILE F 50 30.38 -7.94 47.70
CA ILE F 50 30.07 -6.94 46.70
C ILE F 50 31.29 -6.75 45.81
N SER F 51 31.03 -6.65 44.52
CA SER F 51 32.04 -6.45 43.49
C SER F 51 32.25 -4.97 43.22
N SER F 52 33.19 -4.68 42.33
CA SER F 52 33.43 -3.31 41.88
C SER F 52 32.30 -2.78 41.02
N THR F 53 31.38 -3.64 40.60
CA THR F 53 30.28 -3.25 39.71
C THR F 53 28.97 -3.08 40.44
N MET F 54 29.02 -2.94 41.77
CA MET F 54 27.84 -2.77 42.63
C MET F 54 27.02 -4.05 42.67
N SER F 55 27.44 -5.08 41.94
CA SER F 55 26.79 -6.37 42.02
C SER F 55 27.17 -7.06 43.32
N GLY F 56 26.19 -7.26 44.19
CA GLY F 56 26.44 -7.86 45.50
C GLY F 56 25.41 -8.91 45.82
N ILE F 57 25.87 -9.93 46.54
CA ILE F 57 24.98 -11.01 47.00
C ILE F 57 25.36 -11.34 48.43
N ILE F 58 24.36 -11.48 49.29
CA ILE F 58 24.58 -12.00 50.62
C ILE F 58 24.47 -13.51 50.60
N PHE F 59 25.37 -14.18 51.32
CA PHE F 59 25.43 -15.63 51.36
C PHE F 59 24.68 -16.23 52.54
N ALA F 60 24.60 -15.49 53.65
CA ALA F 60 23.77 -15.90 54.77
C ALA F 60 22.33 -15.49 54.53
N GLU F 61 21.67 -16.16 53.56
CA GLU F 61 20.30 -15.82 53.23
C GLU F 61 19.33 -16.06 54.38
N SER F 62 19.67 -16.97 55.30
CA SER F 62 18.88 -17.11 56.53
C SER F 62 18.98 -15.87 57.40
N LYS F 63 19.95 -15.00 57.12
CA LYS F 63 20.14 -13.74 57.83
C LYS F 63 19.91 -12.57 56.88
N ALA F 64 18.84 -12.66 56.07
CA ALA F 64 18.59 -11.65 55.04
C ALA F 64 18.34 -10.28 55.66
N GLY F 65 17.40 -10.20 56.61
CA GLY F 65 17.20 -8.95 57.33
C GLY F 65 18.26 -8.69 58.38
N GLN F 66 18.99 -9.71 58.78
CA GLN F 66 20.03 -9.55 59.80
C GLN F 66 21.16 -8.66 59.29
N PHE F 67 21.58 -8.86 58.04
CA PHE F 67 22.75 -8.20 57.48
C PHE F 67 22.38 -7.47 56.19
N THR F 68 22.95 -6.27 56.01
CA THR F 68 22.86 -5.54 54.75
C THR F 68 24.28 -5.13 54.37
N ILE F 69 24.56 -5.05 53.07
CA ILE F 69 25.90 -4.77 52.61
C ILE F 69 25.87 -3.61 51.61
N SER F 70 26.84 -2.71 51.74
CA SER F 70 26.92 -1.53 50.89
C SER F 70 28.38 -1.19 50.65
N GLN F 71 28.61 -0.14 49.86
CA GLN F 71 29.96 0.31 49.57
C GLN F 71 29.92 1.75 49.08
N ASP F 72 31.06 2.41 49.14
CA ASP F 72 31.24 3.73 48.54
C ASP F 72 32.69 3.89 48.14
N ASN F 73 32.92 4.33 46.90
CA ASN F 73 34.26 4.56 46.38
C ASN F 73 34.72 6.01 46.55
N ALA F 74 33.93 6.85 47.21
CA ALA F 74 34.39 8.20 47.54
C ALA F 74 35.52 8.15 48.54
N LYS F 75 35.34 7.40 49.64
CA LYS F 75 36.39 7.15 50.60
C LYS F 75 36.98 5.76 50.47
N ASN F 76 36.54 5.00 49.45
CA ASN F 76 37.08 3.68 49.14
C ASN F 76 36.91 2.71 50.31
N THR F 77 35.65 2.41 50.62
CA THR F 77 35.36 1.48 51.71
C THR F 77 34.08 0.70 51.37
N VAL F 78 33.94 -0.47 51.98
CA VAL F 78 32.71 -1.24 51.95
C VAL F 78 32.20 -1.43 53.38
N TYR F 79 30.88 -1.52 53.50
CA TYR F 79 30.16 -1.40 54.77
C TYR F 79 29.28 -2.62 54.96
N LEU F 80 29.22 -3.10 56.20
CA LEU F 80 28.23 -4.10 56.61
C LEU F 80 27.42 -3.50 57.75
N GLN F 81 26.10 -3.49 57.59
CA GLN F 81 25.17 -2.92 58.55
C GLN F 81 24.32 -4.04 59.13
N MET F 82 24.31 -4.15 60.45
CA MET F 82 23.59 -5.21 61.14
C MET F 82 22.61 -4.59 62.13
N ASN F 83 21.40 -5.14 62.16
CA ASN F 83 20.39 -4.76 63.13
C ASN F 83 19.87 -6.01 63.82
N ASN F 84 19.40 -5.85 65.06
CA ASN F 84 18.88 -6.95 65.87
C ASN F 84 19.96 -8.03 66.06
N LEU F 85 21.02 -7.65 66.77
CA LEU F 85 22.12 -8.56 67.03
C LEU F 85 21.67 -9.75 67.87
N LYS F 86 22.19 -10.93 67.54
CA LYS F 86 21.84 -12.17 68.19
C LYS F 86 23.04 -12.71 68.98
N PRO F 87 22.80 -13.38 70.12
CA PRO F 87 23.93 -13.87 70.93
C PRO F 87 24.85 -14.82 70.18
N GLU F 88 24.33 -15.63 69.26
CA GLU F 88 25.17 -16.55 68.51
C GLU F 88 26.02 -15.84 67.46
N ASP F 89 25.80 -14.55 67.23
CA ASP F 89 26.59 -13.81 66.24
C ASP F 89 28.01 -13.50 66.73
N THR F 90 28.32 -13.79 67.99
CA THR F 90 29.68 -13.60 68.50
C THR F 90 30.70 -14.34 67.65
N ALA F 91 31.54 -13.59 66.94
CA ALA F 91 32.49 -14.19 66.01
C ALA F 91 33.48 -13.13 65.57
N ILE F 92 34.53 -13.57 64.90
CA ILE F 92 35.58 -12.69 64.40
C ILE F 92 35.41 -12.57 62.89
N TYR F 93 35.30 -11.34 62.39
CA TYR F 93 34.98 -11.10 60.99
C TYR F 93 36.20 -10.53 60.26
N TYR F 94 36.46 -11.08 59.08
CA TYR F 94 37.51 -10.57 58.19
C TYR F 94 36.88 -10.11 56.88
N CYS F 95 37.42 -9.04 56.32
CA CYS F 95 37.05 -8.65 54.97
C CYS F 95 38.08 -9.21 54.00
N ALA F 96 37.60 -9.88 52.95
CA ALA F 96 38.47 -10.56 52.00
C ALA F 96 38.31 -9.93 50.62
N ALA F 97 39.44 -9.79 49.93
CA ALA F 97 39.51 -9.06 48.67
C ALA F 97 40.10 -9.95 47.59
N ARG F 98 39.74 -9.64 46.34
CA ARG F 98 40.22 -10.38 45.18
C ARG F 98 39.93 -9.56 43.93
N ARG F 99 40.85 -9.65 42.96
CA ARG F 99 40.77 -8.83 41.75
C ARG F 99 39.57 -9.23 40.89
N ASP F 100 39.44 -10.51 40.58
CA ASP F 100 38.34 -10.95 39.73
C ASP F 100 37.02 -10.69 40.42
N TYR F 101 36.08 -10.08 39.69
CA TYR F 101 34.87 -9.53 40.28
C TYR F 101 33.73 -10.55 40.39
N SER F 102 33.98 -11.81 40.04
CA SER F 102 32.96 -12.84 40.23
C SER F 102 32.76 -13.08 41.72
N LEU F 103 31.56 -12.80 42.21
CA LEU F 103 31.26 -13.00 43.63
C LEU F 103 31.31 -14.49 43.96
N SER F 104 32.05 -14.82 45.01
CA SER F 104 32.26 -16.22 45.39
C SER F 104 32.38 -16.33 46.89
N SER F 105 32.12 -17.54 47.39
CA SER F 105 32.18 -17.83 48.82
C SER F 105 33.30 -18.78 49.19
N SER F 106 34.35 -18.88 48.36
CA SER F 106 35.45 -19.79 48.61
CA SER F 106 35.46 -19.79 48.61
C SER F 106 36.52 -19.11 49.45
N SER F 107 36.92 -19.76 50.55
CA SER F 107 37.95 -19.21 51.42
C SER F 107 39.31 -19.18 50.74
N ASP F 108 39.69 -20.28 50.08
CA ASP F 108 41.00 -20.37 49.46
C ASP F 108 41.15 -19.43 48.28
N ASP F 109 40.04 -19.13 47.60
CA ASP F 109 40.09 -18.18 46.49
C ASP F 109 40.50 -16.80 46.98
N PHE F 110 39.99 -16.40 48.14
CA PHE F 110 40.15 -15.03 48.65
C PHE F 110 41.51 -14.94 49.33
N ASP F 111 42.53 -14.63 48.52
CA ASP F 111 43.90 -14.63 49.02
C ASP F 111 44.14 -13.53 50.06
N TYR F 112 43.66 -12.32 49.80
CA TYR F 112 43.86 -11.22 50.74
C TYR F 112 42.93 -11.37 51.95
N TRP F 113 43.50 -11.18 53.14
CA TRP F 113 42.74 -11.30 54.37
C TRP F 113 43.12 -10.17 55.32
N GLY F 114 42.12 -9.52 55.91
CA GLY F 114 42.37 -8.49 56.88
C GLY F 114 42.63 -9.04 58.28
N GLN F 115 42.99 -8.12 59.19
CA GLN F 115 43.23 -8.52 60.57
C GLN F 115 41.95 -9.06 61.21
N GLY F 116 40.83 -8.39 60.98
CA GLY F 116 39.55 -8.85 61.50
C GLY F 116 39.11 -8.16 62.76
N THR F 117 37.82 -7.85 62.84
CA THR F 117 37.20 -7.26 64.02
C THR F 117 36.32 -8.30 64.69
N GLN F 118 36.47 -8.45 66.00
CA GLN F 118 35.72 -9.44 66.76
C GLN F 118 34.48 -8.78 67.37
N VAL F 119 33.31 -9.31 67.04
CA VAL F 119 32.05 -8.83 67.58
C VAL F 119 31.62 -9.85 68.64
N THR F 120 31.57 -9.41 69.88
CA THR F 120 31.15 -10.23 71.00
C THR F 120 29.73 -9.84 71.40
N VAL F 121 28.84 -10.84 71.45
CA VAL F 121 27.42 -10.61 71.71
C VAL F 121 27.04 -11.38 72.97
N SER F 122 26.36 -10.69 73.89
CA SER F 122 25.90 -11.32 75.12
C SER F 122 24.42 -11.67 75.04
#